data_2F05
#
_entry.id   2F05
#
_cell.length_a   1.000
_cell.length_b   1.000
_cell.length_c   1.000
_cell.angle_alpha   90.00
_cell.angle_beta   90.00
_cell.angle_gamma   90.00
#
_symmetry.space_group_name_H-M   'P 1'
#
_entity_poly.entity_id   1
_entity_poly.type   'polypeptide(L)'
_entity_poly.pdbx_seq_one_letter_code
;ESDSVEFNNAISYVNKIKTRFLDHPEIYRSFLEILHTYQKEQLHTKGRPFRGMSEEEVFTEVANLFRGQEDLLSEFGQFL
PEAKRSLFTGNGSCEMNSGQKNEEK
;
_entity_poly.pdbx_strand_id   A
#
# COMPACT_ATOMS: atom_id res chain seq x y z
N GLU A 1 -20.11 -0.79 -9.83
CA GLU A 1 -19.41 -1.17 -8.62
C GLU A 1 -20.27 -1.02 -7.38
N SER A 2 -21.23 -1.91 -7.24
CA SER A 2 -21.99 -2.00 -6.02
C SER A 2 -21.25 -3.02 -5.17
N ASP A 3 -20.98 -4.15 -5.79
CA ASP A 3 -20.16 -5.18 -5.21
C ASP A 3 -18.79 -5.08 -5.79
N SER A 4 -17.93 -4.53 -5.03
CA SER A 4 -16.60 -4.34 -5.45
C SER A 4 -15.74 -5.50 -5.01
N VAL A 5 -15.61 -6.46 -5.89
CA VAL A 5 -14.91 -7.70 -5.62
C VAL A 5 -13.41 -7.46 -5.52
N GLU A 6 -12.91 -6.65 -6.44
CA GLU A 6 -11.49 -6.30 -6.46
C GLU A 6 -11.16 -5.50 -5.22
N PHE A 7 -12.09 -4.67 -4.84
CA PHE A 7 -12.01 -3.84 -3.66
C PHE A 7 -12.04 -4.72 -2.44
N ASN A 8 -12.82 -5.78 -2.47
CA ASN A 8 -12.86 -6.73 -1.35
C ASN A 8 -11.52 -7.40 -1.13
N ASN A 9 -10.78 -7.63 -2.21
CA ASN A 9 -9.42 -8.18 -2.09
C ASN A 9 -8.54 -7.17 -1.37
N ALA A 10 -8.75 -5.91 -1.70
CA ALA A 10 -8.08 -4.80 -1.07
C ALA A 10 -8.52 -4.68 0.39
N ILE A 11 -9.80 -4.86 0.64
CA ILE A 11 -10.36 -4.75 1.99
C ILE A 11 -9.86 -5.86 2.87
N SER A 12 -9.81 -7.06 2.33
CA SER A 12 -9.31 -8.20 3.09
C SER A 12 -7.88 -7.96 3.50
N TYR A 13 -7.12 -7.40 2.57
CA TYR A 13 -5.75 -7.00 2.80
C TYR A 13 -5.69 -5.99 3.95
N VAL A 14 -6.47 -4.93 3.83
CA VAL A 14 -6.51 -3.87 4.82
C VAL A 14 -7.05 -4.34 6.19
N ASN A 15 -8.17 -5.06 6.20
CA ASN A 15 -8.80 -5.56 7.41
C ASN A 15 -7.84 -6.47 8.16
N LYS A 16 -7.05 -7.21 7.41
CA LYS A 16 -6.09 -8.10 7.95
C LYS A 16 -5.00 -7.28 8.62
N ILE A 17 -4.53 -6.23 7.93
CA ILE A 17 -3.55 -5.29 8.49
C ILE A 17 -4.06 -4.73 9.81
N LYS A 18 -5.33 -4.28 9.79
CA LYS A 18 -6.00 -3.70 10.96
C LYS A 18 -5.84 -4.57 12.18
N THR A 19 -6.11 -5.83 11.98
CA THR A 19 -6.07 -6.88 12.96
C THR A 19 -4.61 -7.28 13.34
N ARG A 20 -3.79 -7.47 12.35
CA ARG A 20 -2.43 -7.94 12.54
C ARG A 20 -1.57 -6.93 13.24
N PHE A 21 -1.95 -5.70 13.14
CA PHE A 21 -1.26 -4.63 13.76
C PHE A 21 -2.26 -3.87 14.59
N LEU A 22 -3.19 -4.63 15.17
CA LEU A 22 -4.29 -4.09 15.96
C LEU A 22 -3.75 -3.44 17.22
N ASP A 23 -2.69 -4.00 17.74
CA ASP A 23 -2.04 -3.52 18.93
C ASP A 23 -1.05 -2.43 18.62
N HIS A 24 -0.80 -2.23 17.35
CA HIS A 24 0.21 -1.28 16.93
C HIS A 24 -0.38 -0.32 15.89
N PRO A 25 -1.15 0.68 16.35
CA PRO A 25 -1.84 1.63 15.46
C PRO A 25 -0.90 2.42 14.55
N GLU A 26 0.33 2.66 15.00
CA GLU A 26 1.27 3.45 14.24
C GLU A 26 1.62 2.78 12.91
N ILE A 27 1.73 1.46 12.91
CA ILE A 27 2.18 0.71 11.73
C ILE A 27 1.16 0.83 10.62
N TYR A 28 -0.09 0.80 11.02
CA TYR A 28 -1.23 0.96 10.11
C TYR A 28 -1.11 2.33 9.44
N ARG A 29 -0.86 3.31 10.26
CA ARG A 29 -0.78 4.69 9.83
C ARG A 29 0.49 4.96 9.02
N SER A 30 1.59 4.28 9.38
CA SER A 30 2.84 4.38 8.66
C SER A 30 2.68 3.89 7.25
N PHE A 31 1.83 2.91 7.08
CA PHE A 31 1.56 2.41 5.79
C PHE A 31 0.69 3.37 4.99
N LEU A 32 -0.34 3.87 5.64
CA LEU A 32 -1.26 4.81 5.04
C LEU A 32 -0.54 6.02 4.48
N GLU A 33 0.53 6.43 5.16
CA GLU A 33 1.27 7.60 4.76
C GLU A 33 2.06 7.32 3.47
N ILE A 34 2.45 6.06 3.30
CA ILE A 34 3.16 5.62 2.14
C ILE A 34 2.23 5.64 0.97
N LEU A 35 1.05 5.08 1.14
CA LEU A 35 0.09 5.01 0.08
C LEU A 35 -0.46 6.40 -0.25
N HIS A 36 -0.55 7.26 0.74
CA HIS A 36 -0.99 8.63 0.54
C HIS A 36 0.10 9.38 -0.27
N THR A 37 1.35 9.17 0.13
CA THR A 37 2.50 9.74 -0.54
C THR A 37 2.63 9.19 -1.97
N TYR A 38 2.31 7.94 -2.10
CA TYR A 38 2.35 7.24 -3.35
C TYR A 38 1.38 7.89 -4.35
N GLN A 39 0.24 8.33 -3.86
CA GLN A 39 -0.77 8.98 -4.69
C GLN A 39 -0.30 10.33 -5.17
N LYS A 40 0.43 11.04 -4.32
CA LYS A 40 1.01 12.33 -4.71
C LYS A 40 2.09 12.18 -5.76
N GLU A 41 2.56 10.97 -5.92
CA GLU A 41 3.56 10.67 -6.91
C GLU A 41 2.84 10.40 -8.24
N GLN A 42 1.75 9.64 -8.16
CA GLN A 42 0.98 9.21 -9.32
C GLN A 42 0.28 10.36 -10.02
N LEU A 43 -0.15 11.33 -9.26
CA LEU A 43 -0.76 12.52 -9.83
C LEU A 43 0.30 13.46 -10.35
N HIS A 44 -0.06 14.27 -11.30
CA HIS A 44 0.90 15.22 -11.86
C HIS A 44 0.92 16.48 -11.03
N THR A 45 -0.14 16.68 -10.29
CA THR A 45 -0.24 17.77 -9.37
C THR A 45 0.38 17.34 -8.07
N LYS A 46 1.54 17.86 -7.79
CA LYS A 46 2.34 17.40 -6.70
C LYS A 46 3.24 18.52 -6.22
N GLY A 47 4.17 18.22 -5.34
CA GLY A 47 5.05 19.22 -4.79
C GLY A 47 5.98 19.80 -5.82
N ARG A 48 6.65 18.95 -6.56
CA ARG A 48 7.59 19.39 -7.55
C ARG A 48 7.52 18.41 -8.70
N PRO A 49 7.52 18.89 -9.96
CA PRO A 49 7.51 18.02 -11.14
C PRO A 49 8.78 17.20 -11.19
N PHE A 50 8.68 15.99 -10.75
CA PHE A 50 9.79 15.10 -10.57
C PHE A 50 9.20 13.72 -10.37
N ARG A 51 9.95 12.69 -10.65
CA ARG A 51 9.47 11.36 -10.38
C ARG A 51 10.07 10.96 -9.04
N GLY A 52 9.27 11.07 -8.01
CA GLY A 52 9.73 10.93 -6.66
C GLY A 52 9.94 9.54 -6.20
N MET A 53 8.88 8.89 -5.98
CA MET A 53 8.84 7.65 -5.34
C MET A 53 8.58 6.55 -6.36
N SER A 54 9.58 5.76 -6.64
CA SER A 54 9.41 4.66 -7.57
C SER A 54 8.82 3.46 -6.83
N GLU A 55 8.08 2.62 -7.54
CA GLU A 55 7.35 1.48 -7.00
C GLU A 55 8.23 0.58 -6.11
N GLU A 56 9.46 0.34 -6.53
CA GLU A 56 10.36 -0.52 -5.80
C GLU A 56 10.76 0.09 -4.43
N GLU A 57 10.85 1.40 -4.38
CA GLU A 57 11.22 2.05 -3.14
C GLU A 57 9.96 2.24 -2.31
N VAL A 58 8.83 2.26 -3.00
CA VAL A 58 7.55 2.27 -2.38
C VAL A 58 7.39 0.96 -1.63
N PHE A 59 7.62 -0.12 -2.37
CA PHE A 59 7.54 -1.45 -1.85
C PHE A 59 8.54 -1.67 -0.72
N THR A 60 9.65 -0.96 -0.74
CA THR A 60 10.62 -1.05 0.28
C THR A 60 10.02 -0.73 1.66
N GLU A 61 9.28 0.37 1.76
CA GLU A 61 8.73 0.77 3.02
C GLU A 61 7.55 -0.12 3.37
N VAL A 62 6.82 -0.55 2.35
CA VAL A 62 5.66 -1.41 2.55
C VAL A 62 6.10 -2.81 3.03
N ALA A 63 7.14 -3.33 2.44
CA ALA A 63 7.69 -4.62 2.85
C ALA A 63 8.25 -4.54 4.26
N ASN A 64 8.83 -3.40 4.54
CA ASN A 64 9.39 -3.05 5.84
C ASN A 64 8.29 -2.82 6.90
N LEU A 65 7.16 -2.38 6.44
CA LEU A 65 6.00 -2.09 7.24
C LEU A 65 5.48 -3.43 7.77
N PHE A 66 5.31 -4.38 6.87
CA PHE A 66 4.73 -5.67 7.20
C PHE A 66 5.82 -6.76 7.22
N ARG A 67 7.01 -6.44 7.73
CA ARG A 67 8.10 -7.45 7.78
C ARG A 67 7.71 -8.63 8.67
N GLY A 68 7.36 -9.73 8.04
CA GLY A 68 6.93 -10.91 8.75
C GLY A 68 5.62 -11.40 8.18
N GLN A 69 4.88 -10.50 7.56
CA GLN A 69 3.62 -10.82 6.95
C GLN A 69 3.82 -10.94 5.46
N GLU A 70 4.29 -12.08 5.02
CA GLU A 70 4.58 -12.32 3.66
C GLU A 70 3.31 -12.28 2.82
N ASP A 71 2.20 -12.74 3.42
CA ASP A 71 0.89 -12.75 2.75
C ASP A 71 0.56 -11.36 2.26
N LEU A 72 0.60 -10.40 3.15
CA LEU A 72 0.29 -9.01 2.84
C LEU A 72 1.24 -8.47 1.77
N LEU A 73 2.50 -8.89 1.84
CA LEU A 73 3.52 -8.41 0.92
C LEU A 73 3.35 -9.04 -0.45
N SER A 74 2.57 -10.08 -0.51
CA SER A 74 2.33 -10.78 -1.74
C SER A 74 0.99 -10.33 -2.35
N GLU A 75 0.02 -10.01 -1.50
CA GLU A 75 -1.27 -9.54 -1.97
C GLU A 75 -1.17 -8.11 -2.46
N PHE A 76 -0.13 -7.43 -1.97
CA PHE A 76 0.19 -6.06 -2.38
C PHE A 76 0.47 -6.01 -3.89
N GLY A 77 0.98 -7.11 -4.43
CA GLY A 77 1.25 -7.19 -5.86
C GLY A 77 -0.03 -7.20 -6.70
N GLN A 78 -1.14 -7.52 -6.05
CA GLN A 78 -2.44 -7.51 -6.72
C GLN A 78 -3.10 -6.16 -6.54
N PHE A 79 -2.78 -5.51 -5.43
CA PHE A 79 -3.32 -4.19 -5.13
C PHE A 79 -2.65 -3.15 -6.03
N LEU A 80 -1.40 -3.42 -6.33
CA LEU A 80 -0.59 -2.65 -7.25
C LEU A 80 -1.00 -2.93 -8.68
N PRO A 81 -0.53 -2.11 -9.66
CA PRO A 81 -0.79 -2.32 -11.08
C PRO A 81 -0.39 -3.73 -11.56
N GLU A 82 -1.37 -4.61 -11.56
CA GLU A 82 -1.22 -6.01 -11.91
C GLU A 82 -0.76 -6.13 -13.39
N ALA A 83 -1.12 -5.14 -14.21
CA ALA A 83 -0.76 -5.11 -15.63
C ALA A 83 0.77 -5.23 -15.83
N LYS A 84 1.54 -4.78 -14.86
CA LYS A 84 2.99 -4.86 -14.89
C LYS A 84 3.48 -6.29 -14.67
N ARG A 85 2.65 -7.08 -14.05
CA ARG A 85 2.99 -8.44 -13.69
C ARG A 85 2.28 -9.45 -14.59
N GLU A 1 -23.99 -0.35 -8.50
CA GLU A 1 -22.99 -0.09 -9.51
C GLU A 1 -21.84 -1.07 -9.39
N SER A 2 -21.91 -2.15 -10.20
CA SER A 2 -20.87 -3.18 -10.26
C SER A 2 -20.60 -3.78 -8.86
N ASP A 3 -19.43 -4.33 -8.68
CA ASP A 3 -19.01 -4.79 -7.38
C ASP A 3 -17.58 -4.44 -7.26
N SER A 4 -17.19 -4.01 -6.12
CA SER A 4 -15.84 -3.62 -5.92
C SER A 4 -14.99 -4.80 -5.41
N VAL A 5 -14.70 -5.71 -6.32
CA VAL A 5 -13.98 -6.93 -6.07
C VAL A 5 -12.56 -6.66 -5.61
N GLU A 6 -11.90 -5.74 -6.30
CA GLU A 6 -10.52 -5.40 -5.98
C GLU A 6 -10.48 -4.71 -4.64
N PHE A 7 -11.54 -3.99 -4.34
CA PHE A 7 -11.71 -3.33 -3.09
C PHE A 7 -11.87 -4.37 -2.03
N ASN A 8 -12.73 -5.36 -2.27
CA ASN A 8 -12.95 -6.47 -1.32
C ASN A 8 -11.62 -7.18 -1.02
N ASN A 9 -10.82 -7.39 -2.06
CA ASN A 9 -9.48 -7.98 -1.91
C ASN A 9 -8.60 -7.08 -1.09
N ALA A 10 -8.70 -5.80 -1.36
CA ALA A 10 -7.98 -4.78 -0.62
C ALA A 10 -8.46 -4.76 0.83
N ILE A 11 -9.75 -4.98 1.04
CA ILE A 11 -10.32 -5.00 2.37
C ILE A 11 -9.74 -6.14 3.16
N SER A 12 -9.69 -7.32 2.56
CA SER A 12 -9.15 -8.48 3.22
C SER A 12 -7.67 -8.26 3.59
N TYR A 13 -6.98 -7.51 2.76
CA TYR A 13 -5.62 -7.08 3.00
C TYR A 13 -5.59 -6.14 4.21
N VAL A 14 -6.34 -5.06 4.11
CA VAL A 14 -6.41 -4.04 5.13
C VAL A 14 -6.91 -4.58 6.47
N ASN A 15 -8.02 -5.31 6.45
CA ASN A 15 -8.65 -5.88 7.61
C ASN A 15 -7.69 -6.76 8.38
N LYS A 16 -6.86 -7.48 7.65
CA LYS A 16 -5.90 -8.34 8.25
C LYS A 16 -4.88 -7.50 8.99
N ILE A 17 -4.43 -6.42 8.34
CA ILE A 17 -3.50 -5.46 8.91
C ILE A 17 -4.08 -4.89 10.21
N LYS A 18 -5.32 -4.38 10.10
CA LYS A 18 -6.04 -3.74 11.19
C LYS A 18 -6.00 -4.59 12.46
N THR A 19 -6.35 -5.85 12.30
CA THR A 19 -6.39 -6.83 13.34
C THR A 19 -4.97 -7.33 13.77
N ARG A 20 -4.11 -7.56 12.83
CA ARG A 20 -2.79 -8.10 13.11
C ARG A 20 -1.92 -7.15 13.84
N PHE A 21 -2.15 -5.92 13.64
CA PHE A 21 -1.42 -4.88 14.28
C PHE A 21 -2.40 -4.04 15.05
N LEU A 22 -3.41 -4.71 15.58
CA LEU A 22 -4.52 -4.11 16.31
C LEU A 22 -4.02 -3.39 17.56
N ASP A 23 -2.98 -3.93 18.14
CA ASP A 23 -2.37 -3.36 19.35
C ASP A 23 -1.36 -2.26 18.98
N HIS A 24 -1.08 -2.14 17.70
CA HIS A 24 -0.12 -1.17 17.19
C HIS A 24 -0.74 -0.31 16.09
N PRO A 25 -1.46 0.76 16.48
CA PRO A 25 -2.18 1.61 15.52
C PRO A 25 -1.24 2.40 14.60
N GLU A 26 0.02 2.51 15.01
CA GLU A 26 1.02 3.23 14.27
C GLU A 26 1.29 2.56 12.91
N ILE A 27 1.34 1.23 12.92
CA ILE A 27 1.71 0.41 11.76
C ILE A 27 0.74 0.62 10.62
N TYR A 28 -0.50 0.80 10.99
CA TYR A 28 -1.56 1.05 10.06
C TYR A 28 -1.30 2.38 9.35
N ARG A 29 -0.99 3.37 10.15
CA ARG A 29 -0.82 4.73 9.68
C ARG A 29 0.50 4.94 8.97
N SER A 30 1.55 4.31 9.48
CA SER A 30 2.86 4.38 8.89
C SER A 30 2.81 3.82 7.46
N PHE A 31 1.95 2.85 7.28
CA PHE A 31 1.72 2.32 5.98
C PHE A 31 0.86 3.24 5.09
N LEU A 32 -0.23 3.76 5.65
CA LEU A 32 -1.16 4.64 4.92
C LEU A 32 -0.46 5.80 4.26
N GLU A 33 0.52 6.33 4.94
CA GLU A 33 1.26 7.47 4.49
C GLU A 33 2.05 7.15 3.20
N ILE A 34 2.42 5.89 3.05
CA ILE A 34 3.15 5.40 1.90
C ILE A 34 2.23 5.40 0.69
N LEU A 35 1.00 4.98 0.90
CA LEU A 35 0.04 4.93 -0.17
C LEU A 35 -0.34 6.37 -0.55
N HIS A 36 -0.44 7.22 0.44
CA HIS A 36 -0.75 8.62 0.20
C HIS A 36 0.36 9.31 -0.58
N THR A 37 1.61 9.00 -0.28
CA THR A 37 2.71 9.65 -0.96
C THR A 37 2.88 9.07 -2.35
N TYR A 38 2.41 7.83 -2.50
CA TYR A 38 2.44 7.11 -3.76
C TYR A 38 1.60 7.87 -4.78
N GLN A 39 0.47 8.36 -4.31
CA GLN A 39 -0.47 9.09 -5.12
C GLN A 39 0.10 10.41 -5.62
N LYS A 40 1.09 10.94 -4.95
CA LYS A 40 1.71 12.21 -5.36
C LYS A 40 2.53 12.08 -6.65
N GLU A 41 2.85 10.88 -7.04
CA GLU A 41 3.54 10.68 -8.29
C GLU A 41 2.53 10.25 -9.36
N GLN A 42 1.61 9.36 -8.94
CA GLN A 42 0.57 8.85 -9.84
C GLN A 42 -0.35 10.00 -10.25
N LEU A 43 -0.73 10.80 -9.29
CA LEU A 43 -1.38 12.06 -9.53
C LEU A 43 -0.24 13.05 -9.52
N HIS A 44 0.44 13.12 -10.64
CA HIS A 44 1.71 13.79 -10.80
C HIS A 44 1.74 15.20 -10.25
N THR A 45 2.45 15.34 -9.16
CA THR A 45 2.69 16.60 -8.56
C THR A 45 3.99 17.12 -9.15
N LYS A 46 3.97 18.33 -9.65
CA LYS A 46 5.14 18.92 -10.24
C LYS A 46 6.24 19.24 -9.23
N GLY A 47 7.08 18.25 -9.02
CA GLY A 47 8.28 18.41 -8.26
C GLY A 47 9.42 18.04 -9.16
N ARG A 48 9.50 16.78 -9.46
CA ARG A 48 10.41 16.23 -10.39
C ARG A 48 9.61 15.59 -11.52
N PRO A 49 10.18 15.43 -12.71
CA PRO A 49 9.46 14.84 -13.84
C PRO A 49 9.34 13.32 -13.72
N PHE A 50 8.14 12.88 -13.30
CA PHE A 50 7.78 11.46 -13.16
C PHE A 50 8.76 10.76 -12.20
N ARG A 51 9.14 11.47 -11.18
CA ARG A 51 10.03 10.97 -10.20
C ARG A 51 9.59 11.50 -8.86
N GLY A 52 8.82 10.74 -8.21
CA GLY A 52 8.32 11.12 -6.92
C GLY A 52 8.40 10.02 -5.93
N MET A 53 8.14 8.82 -6.37
CA MET A 53 8.11 7.72 -5.53
C MET A 53 8.37 6.47 -6.35
N SER A 54 9.50 5.87 -6.15
CA SER A 54 9.85 4.71 -6.89
C SER A 54 8.96 3.57 -6.41
N GLU A 55 8.64 2.68 -7.28
CA GLU A 55 7.74 1.60 -6.99
C GLU A 55 8.48 0.61 -6.10
N GLU A 56 9.76 0.50 -6.33
CA GLU A 56 10.63 -0.31 -5.54
C GLU A 56 10.75 0.25 -4.12
N GLU A 57 10.71 1.60 -3.97
CA GLU A 57 10.88 2.19 -2.67
C GLU A 57 9.58 2.08 -1.91
N VAL A 58 8.51 2.11 -2.68
CA VAL A 58 7.19 1.90 -2.21
C VAL A 58 7.08 0.52 -1.60
N PHE A 59 7.46 -0.47 -2.39
CA PHE A 59 7.43 -1.84 -1.98
C PHE A 59 8.29 -2.04 -0.75
N THR A 60 9.45 -1.39 -0.73
CA THR A 60 10.35 -1.46 0.33
C THR A 60 9.77 -0.97 1.66
N GLU A 61 9.17 0.23 1.67
CA GLU A 61 8.62 0.78 2.90
C GLU A 61 7.47 -0.07 3.41
N VAL A 62 6.68 -0.60 2.48
CA VAL A 62 5.56 -1.47 2.81
C VAL A 62 6.05 -2.83 3.29
N ALA A 63 7.04 -3.37 2.60
CA ALA A 63 7.65 -4.63 2.99
C ALA A 63 8.25 -4.53 4.36
N ASN A 64 8.86 -3.40 4.61
CA ASN A 64 9.44 -3.05 5.90
C ASN A 64 8.39 -2.95 6.99
N LEU A 65 7.21 -2.47 6.62
CA LEU A 65 6.14 -2.31 7.54
C LEU A 65 5.67 -3.70 8.02
N PHE A 66 5.58 -4.61 7.07
CA PHE A 66 5.08 -5.93 7.34
C PHE A 66 6.18 -6.96 7.10
N ARG A 67 7.36 -6.71 7.67
CA ARG A 67 8.51 -7.63 7.48
C ARG A 67 8.18 -9.01 8.04
N GLY A 68 8.11 -9.99 7.17
CA GLY A 68 7.81 -11.33 7.58
C GLY A 68 6.46 -11.78 7.08
N GLN A 69 5.54 -10.86 6.95
CA GLN A 69 4.21 -11.14 6.49
C GLN A 69 4.15 -11.00 4.97
N GLU A 70 4.60 -12.02 4.28
CA GLU A 70 4.67 -11.99 2.83
C GLU A 70 3.30 -11.97 2.18
N ASP A 71 2.31 -12.49 2.88
CA ASP A 71 0.92 -12.48 2.42
C ASP A 71 0.48 -11.07 2.06
N LEU A 72 0.63 -10.19 3.02
CA LEU A 72 0.25 -8.80 2.88
C LEU A 72 1.04 -8.14 1.77
N LEU A 73 2.30 -8.50 1.66
CA LEU A 73 3.19 -7.89 0.68
C LEU A 73 2.76 -8.30 -0.74
N SER A 74 2.36 -9.55 -0.88
CA SER A 74 1.90 -10.08 -2.14
C SER A 74 0.54 -9.46 -2.52
N GLU A 75 -0.38 -9.40 -1.57
CA GLU A 75 -1.71 -8.84 -1.81
C GLU A 75 -1.60 -7.36 -2.19
N PHE A 76 -0.69 -6.66 -1.52
CA PHE A 76 -0.42 -5.25 -1.77
C PHE A 76 -0.02 -5.00 -3.21
N GLY A 77 1.00 -5.72 -3.67
CA GLY A 77 1.52 -5.50 -5.01
C GLY A 77 0.52 -5.81 -6.09
N GLN A 78 -0.38 -6.72 -5.81
CA GLN A 78 -1.42 -7.09 -6.76
C GLN A 78 -2.49 -6.03 -6.84
N PHE A 79 -2.75 -5.36 -5.74
CA PHE A 79 -3.73 -4.29 -5.72
C PHE A 79 -3.15 -3.05 -6.42
N LEU A 80 -1.86 -2.87 -6.27
CA LEU A 80 -1.18 -1.74 -6.86
C LEU A 80 -0.71 -1.96 -8.28
N PRO A 81 -0.41 -0.87 -8.99
CA PRO A 81 0.19 -0.92 -10.31
C PRO A 81 1.70 -1.24 -10.26
N GLU A 82 2.12 -2.19 -11.05
CA GLU A 82 3.52 -2.53 -11.17
C GLU A 82 4.02 -2.06 -12.53
N ALA A 83 3.81 -0.80 -12.78
CA ALA A 83 4.12 -0.19 -14.05
C ALA A 83 5.62 0.00 -14.25
N LYS A 84 6.37 0.06 -13.16
CA LYS A 84 7.79 0.30 -13.22
C LYS A 84 8.60 -0.96 -13.42
N ARG A 85 7.99 -2.11 -13.18
CA ARG A 85 8.64 -3.41 -13.38
C ARG A 85 9.21 -3.54 -14.80
N GLU A 1 -19.34 1.20 -4.69
CA GLU A 1 -18.55 0.97 -3.49
C GLU A 1 -19.30 0.06 -2.54
N SER A 2 -20.45 -0.34 -2.99
CA SER A 2 -21.27 -1.28 -2.28
C SER A 2 -20.84 -2.65 -2.74
N ASP A 3 -20.86 -2.82 -4.05
CA ASP A 3 -20.37 -4.00 -4.67
C ASP A 3 -19.20 -3.68 -5.51
N SER A 4 -18.09 -3.97 -4.98
CA SER A 4 -16.82 -3.73 -5.54
C SER A 4 -15.95 -4.88 -5.15
N VAL A 5 -15.87 -5.86 -6.01
CA VAL A 5 -15.22 -7.13 -5.72
C VAL A 5 -13.76 -6.96 -5.33
N GLU A 6 -12.99 -6.32 -6.18
CA GLU A 6 -11.56 -6.15 -5.95
C GLU A 6 -11.34 -5.26 -4.77
N PHE A 7 -12.20 -4.28 -4.63
CA PHE A 7 -12.19 -3.38 -3.52
C PHE A 7 -12.47 -4.13 -2.25
N ASN A 8 -13.41 -5.05 -2.27
CA ASN A 8 -13.75 -5.84 -1.12
C ASN A 8 -12.58 -6.75 -0.76
N ASN A 9 -11.88 -7.26 -1.78
CA ASN A 9 -10.67 -8.08 -1.58
C ASN A 9 -9.62 -7.21 -0.92
N ALA A 10 -9.57 -5.96 -1.36
CA ALA A 10 -8.66 -4.97 -0.83
C ALA A 10 -9.05 -4.59 0.58
N ILE A 11 -10.34 -4.57 0.86
CA ILE A 11 -10.81 -4.28 2.19
C ILE A 11 -10.42 -5.40 3.11
N SER A 12 -10.55 -6.63 2.61
CA SER A 12 -10.10 -7.79 3.35
C SER A 12 -8.59 -7.68 3.60
N TYR A 13 -7.86 -7.20 2.59
CA TYR A 13 -6.43 -6.94 2.71
C TYR A 13 -6.15 -5.92 3.82
N VAL A 14 -6.92 -4.86 3.82
CA VAL A 14 -6.80 -3.83 4.82
C VAL A 14 -7.22 -4.35 6.20
N ASN A 15 -8.33 -5.08 6.25
CA ASN A 15 -8.84 -5.70 7.45
C ASN A 15 -7.77 -6.59 8.10
N LYS A 16 -7.00 -7.28 7.23
CA LYS A 16 -5.85 -8.09 7.67
C LYS A 16 -4.89 -7.21 8.45
N ILE A 17 -4.51 -6.10 7.81
CA ILE A 17 -3.56 -5.14 8.36
C ILE A 17 -4.07 -4.62 9.69
N LYS A 18 -5.33 -4.20 9.70
CA LYS A 18 -5.97 -3.66 10.88
C LYS A 18 -5.83 -4.60 12.06
N THR A 19 -6.13 -5.87 11.83
CA THR A 19 -6.11 -6.93 12.79
C THR A 19 -4.66 -7.36 13.17
N ARG A 20 -3.83 -7.54 12.19
CA ARG A 20 -2.48 -8.03 12.40
C ARG A 20 -1.59 -7.02 13.08
N PHE A 21 -1.99 -5.80 13.01
CA PHE A 21 -1.28 -4.74 13.62
C PHE A 21 -2.28 -3.96 14.44
N LEU A 22 -3.20 -4.71 15.01
CA LEU A 22 -4.29 -4.17 15.80
C LEU A 22 -3.77 -3.53 17.06
N ASP A 23 -2.75 -4.13 17.61
CA ASP A 23 -2.16 -3.63 18.85
C ASP A 23 -1.04 -2.63 18.53
N HIS A 24 -0.79 -2.43 17.25
CA HIS A 24 0.27 -1.56 16.79
C HIS A 24 -0.32 -0.41 15.97
N PRO A 25 -0.74 0.67 16.62
CA PRO A 25 -1.45 1.77 15.97
C PRO A 25 -0.64 2.48 14.88
N GLU A 26 0.63 2.78 15.16
CA GLU A 26 1.45 3.54 14.25
C GLU A 26 1.65 2.83 12.92
N ILE A 27 1.76 1.51 12.95
CA ILE A 27 2.05 0.71 11.77
C ILE A 27 1.01 0.93 10.70
N TYR A 28 -0.22 1.05 11.14
CA TYR A 28 -1.33 1.28 10.25
C TYR A 28 -1.14 2.64 9.57
N ARG A 29 -0.88 3.67 10.37
CA ARG A 29 -0.76 5.03 9.86
C ARG A 29 0.53 5.22 9.05
N SER A 30 1.60 4.59 9.50
CA SER A 30 2.89 4.68 8.85
C SER A 30 2.83 4.09 7.46
N PHE A 31 2.04 3.07 7.29
CA PHE A 31 1.85 2.53 5.99
C PHE A 31 0.93 3.43 5.15
N LEU A 32 -0.16 3.90 5.75
CA LEU A 32 -1.10 4.76 5.06
C LEU A 32 -0.42 5.97 4.47
N GLU A 33 0.55 6.49 5.20
CA GLU A 33 1.27 7.66 4.76
C GLU A 33 2.04 7.37 3.48
N ILE A 34 2.47 6.13 3.31
CA ILE A 34 3.18 5.72 2.14
C ILE A 34 2.22 5.63 0.99
N LEU A 35 1.05 5.07 1.25
CA LEU A 35 0.05 4.89 0.25
C LEU A 35 -0.48 6.27 -0.21
N HIS A 36 -0.69 7.17 0.74
CA HIS A 36 -1.12 8.53 0.45
C HIS A 36 -0.03 9.28 -0.33
N THR A 37 1.21 9.03 0.05
CA THR A 37 2.37 9.56 -0.61
C THR A 37 2.43 9.02 -2.04
N TYR A 38 2.21 7.74 -2.15
CA TYR A 38 2.25 6.99 -3.37
C TYR A 38 1.31 7.57 -4.39
N GLN A 39 0.05 7.74 -4.02
CA GLN A 39 -0.96 8.28 -4.92
C GLN A 39 -0.55 9.64 -5.44
N LYS A 40 -0.11 10.50 -4.55
CA LYS A 40 0.24 11.85 -4.87
C LYS A 40 1.50 11.91 -5.77
N GLU A 41 2.52 11.13 -5.45
CA GLU A 41 3.76 11.14 -6.23
C GLU A 41 3.58 10.59 -7.65
N GLN A 42 2.52 9.81 -7.88
CA GLN A 42 2.29 9.28 -9.21
C GLN A 42 1.44 10.25 -10.02
N LEU A 43 0.56 10.97 -9.34
CA LEU A 43 -0.26 11.98 -10.00
C LEU A 43 0.54 13.24 -10.30
N HIS A 44 1.48 13.56 -9.45
CA HIS A 44 2.35 14.69 -9.66
C HIS A 44 3.58 14.27 -10.42
N THR A 45 3.53 14.40 -11.72
CA THR A 45 4.65 14.06 -12.56
C THR A 45 5.84 14.96 -12.27
N LYS A 46 6.86 14.37 -11.75
CA LYS A 46 7.99 15.09 -11.32
C LYS A 46 9.21 14.70 -12.10
N GLY A 47 10.06 15.66 -12.34
CA GLY A 47 11.22 15.45 -13.15
C GLY A 47 12.50 15.65 -12.38
N ARG A 48 12.42 16.32 -11.24
CA ARG A 48 13.59 16.55 -10.43
C ARG A 48 13.89 15.28 -9.65
N PRO A 49 15.15 14.82 -9.66
CA PRO A 49 15.56 13.66 -8.90
C PRO A 49 15.66 13.98 -7.42
N PHE A 50 14.55 13.83 -6.79
CA PHE A 50 14.37 14.12 -5.42
C PHE A 50 13.15 13.33 -4.98
N ARG A 51 13.39 12.05 -4.76
CA ARG A 51 12.36 11.09 -4.41
C ARG A 51 11.26 11.02 -5.45
N GLY A 52 11.62 10.53 -6.60
CA GLY A 52 10.64 10.28 -7.63
C GLY A 52 10.09 8.93 -7.38
N MET A 53 9.21 8.87 -6.37
CA MET A 53 8.71 7.64 -5.75
C MET A 53 8.43 6.54 -6.73
N SER A 54 9.37 5.66 -6.85
CA SER A 54 9.22 4.55 -7.68
C SER A 54 8.58 3.45 -6.88
N GLU A 55 7.85 2.62 -7.57
CA GLU A 55 7.13 1.51 -7.03
C GLU A 55 8.04 0.63 -6.15
N GLU A 56 9.28 0.52 -6.56
CA GLU A 56 10.28 -0.22 -5.87
C GLU A 56 10.59 0.35 -4.49
N GLU A 57 10.82 1.66 -4.41
CA GLU A 57 11.17 2.31 -3.14
C GLU A 57 9.94 2.38 -2.25
N VAL A 58 8.80 2.30 -2.89
CA VAL A 58 7.55 2.23 -2.25
C VAL A 58 7.44 0.90 -1.56
N PHE A 59 7.65 -0.16 -2.36
CA PHE A 59 7.58 -1.52 -1.90
C PHE A 59 8.55 -1.76 -0.75
N THR A 60 9.69 -1.07 -0.77
CA THR A 60 10.66 -1.11 0.25
C THR A 60 10.04 -0.79 1.62
N GLU A 61 9.35 0.35 1.72
CA GLU A 61 8.84 0.79 2.99
C GLU A 61 7.64 -0.03 3.39
N VAL A 62 6.88 -0.46 2.39
CA VAL A 62 5.71 -1.27 2.62
C VAL A 62 6.13 -2.68 3.12
N ALA A 63 7.12 -3.27 2.46
CA ALA A 63 7.65 -4.57 2.84
C ALA A 63 8.29 -4.51 4.21
N ASN A 64 8.89 -3.37 4.48
CA ASN A 64 9.50 -3.06 5.76
C ASN A 64 8.46 -2.84 6.85
N LEU A 65 7.31 -2.35 6.46
CA LEU A 65 6.26 -2.09 7.41
C LEU A 65 5.71 -3.42 7.90
N PHE A 66 5.40 -4.28 6.96
CA PHE A 66 4.79 -5.57 7.22
C PHE A 66 5.84 -6.67 7.18
N ARG A 67 7.02 -6.39 7.72
CA ARG A 67 8.11 -7.37 7.72
C ARG A 67 7.70 -8.69 8.38
N GLY A 68 7.66 -9.72 7.60
CA GLY A 68 7.29 -11.02 8.08
C GLY A 68 5.96 -11.45 7.53
N GLN A 69 5.09 -10.50 7.30
CA GLN A 69 3.79 -10.79 6.77
C GLN A 69 3.85 -10.86 5.26
N GLU A 70 4.37 -11.95 4.76
CA GLU A 70 4.54 -12.19 3.34
C GLU A 70 3.19 -12.26 2.65
N ASP A 71 2.19 -12.64 3.41
CA ASP A 71 0.80 -12.70 2.94
C ASP A 71 0.34 -11.33 2.45
N LEU A 72 0.64 -10.31 3.24
CA LEU A 72 0.29 -8.95 2.89
C LEU A 72 1.14 -8.46 1.75
N LEU A 73 2.39 -8.85 1.75
CA LEU A 73 3.35 -8.37 0.77
C LEU A 73 3.02 -8.95 -0.60
N SER A 74 2.62 -10.20 -0.62
CA SER A 74 2.24 -10.87 -1.83
C SER A 74 0.97 -10.22 -2.40
N GLU A 75 -0.02 -9.98 -1.54
CA GLU A 75 -1.25 -9.37 -2.00
C GLU A 75 -1.08 -7.92 -2.38
N PHE A 76 -0.19 -7.21 -1.70
CA PHE A 76 0.08 -5.82 -2.05
C PHE A 76 0.57 -5.74 -3.50
N GLY A 77 1.42 -6.68 -3.89
CA GLY A 77 1.89 -6.75 -5.26
C GLY A 77 0.75 -7.05 -6.22
N GLN A 78 -0.13 -7.95 -5.80
CA GLN A 78 -1.29 -8.38 -6.57
C GLN A 78 -2.28 -7.20 -6.76
N PHE A 79 -2.39 -6.37 -5.73
CA PHE A 79 -3.22 -5.17 -5.76
C PHE A 79 -2.62 -4.07 -6.59
N LEU A 80 -1.34 -4.17 -6.81
CA LEU A 80 -0.64 -3.25 -7.66
C LEU A 80 -0.72 -3.72 -9.12
N PRO A 81 -0.20 -2.93 -10.10
CA PRO A 81 -0.23 -3.30 -11.53
C PRO A 81 0.30 -4.70 -11.87
N GLU A 82 -0.61 -5.65 -11.99
CA GLU A 82 -0.29 -7.03 -12.39
C GLU A 82 -0.41 -7.18 -13.88
N ALA A 83 -0.78 -6.11 -14.57
CA ALA A 83 -0.89 -6.13 -16.01
C ALA A 83 0.50 -6.23 -16.64
N LYS A 84 1.49 -5.73 -15.92
CA LYS A 84 2.87 -5.82 -16.33
C LYS A 84 3.50 -7.17 -15.98
N ARG A 85 2.84 -7.90 -15.11
CA ARG A 85 3.30 -9.20 -14.69
C ARG A 85 2.65 -10.30 -15.49
N GLU A 1 -24.46 -9.04 3.89
CA GLU A 1 -24.80 -7.77 3.28
C GLU A 1 -23.51 -7.11 2.82
N SER A 2 -23.33 -7.07 1.54
CA SER A 2 -22.18 -6.45 0.95
C SER A 2 -22.50 -5.94 -0.44
N ASP A 3 -21.73 -5.00 -0.86
CA ASP A 3 -21.75 -4.47 -2.20
C ASP A 3 -20.35 -4.06 -2.43
N SER A 4 -19.94 -3.88 -3.67
CA SER A 4 -18.57 -3.55 -3.99
C SER A 4 -17.65 -4.70 -3.54
N VAL A 5 -17.71 -5.78 -4.30
CA VAL A 5 -16.98 -7.00 -4.01
C VAL A 5 -15.49 -6.76 -4.01
N GLU A 6 -15.00 -6.11 -5.04
CA GLU A 6 -13.57 -5.85 -5.18
C GLU A 6 -13.09 -4.90 -4.10
N PHE A 7 -13.97 -4.03 -3.69
CA PHE A 7 -13.71 -3.13 -2.60
C PHE A 7 -13.64 -3.92 -1.34
N ASN A 8 -14.59 -4.81 -1.11
CA ASN A 8 -14.57 -5.68 0.08
C ASN A 8 -13.38 -6.59 0.10
N ASN A 9 -12.94 -7.01 -1.06
CA ASN A 9 -11.71 -7.81 -1.19
C ASN A 9 -10.54 -6.95 -0.75
N ALA A 10 -10.52 -5.73 -1.25
CA ALA A 10 -9.54 -4.73 -0.87
C ALA A 10 -9.60 -4.47 0.65
N ILE A 11 -10.82 -4.37 1.17
CA ILE A 11 -11.02 -4.12 2.59
C ILE A 11 -10.53 -5.30 3.40
N SER A 12 -10.71 -6.49 2.88
CA SER A 12 -10.25 -7.70 3.55
C SER A 12 -8.73 -7.69 3.71
N TYR A 13 -8.04 -7.21 2.68
CA TYR A 13 -6.59 -7.03 2.72
C TYR A 13 -6.24 -6.01 3.81
N VAL A 14 -6.97 -4.90 3.81
CA VAL A 14 -6.75 -3.83 4.78
C VAL A 14 -7.09 -4.28 6.21
N ASN A 15 -8.21 -4.97 6.37
CA ASN A 15 -8.67 -5.49 7.63
C ASN A 15 -7.68 -6.49 8.19
N LYS A 16 -7.09 -7.23 7.28
CA LYS A 16 -6.07 -8.21 7.59
C LYS A 16 -4.87 -7.48 8.20
N ILE A 17 -4.53 -6.33 7.62
CA ILE A 17 -3.49 -5.47 8.13
C ILE A 17 -3.90 -4.95 9.51
N LYS A 18 -5.13 -4.40 9.58
CA LYS A 18 -5.68 -3.84 10.81
C LYS A 18 -5.53 -4.84 11.94
N THR A 19 -6.00 -6.03 11.71
CA THR A 19 -6.03 -7.11 12.66
C THR A 19 -4.61 -7.56 13.09
N ARG A 20 -3.72 -7.62 12.16
CA ARG A 20 -2.38 -8.10 12.43
C ARG A 20 -1.54 -7.12 13.20
N PHE A 21 -1.94 -5.89 13.17
CA PHE A 21 -1.25 -4.83 13.84
C PHE A 21 -2.27 -4.02 14.61
N LEU A 22 -3.26 -4.72 15.13
CA LEU A 22 -4.43 -4.14 15.75
C LEU A 22 -4.11 -3.38 17.02
N ASP A 23 -3.01 -3.70 17.64
CA ASP A 23 -2.63 -3.02 18.87
C ASP A 23 -1.60 -1.95 18.54
N HIS A 24 -1.24 -1.87 17.27
CA HIS A 24 -0.16 -0.99 16.83
C HIS A 24 -0.64 -0.06 15.69
N PRO A 25 -1.39 1.01 16.03
CA PRO A 25 -1.92 1.96 15.03
C PRO A 25 -0.82 2.64 14.22
N GLU A 26 0.37 2.78 14.81
CA GLU A 26 1.51 3.39 14.16
C GLU A 26 1.85 2.69 12.84
N ILE A 27 1.78 1.38 12.84
CA ILE A 27 2.14 0.55 11.72
C ILE A 27 1.14 0.74 10.60
N TYR A 28 -0.11 0.77 10.99
CA TYR A 28 -1.21 0.98 10.08
C TYR A 28 -1.04 2.35 9.43
N ARG A 29 -0.85 3.34 10.29
CA ARG A 29 -0.72 4.73 9.92
C ARG A 29 0.46 4.97 8.98
N SER A 30 1.63 4.43 9.35
CA SER A 30 2.84 4.57 8.56
C SER A 30 2.73 3.87 7.23
N PHE A 31 1.96 2.83 7.15
CA PHE A 31 1.76 2.21 5.88
C PHE A 31 0.82 3.05 5.01
N LEU A 32 -0.20 3.58 5.64
CA LEU A 32 -1.16 4.45 5.00
C LEU A 32 -0.49 5.69 4.42
N GLU A 33 0.61 6.10 5.01
CA GLU A 33 1.34 7.27 4.55
C GLU A 33 2.06 6.96 3.23
N ILE A 34 2.48 5.69 3.08
CA ILE A 34 3.18 5.20 1.92
C ILE A 34 2.24 5.16 0.73
N LEU A 35 1.07 4.60 0.93
CA LEU A 35 0.10 4.53 -0.15
C LEU A 35 -0.47 5.87 -0.49
N HIS A 36 -0.52 6.74 0.49
CA HIS A 36 -0.97 8.09 0.26
C HIS A 36 0.06 8.83 -0.58
N THR A 37 1.33 8.70 -0.23
CA THR A 37 2.38 9.40 -0.92
C THR A 37 2.57 8.78 -2.32
N TYR A 38 2.27 7.48 -2.41
CA TYR A 38 2.38 6.73 -3.63
C TYR A 38 1.43 7.30 -4.68
N GLN A 39 0.18 7.46 -4.29
CA GLN A 39 -0.87 7.98 -5.15
C GLN A 39 -0.59 9.43 -5.48
N LYS A 40 0.06 10.12 -4.57
CA LYS A 40 0.43 11.50 -4.75
C LYS A 40 1.62 11.69 -5.66
N GLU A 41 2.36 10.65 -5.94
CA GLU A 41 3.43 10.75 -6.92
C GLU A 41 2.77 10.57 -8.29
N GLN A 42 1.84 9.63 -8.35
CA GLN A 42 1.05 9.36 -9.55
C GLN A 42 0.22 10.58 -9.94
N LEU A 43 -0.59 11.04 -9.02
CA LEU A 43 -1.37 12.26 -9.19
C LEU A 43 -0.90 13.24 -8.15
N HIS A 44 -0.12 14.20 -8.55
CA HIS A 44 0.52 15.05 -7.57
C HIS A 44 -0.30 16.28 -7.24
N THR A 45 -1.04 16.18 -6.17
CA THR A 45 -1.81 17.30 -5.66
C THR A 45 -0.99 18.03 -4.59
N LYS A 46 0.26 17.60 -4.46
CA LYS A 46 1.23 18.11 -3.49
C LYS A 46 0.92 17.66 -2.07
N GLY A 47 1.85 17.93 -1.19
CA GLY A 47 1.73 17.53 0.18
C GLY A 47 3.11 17.44 0.79
N ARG A 48 3.94 16.64 0.20
CA ARG A 48 5.28 16.47 0.60
C ARG A 48 6.18 17.06 -0.46
N PRO A 49 7.43 17.44 -0.12
CA PRO A 49 8.42 17.92 -1.09
C PRO A 49 8.59 16.90 -2.20
N PHE A 50 8.66 17.44 -3.40
CA PHE A 50 8.77 16.70 -4.63
C PHE A 50 9.84 15.61 -4.58
N ARG A 51 9.38 14.41 -4.39
CA ARG A 51 10.21 13.23 -4.36
C ARG A 51 9.46 12.19 -5.15
N GLY A 52 10.11 11.66 -6.15
CA GLY A 52 9.51 10.69 -6.99
C GLY A 52 9.55 9.33 -6.36
N MET A 53 8.53 9.06 -5.57
CA MET A 53 8.32 7.82 -4.89
C MET A 53 8.39 6.69 -5.88
N SER A 54 9.49 6.05 -5.96
CA SER A 54 9.65 5.01 -6.90
C SER A 54 9.07 3.74 -6.32
N GLU A 55 8.55 2.88 -7.17
CA GLU A 55 7.90 1.65 -6.79
C GLU A 55 8.79 0.79 -5.91
N GLU A 56 10.07 0.83 -6.19
CA GLU A 56 11.05 0.10 -5.47
C GLU A 56 11.08 0.55 -4.00
N GLU A 57 11.02 1.87 -3.75
CA GLU A 57 11.15 2.36 -2.40
C GLU A 57 9.83 2.19 -1.68
N VAL A 58 8.80 2.09 -2.49
CA VAL A 58 7.49 1.86 -2.04
C VAL A 58 7.42 0.47 -1.46
N PHE A 59 7.83 -0.50 -2.27
CA PHE A 59 7.81 -1.87 -1.87
C PHE A 59 8.69 -2.07 -0.66
N THR A 60 9.86 -1.39 -0.65
CA THR A 60 10.75 -1.41 0.42
C THR A 60 10.08 -0.96 1.72
N GLU A 61 9.44 0.22 1.72
CA GLU A 61 8.85 0.75 2.94
C GLU A 61 7.68 -0.09 3.44
N VAL A 62 6.99 -0.72 2.52
CA VAL A 62 5.87 -1.58 2.88
C VAL A 62 6.39 -2.90 3.42
N ALA A 63 7.42 -3.44 2.78
CA ALA A 63 8.05 -4.67 3.24
C ALA A 63 8.66 -4.43 4.60
N ASN A 64 9.24 -3.26 4.74
CA ASN A 64 9.84 -2.76 5.98
C ASN A 64 8.79 -2.57 7.08
N LEU A 65 7.60 -2.22 6.67
CA LEU A 65 6.53 -2.01 7.59
C LEU A 65 6.04 -3.37 8.12
N PHE A 66 5.83 -4.28 7.19
CA PHE A 66 5.26 -5.57 7.46
C PHE A 66 6.30 -6.67 7.31
N ARG A 67 7.50 -6.43 7.82
CA ARG A 67 8.59 -7.40 7.64
C ARG A 67 8.24 -8.75 8.26
N GLY A 68 7.99 -9.71 7.41
CA GLY A 68 7.63 -11.02 7.87
C GLY A 68 6.24 -11.41 7.43
N GLN A 69 5.40 -10.43 7.16
CA GLN A 69 4.04 -10.70 6.74
C GLN A 69 3.98 -10.82 5.24
N GLU A 70 4.37 -11.96 4.71
CA GLU A 70 4.45 -12.13 3.27
C GLU A 70 3.10 -12.16 2.62
N ASP A 71 2.09 -12.44 3.42
CA ASP A 71 0.69 -12.35 3.02
C ASP A 71 0.41 -11.04 2.36
N LEU A 72 0.74 -9.99 3.08
CA LEU A 72 0.48 -8.64 2.67
C LEU A 72 1.44 -8.21 1.58
N LEU A 73 2.61 -8.75 1.59
CA LEU A 73 3.66 -8.31 0.68
C LEU A 73 3.43 -8.92 -0.71
N SER A 74 2.91 -10.12 -0.74
CA SER A 74 2.62 -10.80 -1.99
C SER A 74 1.30 -10.31 -2.60
N GLU A 75 0.38 -9.87 -1.75
CA GLU A 75 -0.90 -9.35 -2.22
C GLU A 75 -0.82 -7.85 -2.46
N PHE A 76 0.31 -7.28 -2.12
CA PHE A 76 0.56 -5.86 -2.23
C PHE A 76 0.35 -5.37 -3.65
N GLY A 77 1.06 -5.97 -4.60
CA GLY A 77 0.97 -5.54 -5.99
C GLY A 77 -0.39 -5.82 -6.61
N GLN A 78 -1.14 -6.69 -5.99
CA GLN A 78 -2.46 -7.04 -6.49
C GLN A 78 -3.51 -6.08 -5.96
N PHE A 79 -3.29 -5.59 -4.75
CA PHE A 79 -4.17 -4.65 -4.11
C PHE A 79 -4.03 -3.25 -4.74
N LEU A 80 -2.82 -2.92 -5.10
CA LEU A 80 -2.51 -1.62 -5.64
C LEU A 80 -3.10 -1.34 -7.02
N PRO A 81 -3.19 -0.02 -7.39
CA PRO A 81 -3.67 0.42 -8.73
C PRO A 81 -2.60 0.17 -9.80
N GLU A 82 -1.50 -0.37 -9.37
CA GLU A 82 -0.36 -0.67 -10.19
C GLU A 82 -0.56 -2.04 -10.85
N ALA A 83 -1.60 -2.13 -11.68
CA ALA A 83 -2.03 -3.37 -12.34
C ALA A 83 -0.93 -4.12 -13.10
N LYS A 84 0.19 -3.47 -13.39
CA LYS A 84 1.30 -4.15 -14.01
C LYS A 84 2.07 -5.03 -13.00
N ARG A 85 1.82 -4.82 -11.73
CA ARG A 85 2.33 -5.66 -10.67
C ARG A 85 1.23 -6.51 -10.06
N GLU A 1 -17.79 4.14 -2.03
CA GLU A 1 -18.10 2.74 -1.96
C GLU A 1 -18.97 2.35 -3.14
N SER A 2 -18.51 1.43 -3.92
CA SER A 2 -19.23 0.97 -5.06
C SER A 2 -18.85 -0.50 -5.26
N ASP A 3 -19.42 -1.16 -6.26
CA ASP A 3 -19.06 -2.55 -6.51
C ASP A 3 -17.76 -2.65 -7.23
N SER A 4 -16.77 -2.78 -6.46
CA SER A 4 -15.45 -2.93 -6.89
C SER A 4 -14.90 -4.14 -6.18
N VAL A 5 -14.93 -5.25 -6.88
CA VAL A 5 -14.62 -6.55 -6.32
C VAL A 5 -13.18 -6.65 -5.89
N GLU A 6 -12.29 -6.19 -6.72
CA GLU A 6 -10.86 -6.23 -6.43
C GLU A 6 -10.55 -5.27 -5.28
N PHE A 7 -11.35 -4.24 -5.19
CA PHE A 7 -11.26 -3.28 -4.11
C PHE A 7 -11.78 -3.90 -2.83
N ASN A 8 -12.80 -4.72 -2.94
CA ASN A 8 -13.34 -5.43 -1.81
C ASN A 8 -12.31 -6.43 -1.28
N ASN A 9 -11.55 -7.03 -2.21
CA ASN A 9 -10.47 -7.93 -1.85
C ASN A 9 -9.39 -7.14 -1.14
N ALA A 10 -9.23 -5.90 -1.56
CA ALA A 10 -8.27 -5.00 -0.95
C ALA A 10 -8.68 -4.64 0.45
N ILE A 11 -9.96 -4.39 0.67
CA ILE A 11 -10.47 -4.17 2.00
C ILE A 11 -10.27 -5.40 2.87
N SER A 12 -10.48 -6.59 2.32
CA SER A 12 -10.23 -7.82 3.07
C SER A 12 -8.74 -7.89 3.48
N TYR A 13 -7.89 -7.39 2.59
CA TYR A 13 -6.47 -7.27 2.85
C TYR A 13 -6.20 -6.19 3.92
N VAL A 14 -6.83 -5.04 3.77
CA VAL A 14 -6.68 -3.95 4.72
C VAL A 14 -7.20 -4.34 6.11
N ASN A 15 -8.39 -4.90 6.18
CA ASN A 15 -9.01 -5.34 7.44
C ASN A 15 -8.13 -6.37 8.15
N LYS A 16 -7.46 -7.18 7.36
CA LYS A 16 -6.51 -8.18 7.81
C LYS A 16 -5.33 -7.47 8.49
N ILE A 17 -4.82 -6.43 7.82
CA ILE A 17 -3.75 -5.59 8.34
C ILE A 17 -4.19 -4.96 9.66
N LYS A 18 -5.39 -4.37 9.63
CA LYS A 18 -5.98 -3.68 10.77
C LYS A 18 -5.94 -4.56 12.00
N THR A 19 -6.28 -5.83 11.83
CA THR A 19 -6.32 -6.82 12.88
C THR A 19 -4.90 -7.25 13.33
N ARG A 20 -4.02 -7.44 12.39
CA ARG A 20 -2.67 -7.88 12.69
C ARG A 20 -1.88 -6.86 13.44
N PHE A 21 -2.15 -5.64 13.16
CA PHE A 21 -1.47 -4.54 13.78
C PHE A 21 -2.50 -3.70 14.50
N LEU A 22 -3.49 -4.41 15.04
CA LEU A 22 -4.65 -3.83 15.70
C LEU A 22 -4.25 -3.01 16.90
N ASP A 23 -3.23 -3.43 17.59
CA ASP A 23 -2.80 -2.73 18.79
C ASP A 23 -1.61 -1.84 18.46
N HIS A 24 -1.31 -1.72 17.19
CA HIS A 24 -0.17 -0.95 16.75
C HIS A 24 -0.60 0.10 15.70
N PRO A 25 -1.17 1.25 16.15
CA PRO A 25 -1.68 2.30 15.26
C PRO A 25 -0.65 2.81 14.26
N GLU A 26 0.57 3.04 14.73
CA GLU A 26 1.68 3.58 13.93
C GLU A 26 2.04 2.68 12.74
N ILE A 27 1.84 1.39 12.86
CA ILE A 27 2.18 0.48 11.78
C ILE A 27 1.20 0.66 10.65
N TYR A 28 -0.06 0.75 11.01
CA TYR A 28 -1.12 0.97 10.06
C TYR A 28 -0.92 2.36 9.46
N ARG A 29 -0.70 3.33 10.34
CA ARG A 29 -0.55 4.70 10.03
C ARG A 29 0.67 4.99 9.13
N SER A 30 1.83 4.44 9.45
CA SER A 30 3.00 4.65 8.63
C SER A 30 2.89 3.96 7.29
N PHE A 31 2.15 2.90 7.23
CA PHE A 31 1.91 2.31 5.96
C PHE A 31 0.95 3.19 5.14
N LEU A 32 -0.04 3.75 5.80
CA LEU A 32 -0.96 4.67 5.19
C LEU A 32 -0.24 5.87 4.62
N GLU A 33 0.80 6.31 5.30
CA GLU A 33 1.57 7.47 4.88
C GLU A 33 2.32 7.15 3.56
N ILE A 34 2.63 5.88 3.36
CA ILE A 34 3.29 5.39 2.18
C ILE A 34 2.30 5.38 1.02
N LEU A 35 1.13 4.82 1.24
CA LEU A 35 0.12 4.75 0.21
C LEU A 35 -0.35 6.18 -0.12
N HIS A 36 -0.43 7.01 0.89
CA HIS A 36 -0.83 8.39 0.73
C HIS A 36 0.19 9.14 -0.13
N THR A 37 1.48 8.97 0.15
CA THR A 37 2.50 9.66 -0.59
C THR A 37 2.55 9.10 -2.00
N TYR A 38 2.28 7.80 -2.10
CA TYR A 38 2.31 7.08 -3.33
C TYR A 38 1.28 7.66 -4.29
N GLN A 39 0.06 7.75 -3.80
CA GLN A 39 -1.07 8.21 -4.52
C GLN A 39 -0.85 9.64 -5.00
N LYS A 40 -0.36 10.48 -4.11
CA LYS A 40 -0.09 11.86 -4.45
C LYS A 40 1.02 11.99 -5.49
N GLU A 41 2.04 11.16 -5.39
CA GLU A 41 3.12 11.22 -6.34
C GLU A 41 2.59 10.77 -7.71
N GLN A 42 1.62 9.89 -7.70
CA GLN A 42 1.03 9.44 -8.94
C GLN A 42 0.13 10.52 -9.52
N LEU A 43 -0.86 10.94 -8.76
CA LEU A 43 -1.80 11.97 -9.18
C LEU A 43 -1.83 13.11 -8.18
N HIS A 44 -1.56 14.31 -8.69
CA HIS A 44 -1.59 15.56 -7.90
C HIS A 44 -0.59 15.52 -6.75
N THR A 45 0.65 15.74 -7.09
CA THR A 45 1.76 15.60 -6.17
C THR A 45 1.88 16.75 -5.17
N LYS A 46 1.19 17.85 -5.47
CA LYS A 46 1.25 19.06 -4.65
C LYS A 46 2.66 19.60 -4.57
N GLY A 47 2.98 20.42 -5.51
CA GLY A 47 4.30 20.95 -5.61
C GLY A 47 4.97 20.36 -6.82
N ARG A 48 6.26 20.40 -6.85
CA ARG A 48 6.98 19.89 -7.95
C ARG A 48 7.38 18.45 -7.72
N PRO A 49 7.38 17.65 -8.79
CA PRO A 49 7.85 16.30 -8.74
C PRO A 49 9.35 16.23 -8.95
N PHE A 50 10.03 15.90 -7.91
CA PHE A 50 11.44 15.75 -7.92
C PHE A 50 11.72 14.28 -7.72
N ARG A 51 11.78 13.55 -8.83
CA ARG A 51 11.93 12.11 -8.85
C ARG A 51 10.67 11.37 -8.38
N GLY A 52 10.32 10.39 -9.14
CA GLY A 52 9.12 9.64 -8.89
C GLY A 52 9.32 8.53 -7.89
N MET A 53 8.26 8.16 -7.25
CA MET A 53 8.25 7.14 -6.28
C MET A 53 7.98 5.86 -7.02
N SER A 54 9.00 5.10 -7.22
CA SER A 54 8.88 3.88 -7.96
C SER A 54 8.30 2.82 -7.03
N GLU A 55 7.55 1.88 -7.57
CA GLU A 55 6.89 0.93 -6.75
C GLU A 55 7.85 0.05 -5.96
N GLU A 56 9.08 -0.07 -6.44
CA GLU A 56 10.12 -0.81 -5.75
C GLU A 56 10.46 -0.16 -4.40
N GLU A 57 10.54 1.17 -4.38
CA GLU A 57 10.89 1.88 -3.15
C GLU A 57 9.68 1.85 -2.22
N VAL A 58 8.53 1.83 -2.85
CA VAL A 58 7.28 1.75 -2.20
C VAL A 58 7.14 0.41 -1.51
N PHE A 59 7.36 -0.64 -2.28
CA PHE A 59 7.31 -2.00 -1.80
C PHE A 59 8.33 -2.18 -0.70
N THR A 60 9.45 -1.48 -0.79
CA THR A 60 10.45 -1.51 0.17
C THR A 60 9.94 -1.03 1.53
N GLU A 61 9.30 0.14 1.58
CA GLU A 61 8.83 0.67 2.85
C GLU A 61 7.71 -0.16 3.42
N VAL A 62 6.93 -0.74 2.54
CA VAL A 62 5.81 -1.60 2.91
C VAL A 62 6.31 -2.96 3.40
N ALA A 63 7.32 -3.50 2.72
CA ALA A 63 7.94 -4.77 3.11
C ALA A 63 8.68 -4.57 4.41
N ASN A 64 9.16 -3.37 4.60
CA ASN A 64 9.78 -2.92 5.81
C ASN A 64 8.77 -2.77 6.93
N LEU A 65 7.54 -2.43 6.57
CA LEU A 65 6.49 -2.24 7.53
C LEU A 65 6.01 -3.61 8.03
N PHE A 66 5.57 -4.42 7.09
CA PHE A 66 5.00 -5.72 7.39
C PHE A 66 6.07 -6.79 7.25
N ARG A 67 7.27 -6.46 7.69
CA ARG A 67 8.39 -7.36 7.64
C ARG A 67 8.13 -8.63 8.45
N GLY A 68 7.88 -9.70 7.74
CA GLY A 68 7.55 -10.94 8.34
C GLY A 68 6.34 -11.54 7.67
N GLN A 69 5.41 -10.69 7.30
CA GLN A 69 4.22 -11.11 6.63
C GLN A 69 4.38 -11.02 5.13
N GLU A 70 4.99 -12.02 4.53
CA GLU A 70 5.19 -12.04 3.08
C GLU A 70 3.87 -12.07 2.35
N ASP A 71 2.88 -12.65 2.97
CA ASP A 71 1.55 -12.76 2.40
C ASP A 71 0.98 -11.37 2.11
N LEU A 72 1.07 -10.48 3.10
CA LEU A 72 0.56 -9.10 2.96
C LEU A 72 1.34 -8.34 1.88
N LEU A 73 2.61 -8.65 1.78
CA LEU A 73 3.48 -7.99 0.83
C LEU A 73 3.16 -8.46 -0.58
N SER A 74 2.82 -9.72 -0.69
CA SER A 74 2.46 -10.33 -1.94
C SER A 74 1.13 -9.76 -2.45
N GLU A 75 0.16 -9.64 -1.55
CA GLU A 75 -1.15 -9.10 -1.89
C GLU A 75 -1.02 -7.66 -2.39
N PHE A 76 -0.19 -6.89 -1.70
CA PHE A 76 0.12 -5.49 -2.03
C PHE A 76 0.65 -5.37 -3.45
N GLY A 77 1.46 -6.34 -3.87
CA GLY A 77 2.01 -6.36 -5.20
C GLY A 77 0.95 -6.35 -6.30
N GLN A 78 -0.14 -7.08 -6.08
CA GLN A 78 -1.20 -7.21 -7.07
C GLN A 78 -2.12 -5.98 -7.04
N PHE A 79 -2.25 -5.38 -5.86
CA PHE A 79 -3.09 -4.20 -5.68
C PHE A 79 -2.45 -2.97 -6.29
N LEU A 80 -1.18 -3.05 -6.49
CA LEU A 80 -0.44 -2.00 -7.09
C LEU A 80 -0.59 -2.00 -8.60
N PRO A 81 -0.39 -0.82 -9.23
CA PRO A 81 -0.44 -0.66 -10.67
C PRO A 81 0.45 -1.66 -11.39
N GLU A 82 -0.13 -2.30 -12.37
CA GLU A 82 0.51 -3.33 -13.19
C GLU A 82 1.56 -2.73 -14.15
N ALA A 83 2.54 -2.08 -13.58
CA ALA A 83 3.57 -1.37 -14.30
C ALA A 83 4.56 -2.32 -14.97
N LYS A 84 4.69 -3.54 -14.45
CA LYS A 84 5.63 -4.50 -15.02
C LYS A 84 5.10 -5.05 -16.34
N ARG A 85 3.80 -5.02 -16.47
CA ARG A 85 3.12 -5.47 -17.68
C ARG A 85 3.05 -4.33 -18.68
N GLU A 1 -25.55 -1.78 -1.12
CA GLU A 1 -25.63 -0.72 -2.10
C GLU A 1 -24.24 -0.31 -2.52
N SER A 2 -24.10 0.00 -3.81
CA SER A 2 -22.85 0.38 -4.43
C SER A 2 -21.78 -0.69 -4.27
N ASP A 3 -21.78 -1.61 -5.21
CA ASP A 3 -20.86 -2.73 -5.22
C ASP A 3 -19.46 -2.24 -5.32
N SER A 4 -18.75 -2.37 -4.26
CA SER A 4 -17.41 -1.96 -4.19
C SER A 4 -16.54 -3.19 -4.01
N VAL A 5 -16.53 -4.00 -5.05
CA VAL A 5 -15.88 -5.30 -5.05
C VAL A 5 -14.38 -5.19 -4.80
N GLU A 6 -13.74 -4.32 -5.55
CA GLU A 6 -12.29 -4.13 -5.44
C GLU A 6 -11.94 -3.55 -4.09
N PHE A 7 -12.80 -2.71 -3.60
CA PHE A 7 -12.67 -2.11 -2.31
C PHE A 7 -12.83 -3.17 -1.25
N ASN A 8 -13.83 -4.03 -1.39
CA ASN A 8 -14.06 -5.14 -0.44
C ASN A 8 -12.86 -6.07 -0.37
N ASN A 9 -12.26 -6.35 -1.53
CA ASN A 9 -11.03 -7.16 -1.60
C ASN A 9 -9.95 -6.48 -0.80
N ALA A 10 -9.83 -5.19 -1.01
CA ALA A 10 -8.91 -4.35 -0.30
C ALA A 10 -9.21 -4.43 1.19
N ILE A 11 -10.47 -4.19 1.56
CA ILE A 11 -10.92 -4.18 2.96
C ILE A 11 -10.54 -5.45 3.65
N SER A 12 -10.77 -6.57 3.00
CA SER A 12 -10.51 -7.87 3.59
C SER A 12 -9.03 -8.01 4.03
N TYR A 13 -8.11 -7.57 3.18
CA TYR A 13 -6.72 -7.62 3.54
C TYR A 13 -6.33 -6.49 4.47
N VAL A 14 -6.97 -5.35 4.29
CA VAL A 14 -6.73 -4.21 5.16
C VAL A 14 -7.19 -4.54 6.60
N ASN A 15 -8.36 -5.15 6.73
CA ASN A 15 -8.92 -5.55 7.98
C ASN A 15 -8.01 -6.58 8.65
N LYS A 16 -7.40 -7.41 7.82
CA LYS A 16 -6.47 -8.40 8.25
C LYS A 16 -5.25 -7.69 8.85
N ILE A 17 -4.75 -6.68 8.14
CA ILE A 17 -3.66 -5.85 8.59
C ILE A 17 -4.05 -5.17 9.92
N LYS A 18 -5.26 -4.59 9.93
CA LYS A 18 -5.78 -3.89 11.11
C LYS A 18 -5.72 -4.78 12.32
N THR A 19 -6.17 -5.99 12.15
CA THR A 19 -6.26 -6.99 13.19
C THR A 19 -4.87 -7.49 13.65
N ARG A 20 -3.98 -7.65 12.73
CA ARG A 20 -2.67 -8.16 13.02
C ARG A 20 -1.81 -7.14 13.72
N PHE A 21 -2.07 -5.91 13.45
CA PHE A 21 -1.35 -4.82 14.02
C PHE A 21 -2.35 -3.95 14.78
N LEU A 22 -3.33 -4.63 15.36
CA LEU A 22 -4.47 -4.03 16.03
C LEU A 22 -4.04 -3.26 17.26
N ASP A 23 -3.03 -3.78 17.91
CA ASP A 23 -2.53 -3.20 19.13
C ASP A 23 -1.41 -2.21 18.81
N HIS A 24 -1.12 -2.06 17.52
CA HIS A 24 -0.06 -1.20 17.03
C HIS A 24 -0.59 -0.26 15.93
N PRO A 25 -1.39 0.77 16.30
CA PRO A 25 -2.04 1.67 15.31
C PRO A 25 -1.05 2.43 14.44
N GLU A 26 0.15 2.69 14.98
CA GLU A 26 1.20 3.40 14.27
C GLU A 26 1.54 2.69 12.96
N ILE A 27 1.65 1.37 13.03
CA ILE A 27 2.06 0.52 11.92
C ILE A 27 1.10 0.66 10.76
N TYR A 28 -0.16 0.59 11.09
CA TYR A 28 -1.24 0.71 10.13
C TYR A 28 -1.11 2.07 9.41
N ARG A 29 -0.94 3.11 10.20
CA ARG A 29 -0.88 4.47 9.72
C ARG A 29 0.38 4.78 8.93
N SER A 30 1.51 4.29 9.41
CA SER A 30 2.80 4.50 8.76
C SER A 30 2.80 3.91 7.35
N PHE A 31 2.03 2.87 7.16
CA PHE A 31 1.85 2.33 5.84
C PHE A 31 0.89 3.18 4.99
N LEU A 32 -0.25 3.56 5.56
CA LEU A 32 -1.29 4.33 4.87
C LEU A 32 -0.73 5.56 4.21
N GLU A 33 0.22 6.17 4.87
CA GLU A 33 0.84 7.37 4.43
C GLU A 33 1.66 7.15 3.15
N ILE A 34 2.17 5.94 2.97
CA ILE A 34 2.95 5.57 1.84
C ILE A 34 2.09 5.51 0.61
N LEU A 35 0.92 4.90 0.71
CA LEU A 35 0.01 4.82 -0.41
C LEU A 35 -0.54 6.21 -0.74
N HIS A 36 -0.71 7.01 0.29
CA HIS A 36 -1.11 8.40 0.16
C HIS A 36 -0.04 9.16 -0.63
N THR A 37 1.18 8.95 -0.26
CA THR A 37 2.34 9.52 -0.91
C THR A 37 2.45 9.01 -2.36
N TYR A 38 2.25 7.73 -2.52
CA TYR A 38 2.40 7.04 -3.77
C TYR A 38 1.54 7.65 -4.86
N GLN A 39 0.26 7.78 -4.60
CA GLN A 39 -0.67 8.25 -5.62
C GLN A 39 -0.39 9.69 -6.03
N LYS A 40 0.04 10.51 -5.09
CA LYS A 40 0.33 11.90 -5.36
C LYS A 40 1.62 12.11 -6.12
N GLU A 41 2.57 11.20 -5.97
CA GLU A 41 3.85 11.37 -6.64
C GLU A 41 3.91 10.53 -7.94
N GLN A 42 3.07 9.52 -8.05
CA GLN A 42 3.02 8.72 -9.28
C GLN A 42 2.32 9.48 -10.38
N LEU A 43 1.30 10.25 -10.01
CA LEU A 43 0.55 11.00 -11.00
C LEU A 43 1.41 12.19 -11.44
N HIS A 44 1.73 13.05 -10.50
CA HIS A 44 2.62 14.15 -10.76
C HIS A 44 3.89 13.95 -10.01
N THR A 45 4.92 13.61 -10.72
CA THR A 45 6.21 13.42 -10.13
C THR A 45 6.86 14.79 -10.01
N LYS A 46 6.73 15.35 -8.85
CA LYS A 46 7.08 16.73 -8.63
C LYS A 46 8.33 16.86 -7.76
N GLY A 47 8.50 15.92 -6.83
CA GLY A 47 9.59 15.98 -5.88
C GLY A 47 10.97 16.04 -6.51
N ARG A 48 11.24 15.14 -7.39
CA ARG A 48 12.53 15.05 -8.02
C ARG A 48 12.33 14.46 -9.42
N PRO A 49 13.06 14.98 -10.45
CA PRO A 49 12.89 14.57 -11.85
C PRO A 49 13.07 13.08 -12.08
N PHE A 50 11.93 12.41 -12.28
CA PHE A 50 11.83 10.96 -12.54
C PHE A 50 12.39 10.15 -11.35
N ARG A 51 12.39 10.77 -10.20
CA ARG A 51 12.87 10.15 -9.02
C ARG A 51 12.00 10.62 -7.86
N GLY A 52 10.73 10.65 -8.14
CA GLY A 52 9.75 11.03 -7.16
C GLY A 52 9.66 10.00 -6.11
N MET A 53 9.05 8.92 -6.43
CA MET A 53 8.92 7.84 -5.57
C MET A 53 9.01 6.62 -6.43
N SER A 54 10.09 5.93 -6.35
CA SER A 54 10.24 4.77 -7.15
C SER A 54 9.37 3.66 -6.56
N GLU A 55 8.86 2.80 -7.40
CA GLU A 55 7.97 1.72 -7.01
C GLU A 55 8.73 0.74 -6.11
N GLU A 56 10.00 0.66 -6.34
CA GLU A 56 10.92 -0.10 -5.55
C GLU A 56 10.98 0.44 -4.11
N GLU A 57 11.11 1.76 -3.97
CA GLU A 57 11.20 2.37 -2.64
C GLU A 57 9.86 2.29 -1.96
N VAL A 58 8.81 2.33 -2.77
CA VAL A 58 7.47 2.19 -2.32
C VAL A 58 7.33 0.83 -1.68
N PHE A 59 7.69 -0.21 -2.41
CA PHE A 59 7.61 -1.56 -1.94
C PHE A 59 8.52 -1.75 -0.73
N THR A 60 9.66 -1.08 -0.72
CA THR A 60 10.59 -1.14 0.32
C THR A 60 9.97 -0.71 1.66
N GLU A 61 9.30 0.44 1.67
CA GLU A 61 8.75 0.97 2.91
C GLU A 61 7.59 0.12 3.38
N VAL A 62 6.87 -0.43 2.45
CA VAL A 62 5.74 -1.28 2.75
C VAL A 62 6.23 -2.66 3.27
N ALA A 63 7.27 -3.19 2.66
CA ALA A 63 7.91 -4.44 3.10
C ALA A 63 8.57 -4.23 4.46
N ASN A 64 9.00 -3.02 4.68
CA ASN A 64 9.58 -2.56 5.93
C ASN A 64 8.51 -2.42 7.00
N LEU A 65 7.31 -2.17 6.59
CA LEU A 65 6.23 -2.12 7.51
C LEU A 65 5.85 -3.55 7.91
N PHE A 66 5.52 -4.34 6.93
CA PHE A 66 5.04 -5.70 7.16
C PHE A 66 6.16 -6.69 6.94
N ARG A 67 7.29 -6.42 7.56
CA ARG A 67 8.48 -7.28 7.45
C ARG A 67 8.14 -8.72 7.82
N GLY A 68 8.38 -9.63 6.92
CA GLY A 68 8.14 -11.04 7.19
C GLY A 68 6.79 -11.49 6.72
N GLN A 69 5.82 -10.59 6.78
CA GLN A 69 4.47 -10.86 6.37
C GLN A 69 4.31 -10.91 4.86
N GLU A 70 4.95 -11.89 4.25
CA GLU A 70 4.90 -12.11 2.81
C GLU A 70 3.48 -12.29 2.34
N ASP A 71 2.67 -12.82 3.22
CA ASP A 71 1.26 -13.01 3.00
C ASP A 71 0.57 -11.69 2.62
N LEU A 72 0.84 -10.66 3.39
CA LEU A 72 0.29 -9.33 3.15
C LEU A 72 0.99 -8.66 1.96
N LEU A 73 2.27 -8.95 1.84
CA LEU A 73 3.15 -8.30 0.84
C LEU A 73 2.83 -8.81 -0.57
N SER A 74 2.42 -10.06 -0.66
CA SER A 74 2.11 -10.68 -1.93
C SER A 74 0.86 -10.06 -2.58
N GLU A 75 -0.11 -9.69 -1.77
CA GLU A 75 -1.35 -9.09 -2.26
C GLU A 75 -1.13 -7.65 -2.68
N PHE A 76 -0.09 -7.05 -2.14
CA PHE A 76 0.26 -5.66 -2.40
C PHE A 76 0.48 -5.42 -3.89
N GLY A 77 1.16 -6.34 -4.57
CA GLY A 77 1.40 -6.19 -6.01
C GLY A 77 0.12 -6.26 -6.85
N GLN A 78 -0.91 -6.91 -6.31
CA GLN A 78 -2.19 -7.02 -6.98
C GLN A 78 -3.09 -5.86 -6.65
N PHE A 79 -2.93 -5.31 -5.46
CA PHE A 79 -3.69 -4.14 -5.07
C PHE A 79 -3.17 -2.93 -5.84
N LEU A 80 -1.87 -2.94 -6.03
CA LEU A 80 -1.19 -1.95 -6.81
C LEU A 80 -1.51 -2.08 -8.29
N PRO A 81 -1.29 -1.00 -9.05
CA PRO A 81 -1.47 -0.97 -10.52
C PRO A 81 -0.54 -1.95 -11.30
N GLU A 82 0.13 -2.84 -10.61
CA GLU A 82 0.99 -3.79 -11.24
C GLU A 82 0.25 -5.00 -11.74
N ALA A 83 -0.01 -5.94 -10.86
CA ALA A 83 -0.55 -7.21 -11.26
C ALA A 83 -2.00 -7.12 -11.70
N LYS A 84 -2.72 -6.09 -11.29
CA LYS A 84 -4.12 -5.98 -11.67
C LYS A 84 -4.31 -5.29 -13.01
N ARG A 85 -3.31 -4.58 -13.48
CA ARG A 85 -3.43 -3.88 -14.76
C ARG A 85 -2.76 -4.67 -15.86
N GLU A 1 -22.11 3.55 -3.42
CA GLU A 1 -21.45 2.98 -4.57
C GLU A 1 -22.15 1.69 -4.94
N SER A 2 -21.63 1.01 -5.92
CA SER A 2 -22.08 -0.29 -6.29
C SER A 2 -21.20 -1.31 -5.58
N ASP A 3 -21.49 -2.60 -5.73
CA ASP A 3 -20.67 -3.63 -5.10
C ASP A 3 -19.30 -3.63 -5.69
N SER A 4 -18.41 -3.09 -4.96
CA SER A 4 -17.08 -2.97 -5.35
C SER A 4 -16.33 -4.19 -4.85
N VAL A 5 -16.35 -5.25 -5.62
CA VAL A 5 -15.78 -6.52 -5.25
C VAL A 5 -14.28 -6.42 -5.04
N GLU A 6 -13.60 -5.86 -6.02
CA GLU A 6 -12.14 -5.72 -5.96
C GLU A 6 -11.76 -4.79 -4.82
N PHE A 7 -12.61 -3.80 -4.59
CA PHE A 7 -12.43 -2.85 -3.53
C PHE A 7 -12.65 -3.51 -2.19
N ASN A 8 -13.68 -4.35 -2.06
CA ASN A 8 -13.98 -5.03 -0.86
C ASN A 8 -12.88 -6.04 -0.54
N ASN A 9 -12.32 -6.67 -1.55
CA ASN A 9 -11.17 -7.56 -1.36
C ASN A 9 -9.99 -6.75 -0.88
N ALA A 10 -9.86 -5.55 -1.42
CA ALA A 10 -8.84 -4.60 -1.01
C ALA A 10 -9.08 -4.19 0.42
N ILE A 11 -10.33 -3.98 0.78
CA ILE A 11 -10.70 -3.62 2.13
C ILE A 11 -10.39 -4.77 3.07
N SER A 12 -10.61 -5.98 2.58
CA SER A 12 -10.30 -7.17 3.34
C SER A 12 -8.80 -7.25 3.59
N TYR A 13 -8.02 -6.88 2.58
CA TYR A 13 -6.58 -6.76 2.71
C TYR A 13 -6.23 -5.72 3.77
N VAL A 14 -6.87 -4.56 3.67
CA VAL A 14 -6.66 -3.49 4.62
C VAL A 14 -7.07 -3.90 6.05
N ASN A 15 -8.24 -4.51 6.18
CA ASN A 15 -8.75 -5.01 7.44
C ASN A 15 -7.77 -6.01 8.05
N LYS A 16 -7.22 -6.84 7.20
CA LYS A 16 -6.25 -7.82 7.59
C LYS A 16 -5.01 -7.13 8.17
N ILE A 17 -4.58 -6.05 7.50
CA ILE A 17 -3.48 -5.23 7.97
C ILE A 17 -3.85 -4.65 9.33
N LYS A 18 -5.08 -4.11 9.43
CA LYS A 18 -5.58 -3.52 10.66
C LYS A 18 -5.45 -4.52 11.79
N THR A 19 -5.97 -5.71 11.57
CA THR A 19 -6.01 -6.79 12.50
C THR A 19 -4.62 -7.29 12.93
N ARG A 20 -3.75 -7.47 11.97
CA ARG A 20 -2.43 -7.98 12.22
C ARG A 20 -1.57 -7.06 13.05
N PHE A 21 -1.92 -5.82 13.08
CA PHE A 21 -1.20 -4.84 13.83
C PHE A 21 -2.19 -4.01 14.63
N LEU A 22 -3.24 -4.67 15.10
CA LEU A 22 -4.37 -4.02 15.72
C LEU A 22 -4.03 -3.35 17.05
N ASP A 23 -2.97 -3.79 17.68
CA ASP A 23 -2.58 -3.23 18.95
C ASP A 23 -1.67 -2.05 18.75
N HIS A 24 -1.19 -1.88 17.54
CA HIS A 24 -0.27 -0.83 17.21
C HIS A 24 -0.73 -0.04 16.00
N PRO A 25 -1.59 0.97 16.19
CA PRO A 25 -2.12 1.81 15.10
C PRO A 25 -1.00 2.53 14.31
N GLU A 26 0.15 2.73 14.96
CA GLU A 26 1.31 3.36 14.36
C GLU A 26 1.78 2.64 13.09
N ILE A 27 1.69 1.32 13.10
CA ILE A 27 2.13 0.49 11.98
C ILE A 27 1.19 0.68 10.81
N TYR A 28 -0.08 0.65 11.14
CA TYR A 28 -1.16 0.88 10.18
C TYR A 28 -0.94 2.25 9.55
N ARG A 29 -0.80 3.23 10.42
CA ARG A 29 -0.61 4.61 10.09
C ARG A 29 0.64 4.84 9.20
N SER A 30 1.77 4.29 9.62
CA SER A 30 3.04 4.45 8.90
C SER A 30 2.96 3.86 7.49
N PHE A 31 2.24 2.77 7.34
CA PHE A 31 2.07 2.22 6.03
C PHE A 31 1.08 3.06 5.21
N LEU A 32 0.02 3.50 5.83
CA LEU A 32 -0.97 4.32 5.18
C LEU A 32 -0.36 5.59 4.62
N GLU A 33 0.66 6.10 5.29
CA GLU A 33 1.33 7.29 4.83
C GLU A 33 1.99 7.01 3.47
N ILE A 34 2.49 5.78 3.30
CA ILE A 34 3.14 5.35 2.10
C ILE A 34 2.13 5.19 1.00
N LEU A 35 1.01 4.56 1.29
CA LEU A 35 0.00 4.31 0.29
C LEU A 35 -0.59 5.65 -0.20
N HIS A 36 -0.89 6.54 0.72
CA HIS A 36 -1.38 7.88 0.37
C HIS A 36 -0.34 8.61 -0.46
N THR A 37 0.90 8.55 0.00
CA THR A 37 2.05 9.10 -0.69
C THR A 37 2.13 8.53 -2.11
N TYR A 38 1.95 7.25 -2.23
CA TYR A 38 2.05 6.53 -3.47
C TYR A 38 1.00 7.01 -4.47
N GLN A 39 -0.23 7.19 -4.00
CA GLN A 39 -1.33 7.65 -4.86
C GLN A 39 -1.01 9.02 -5.43
N LYS A 40 -0.58 9.90 -4.56
CA LYS A 40 -0.29 11.26 -4.95
C LYS A 40 1.04 11.41 -5.66
N GLU A 41 1.87 10.39 -5.53
CA GLU A 41 3.17 10.30 -6.20
C GLU A 41 2.90 10.06 -7.68
N GLN A 42 1.81 9.36 -7.95
CA GLN A 42 1.42 9.04 -9.31
C GLN A 42 0.73 10.20 -9.98
N LEU A 43 0.41 11.23 -9.19
CA LEU A 43 -0.32 12.41 -9.64
C LEU A 43 -1.64 11.99 -10.30
N HIS A 44 -2.47 11.26 -9.55
CA HIS A 44 -3.74 10.77 -10.08
C HIS A 44 -4.69 11.94 -10.41
N THR A 45 -4.67 12.92 -9.55
CA THR A 45 -5.38 14.16 -9.69
C THR A 45 -4.69 15.05 -8.72
N LYS A 46 -3.55 15.57 -9.20
CA LYS A 46 -2.57 16.30 -8.43
C LYS A 46 -2.15 15.49 -7.19
N GLY A 47 -1.51 16.12 -6.26
CA GLY A 47 -1.19 15.45 -5.05
C GLY A 47 0.13 15.85 -4.51
N ARG A 48 1.14 15.17 -4.94
CA ARG A 48 2.46 15.48 -4.47
C ARG A 48 3.12 16.43 -5.46
N PRO A 49 3.86 17.41 -5.00
CA PRO A 49 4.61 18.28 -5.87
C PRO A 49 5.84 17.54 -6.40
N PHE A 50 5.73 17.08 -7.64
CA PHE A 50 6.78 16.36 -8.36
C PHE A 50 6.89 14.91 -7.85
N ARG A 51 7.38 14.01 -8.71
CA ARG A 51 7.61 12.62 -8.38
C ARG A 51 8.42 12.44 -7.09
N GLY A 52 8.04 11.46 -6.38
CA GLY A 52 8.57 11.18 -5.08
C GLY A 52 9.06 9.79 -4.97
N MET A 53 8.37 9.08 -4.18
CA MET A 53 8.67 7.73 -3.81
C MET A 53 8.52 6.80 -5.03
N SER A 54 9.62 6.31 -5.54
CA SER A 54 9.62 5.44 -6.71
C SER A 54 9.14 4.04 -6.34
N GLU A 55 8.53 3.34 -7.28
CA GLU A 55 7.87 2.05 -7.09
C GLU A 55 8.69 1.03 -6.25
N GLU A 56 9.97 0.90 -6.54
CA GLU A 56 10.79 -0.03 -5.86
C GLU A 56 11.07 0.38 -4.41
N GLU A 57 11.21 1.67 -4.17
CA GLU A 57 11.44 2.13 -2.81
C GLU A 57 10.11 2.07 -2.05
N VAL A 58 9.01 2.21 -2.83
CA VAL A 58 7.68 2.09 -2.33
C VAL A 58 7.51 0.71 -1.74
N PHE A 59 7.80 -0.30 -2.55
CA PHE A 59 7.67 -1.68 -2.13
C PHE A 59 8.58 -1.96 -0.95
N THR A 60 9.74 -1.32 -0.93
CA THR A 60 10.66 -1.46 0.09
C THR A 60 10.09 -1.00 1.44
N GLU A 61 9.48 0.18 1.50
CA GLU A 61 8.99 0.66 2.77
C GLU A 61 7.79 -0.11 3.23
N VAL A 62 7.04 -0.64 2.28
CA VAL A 62 5.89 -1.46 2.57
C VAL A 62 6.35 -2.82 3.10
N ALA A 63 7.37 -3.39 2.45
CA ALA A 63 7.98 -4.65 2.90
C ALA A 63 8.60 -4.46 4.26
N ASN A 64 9.12 -3.28 4.47
CA ASN A 64 9.70 -2.82 5.72
C ASN A 64 8.65 -2.66 6.80
N LEU A 65 7.45 -2.35 6.43
CA LEU A 65 6.42 -2.21 7.40
C LEU A 65 5.98 -3.60 7.82
N PHE A 66 5.75 -4.44 6.84
CA PHE A 66 5.25 -5.76 7.07
C PHE A 66 6.38 -6.78 6.93
N ARG A 67 7.50 -6.52 7.60
CA ARG A 67 8.65 -7.43 7.55
C ARG A 67 8.31 -8.75 8.25
N GLY A 68 7.91 -9.72 7.49
CA GLY A 68 7.57 -11.00 8.03
C GLY A 68 6.25 -11.47 7.52
N GLN A 69 5.32 -10.54 7.39
CA GLN A 69 4.02 -10.81 6.88
C GLN A 69 4.07 -10.89 5.36
N GLU A 70 4.50 -12.03 4.86
CA GLU A 70 4.70 -12.24 3.43
C GLU A 70 3.38 -12.23 2.69
N ASP A 71 2.32 -12.56 3.43
CA ASP A 71 0.94 -12.52 2.91
C ASP A 71 0.64 -11.14 2.39
N LEU A 72 0.85 -10.17 3.26
CA LEU A 72 0.52 -8.79 2.98
C LEU A 72 1.38 -8.24 1.85
N LEU A 73 2.58 -8.74 1.74
CA LEU A 73 3.53 -8.28 0.73
C LEU A 73 3.13 -8.83 -0.64
N SER A 74 2.53 -9.99 -0.62
CA SER A 74 2.06 -10.61 -1.84
C SER A 74 0.75 -9.94 -2.29
N GLU A 75 -0.17 -9.76 -1.36
CA GLU A 75 -1.45 -9.14 -1.66
C GLU A 75 -1.28 -7.67 -2.05
N PHE A 76 -0.22 -7.05 -1.55
CA PHE A 76 0.11 -5.66 -1.87
C PHE A 76 0.40 -5.53 -3.36
N GLY A 77 1.16 -6.48 -3.89
CA GLY A 77 1.53 -6.44 -5.29
C GLY A 77 0.34 -6.63 -6.19
N GLN A 78 -0.60 -7.45 -5.74
CA GLN A 78 -1.79 -7.75 -6.49
C GLN A 78 -2.74 -6.54 -6.50
N PHE A 79 -2.66 -5.75 -5.44
CA PHE A 79 -3.46 -4.55 -5.30
C PHE A 79 -2.92 -3.43 -6.22
N LEU A 80 -1.66 -3.54 -6.56
CA LEU A 80 -1.01 -2.56 -7.39
C LEU A 80 -1.24 -2.78 -8.89
N PRO A 81 -0.93 -1.75 -9.74
CA PRO A 81 -1.04 -1.87 -11.18
C PRO A 81 -0.07 -2.93 -11.70
N GLU A 82 -0.60 -3.93 -12.36
CA GLU A 82 0.20 -5.01 -12.85
C GLU A 82 0.18 -5.20 -14.35
N ALA A 83 0.66 -4.21 -15.05
CA ALA A 83 0.82 -4.31 -16.47
C ALA A 83 1.96 -5.28 -16.79
N LYS A 84 2.95 -5.31 -15.90
CA LYS A 84 4.09 -6.19 -16.06
C LYS A 84 3.72 -7.63 -15.74
N ARG A 85 3.21 -7.85 -14.55
CA ARG A 85 2.87 -9.21 -14.11
C ARG A 85 1.49 -9.62 -14.59
N GLU A 1 -19.83 -4.68 -9.55
CA GLU A 1 -20.57 -3.58 -8.97
C GLU A 1 -21.88 -4.07 -8.36
N SER A 2 -22.82 -3.13 -8.09
CA SER A 2 -24.09 -3.42 -7.44
C SER A 2 -23.86 -3.72 -5.95
N ASP A 3 -22.65 -3.42 -5.54
CA ASP A 3 -22.10 -3.58 -4.22
C ASP A 3 -20.68 -3.16 -4.36
N SER A 4 -20.05 -2.88 -3.30
CA SER A 4 -18.70 -2.48 -3.33
C SER A 4 -17.81 -3.74 -3.42
N VAL A 5 -17.71 -4.30 -4.61
CA VAL A 5 -17.04 -5.55 -4.81
C VAL A 5 -15.52 -5.40 -4.75
N GLU A 6 -14.99 -4.52 -5.59
CA GLU A 6 -13.55 -4.28 -5.64
C GLU A 6 -13.07 -3.70 -4.32
N PHE A 7 -13.93 -2.89 -3.75
CA PHE A 7 -13.69 -2.28 -2.47
C PHE A 7 -13.62 -3.35 -1.41
N ASN A 8 -14.50 -4.35 -1.47
CA ASN A 8 -14.50 -5.43 -0.50
C ASN A 8 -13.20 -6.23 -0.56
N ASN A 9 -12.66 -6.39 -1.77
CA ASN A 9 -11.39 -7.08 -1.98
C ASN A 9 -10.27 -6.27 -1.37
N ALA A 10 -10.42 -4.97 -1.47
CA ALA A 10 -9.49 -4.05 -0.88
C ALA A 10 -9.62 -4.09 0.64
N ILE A 11 -10.86 -4.17 1.12
CA ILE A 11 -11.15 -4.20 2.55
C ILE A 11 -10.55 -5.41 3.18
N SER A 12 -10.76 -6.57 2.58
CA SER A 12 -10.23 -7.81 3.12
C SER A 12 -8.71 -7.76 3.31
N TYR A 13 -8.01 -7.15 2.36
CA TYR A 13 -6.58 -6.96 2.46
C TYR A 13 -6.26 -6.03 3.65
N VAL A 14 -6.96 -4.92 3.71
CA VAL A 14 -6.76 -3.94 4.75
C VAL A 14 -7.13 -4.49 6.14
N ASN A 15 -8.30 -5.12 6.22
CA ASN A 15 -8.86 -5.68 7.43
C ASN A 15 -7.92 -6.69 8.06
N LYS A 16 -7.26 -7.42 7.20
CA LYS A 16 -6.29 -8.39 7.60
C LYS A 16 -5.14 -7.69 8.32
N ILE A 17 -4.68 -6.59 7.73
CA ILE A 17 -3.63 -5.76 8.28
C ILE A 17 -4.07 -5.21 9.64
N LYS A 18 -5.28 -4.61 9.65
CA LYS A 18 -5.86 -3.96 10.82
C LYS A 18 -5.77 -4.85 12.05
N THR A 19 -6.20 -6.09 11.92
CA THR A 19 -6.21 -7.06 12.97
C THR A 19 -4.79 -7.51 13.36
N ARG A 20 -3.93 -7.61 12.41
CA ARG A 20 -2.59 -8.13 12.62
C ARG A 20 -1.67 -7.14 13.29
N PHE A 21 -2.03 -5.90 13.21
CA PHE A 21 -1.28 -4.82 13.81
C PHE A 21 -2.26 -3.96 14.58
N LEU A 22 -3.24 -4.63 15.14
CA LEU A 22 -4.39 -4.05 15.81
C LEU A 22 -4.00 -3.22 17.03
N ASP A 23 -2.91 -3.58 17.66
CA ASP A 23 -2.49 -2.88 18.88
C ASP A 23 -1.47 -1.81 18.53
N HIS A 24 -1.13 -1.71 17.27
CA HIS A 24 -0.12 -0.80 16.83
C HIS A 24 -0.65 0.14 15.75
N PRO A 25 -1.26 1.27 16.16
CA PRO A 25 -1.82 2.23 15.23
C PRO A 25 -0.75 2.80 14.30
N GLU A 26 0.44 3.01 14.86
CA GLU A 26 1.57 3.59 14.16
C GLU A 26 1.99 2.76 12.93
N ILE A 27 1.85 1.44 13.01
CA ILE A 27 2.23 0.55 11.93
C ILE A 27 1.25 0.69 10.77
N TYR A 28 -0.02 0.69 11.11
CA TYR A 28 -1.09 0.89 10.14
C TYR A 28 -0.88 2.27 9.49
N ARG A 29 -0.68 3.23 10.36
CA ARG A 29 -0.48 4.62 10.08
C ARG A 29 0.69 4.88 9.11
N SER A 30 1.87 4.39 9.45
CA SER A 30 3.06 4.60 8.65
C SER A 30 2.94 3.97 7.29
N PHE A 31 2.20 2.91 7.19
CA PHE A 31 1.95 2.35 5.91
C PHE A 31 0.97 3.21 5.12
N LEU A 32 -0.04 3.70 5.79
CA LEU A 32 -1.03 4.58 5.20
C LEU A 32 -0.36 5.80 4.60
N GLU A 33 0.68 6.28 5.25
CA GLU A 33 1.42 7.43 4.78
C GLU A 33 2.10 7.09 3.44
N ILE A 34 2.53 5.83 3.30
CA ILE A 34 3.20 5.35 2.11
C ILE A 34 2.21 5.26 0.97
N LEU A 35 1.04 4.74 1.23
CA LEU A 35 0.05 4.59 0.21
C LEU A 35 -0.41 5.96 -0.30
N HIS A 36 -0.58 6.92 0.61
CA HIS A 36 -0.94 8.27 0.18
C HIS A 36 0.22 8.89 -0.61
N THR A 37 1.41 8.66 -0.13
CA THR A 37 2.64 9.06 -0.79
C THR A 37 2.70 8.45 -2.21
N TYR A 38 2.27 7.23 -2.31
CA TYR A 38 2.26 6.53 -3.56
C TYR A 38 1.18 7.12 -4.48
N GLN A 39 0.10 7.59 -3.88
CA GLN A 39 -0.97 8.26 -4.61
C GLN A 39 -0.52 9.62 -5.12
N LYS A 40 0.50 10.18 -4.47
CA LYS A 40 1.11 11.44 -4.90
C LYS A 40 1.77 11.26 -6.26
N GLU A 41 2.17 10.04 -6.56
CA GLU A 41 2.75 9.74 -7.85
C GLU A 41 1.58 9.68 -8.83
N GLN A 42 0.57 8.94 -8.44
CA GLN A 42 -0.62 8.69 -9.26
C GLN A 42 -1.31 9.99 -9.64
N LEU A 43 -1.57 10.80 -8.67
CA LEU A 43 -2.18 12.06 -8.87
C LEU A 43 -1.13 13.14 -8.72
N HIS A 44 -0.59 13.57 -9.82
CA HIS A 44 0.47 14.55 -9.84
C HIS A 44 -0.14 15.93 -9.98
N THR A 45 -0.04 16.72 -8.94
CA THR A 45 -0.59 18.05 -8.95
C THR A 45 0.49 19.10 -9.21
N LYS A 46 0.74 19.35 -10.50
CA LYS A 46 1.68 20.37 -10.99
C LYS A 46 3.12 20.18 -10.48
N GLY A 47 3.95 21.13 -10.82
CA GLY A 47 5.29 21.16 -10.32
C GLY A 47 6.28 20.46 -11.20
N ARG A 48 7.44 20.26 -10.66
CA ARG A 48 8.54 19.64 -11.31
C ARG A 48 8.33 18.12 -11.33
N PRO A 49 9.06 17.40 -12.19
CA PRO A 49 8.99 15.95 -12.26
C PRO A 49 9.37 15.36 -10.90
N PHE A 50 8.42 14.78 -10.24
CA PHE A 50 8.60 14.33 -8.90
C PHE A 50 7.63 13.18 -8.63
N ARG A 51 8.17 12.02 -8.34
CA ARG A 51 7.34 10.86 -8.10
C ARG A 51 7.09 10.60 -6.65
N GLY A 52 7.73 11.35 -5.82
CA GLY A 52 7.52 11.25 -4.42
C GLY A 52 8.35 10.17 -3.80
N MET A 53 8.04 8.98 -4.16
CA MET A 53 8.62 7.82 -3.67
C MET A 53 8.71 6.87 -4.83
N SER A 54 9.91 6.42 -5.11
CA SER A 54 10.15 5.58 -6.25
C SER A 54 9.63 4.19 -5.97
N GLU A 55 9.19 3.49 -7.01
CA GLU A 55 8.56 2.17 -6.94
C GLU A 55 9.34 1.20 -6.07
N GLU A 56 10.64 1.13 -6.27
CA GLU A 56 11.48 0.21 -5.54
C GLU A 56 11.49 0.56 -4.06
N GLU A 57 11.52 1.84 -3.75
CA GLU A 57 11.55 2.26 -2.37
C GLU A 57 10.15 2.11 -1.78
N VAL A 58 9.13 2.25 -2.64
CA VAL A 58 7.75 2.02 -2.28
C VAL A 58 7.62 0.60 -1.78
N PHE A 59 8.07 -0.31 -2.62
CA PHE A 59 8.02 -1.74 -2.38
C PHE A 59 8.80 -2.08 -1.10
N THR A 60 9.88 -1.35 -0.88
CA THR A 60 10.70 -1.49 0.23
C THR A 60 9.99 -1.02 1.52
N GLU A 61 9.41 0.18 1.53
CA GLU A 61 8.83 0.74 2.75
C GLU A 61 7.66 -0.09 3.24
N VAL A 62 6.95 -0.68 2.31
CA VAL A 62 5.82 -1.51 2.65
C VAL A 62 6.31 -2.85 3.21
N ALA A 63 7.36 -3.39 2.60
CA ALA A 63 7.97 -4.65 3.07
C ALA A 63 8.63 -4.41 4.41
N ASN A 64 9.12 -3.21 4.58
CA ASN A 64 9.72 -2.71 5.80
C ASN A 64 8.69 -2.64 6.92
N LEU A 65 7.49 -2.22 6.56
CA LEU A 65 6.43 -2.11 7.52
C LEU A 65 5.99 -3.51 7.95
N PHE A 66 5.57 -4.29 6.99
CA PHE A 66 5.00 -5.58 7.28
C PHE A 66 6.00 -6.70 7.09
N ARG A 67 7.25 -6.48 7.49
CA ARG A 67 8.25 -7.49 7.39
C ARG A 67 7.87 -8.72 8.21
N GLY A 68 7.74 -9.82 7.55
CA GLY A 68 7.32 -11.04 8.17
C GLY A 68 6.00 -11.48 7.63
N GLN A 69 5.17 -10.52 7.27
CA GLN A 69 3.88 -10.79 6.72
C GLN A 69 3.98 -10.77 5.21
N GLU A 70 4.68 -11.75 4.69
CA GLU A 70 4.96 -11.87 3.27
C GLU A 70 3.68 -12.14 2.49
N ASP A 71 2.70 -12.68 3.19
CA ASP A 71 1.37 -12.91 2.64
C ASP A 71 0.74 -11.58 2.22
N LEU A 72 0.83 -10.59 3.10
CA LEU A 72 0.29 -9.27 2.84
C LEU A 72 1.07 -8.59 1.74
N LEU A 73 2.37 -8.82 1.74
CA LEU A 73 3.26 -8.17 0.78
C LEU A 73 2.98 -8.68 -0.63
N SER A 74 2.50 -9.88 -0.70
CA SER A 74 2.14 -10.50 -1.95
C SER A 74 0.81 -9.97 -2.48
N GLU A 75 -0.15 -9.71 -1.59
CA GLU A 75 -1.42 -9.14 -2.01
C GLU A 75 -1.29 -7.65 -2.29
N PHE A 76 -0.30 -7.04 -1.66
CA PHE A 76 0.01 -5.63 -1.87
C PHE A 76 0.27 -5.35 -3.34
N GLY A 77 1.06 -6.22 -3.97
CA GLY A 77 1.40 -6.05 -5.37
C GLY A 77 0.19 -6.26 -6.28
N GLN A 78 -0.79 -6.96 -5.77
CA GLN A 78 -2.01 -7.24 -6.51
C GLN A 78 -2.96 -6.05 -6.39
N PHE A 79 -2.98 -5.45 -5.22
CA PHE A 79 -3.84 -4.30 -4.93
C PHE A 79 -3.37 -3.06 -5.69
N LEU A 80 -2.09 -2.98 -5.96
CA LEU A 80 -1.51 -1.83 -6.63
C LEU A 80 -1.57 -1.87 -8.16
N PRO A 81 -1.41 -0.69 -8.82
CA PRO A 81 -1.39 -0.56 -10.28
C PRO A 81 -0.22 -1.33 -10.91
N GLU A 82 -0.54 -2.18 -11.86
CA GLU A 82 0.44 -3.04 -12.50
C GLU A 82 1.38 -2.28 -13.44
N ALA A 83 0.87 -1.27 -14.11
CA ALA A 83 1.67 -0.50 -15.05
C ALA A 83 2.64 0.40 -14.31
N LYS A 84 2.28 0.77 -13.11
CA LYS A 84 3.13 1.59 -12.26
C LYS A 84 4.20 0.76 -11.59
N ARG A 85 4.00 -0.54 -11.56
CA ARG A 85 5.00 -1.44 -11.02
C ARG A 85 5.85 -2.00 -12.14
N GLU A 1 -23.88 2.14 -2.05
CA GLU A 1 -22.76 1.22 -1.95
C GLU A 1 -22.74 0.28 -3.16
N SER A 2 -21.74 0.44 -3.98
CA SER A 2 -21.52 -0.44 -5.09
C SER A 2 -20.43 -1.42 -4.68
N ASP A 3 -20.06 -2.30 -5.55
CA ASP A 3 -19.03 -3.25 -5.21
C ASP A 3 -17.82 -3.08 -6.05
N SER A 4 -16.85 -2.47 -5.47
CA SER A 4 -15.59 -2.31 -6.08
C SER A 4 -14.78 -3.50 -5.65
N VAL A 5 -14.62 -4.41 -6.56
CA VAL A 5 -14.03 -5.70 -6.32
C VAL A 5 -12.55 -5.58 -5.99
N GLU A 6 -11.88 -4.73 -6.73
CA GLU A 6 -10.46 -4.53 -6.50
C GLU A 6 -10.25 -3.85 -5.16
N PHE A 7 -11.20 -3.01 -4.84
CA PHE A 7 -11.22 -2.28 -3.62
C PHE A 7 -11.49 -3.22 -2.48
N ASN A 8 -12.48 -4.08 -2.60
CA ASN A 8 -12.78 -5.05 -1.54
C ASN A 8 -11.65 -6.04 -1.32
N ASN A 9 -10.93 -6.39 -2.37
CA ASN A 9 -9.71 -7.20 -2.24
C ASN A 9 -8.70 -6.42 -1.42
N ALA A 10 -8.54 -5.15 -1.78
CA ALA A 10 -7.67 -4.23 -1.09
C ALA A 10 -8.12 -4.05 0.36
N ILE A 11 -9.42 -3.97 0.60
CA ILE A 11 -9.95 -3.76 1.93
C ILE A 11 -9.69 -4.97 2.79
N SER A 12 -9.88 -6.15 2.24
CA SER A 12 -9.63 -7.38 2.95
C SER A 12 -8.14 -7.48 3.30
N TYR A 13 -7.30 -7.06 2.36
CA TYR A 13 -5.88 -6.93 2.61
C TYR A 13 -5.63 -5.97 3.77
N VAL A 14 -6.29 -4.82 3.72
CA VAL A 14 -6.18 -3.80 4.77
C VAL A 14 -6.71 -4.31 6.11
N ASN A 15 -7.86 -4.97 6.09
CA ASN A 15 -8.49 -5.54 7.26
C ASN A 15 -7.55 -6.49 7.99
N LYS A 16 -6.77 -7.23 7.23
CA LYS A 16 -5.78 -8.13 7.80
C LYS A 16 -4.72 -7.32 8.52
N ILE A 17 -4.31 -6.22 7.91
CA ILE A 17 -3.36 -5.31 8.48
C ILE A 17 -3.91 -4.73 9.78
N LYS A 18 -5.15 -4.25 9.71
CA LYS A 18 -5.85 -3.64 10.83
C LYS A 18 -5.78 -4.55 12.05
N THR A 19 -6.04 -5.81 11.81
CA THR A 19 -6.07 -6.86 12.77
C THR A 19 -4.65 -7.29 13.23
N ARG A 20 -3.74 -7.43 12.32
CA ARG A 20 -2.40 -7.89 12.64
C ARG A 20 -1.58 -6.85 13.34
N PHE A 21 -1.93 -5.64 13.12
CA PHE A 21 -1.27 -4.54 13.74
C PHE A 21 -2.33 -3.79 14.53
N LEU A 22 -3.25 -4.57 15.07
CA LEU A 22 -4.41 -4.09 15.79
C LEU A 22 -4.01 -3.34 17.05
N ASP A 23 -2.99 -3.83 17.71
CA ASP A 23 -2.51 -3.20 18.94
C ASP A 23 -1.39 -2.23 18.61
N HIS A 24 -1.06 -2.14 17.34
CA HIS A 24 0.00 -1.29 16.87
C HIS A 24 -0.51 -0.33 15.78
N PRO A 25 -1.36 0.67 16.15
CA PRO A 25 -1.98 1.58 15.17
C PRO A 25 -0.95 2.43 14.45
N GLU A 26 0.19 2.61 15.09
CA GLU A 26 1.28 3.38 14.53
C GLU A 26 1.80 2.77 13.23
N ILE A 27 1.79 1.45 13.16
CA ILE A 27 2.28 0.75 11.99
C ILE A 27 1.28 0.90 10.87
N TYR A 28 0.00 0.85 11.24
CA TYR A 28 -1.11 1.01 10.33
C TYR A 28 -1.02 2.40 9.68
N ARG A 29 -0.81 3.40 10.52
CA ARG A 29 -0.73 4.78 10.10
C ARG A 29 0.50 5.04 9.23
N SER A 30 1.61 4.41 9.60
CA SER A 30 2.85 4.53 8.85
C SER A 30 2.68 3.93 7.46
N PHE A 31 1.84 2.95 7.36
CA PHE A 31 1.54 2.39 6.07
C PHE A 31 0.65 3.31 5.26
N LEU A 32 -0.39 3.81 5.90
CA LEU A 32 -1.33 4.73 5.27
C LEU A 32 -0.63 5.94 4.69
N GLU A 33 0.42 6.37 5.35
CA GLU A 33 1.20 7.50 4.91
C GLU A 33 1.95 7.16 3.62
N ILE A 34 2.29 5.88 3.44
CA ILE A 34 3.00 5.40 2.28
C ILE A 34 2.05 5.45 1.11
N LEU A 35 0.82 5.05 1.33
CA LEU A 35 -0.16 5.13 0.27
C LEU A 35 -0.56 6.55 -0.04
N HIS A 36 -0.45 7.41 0.96
CA HIS A 36 -0.64 8.85 0.74
C HIS A 36 0.51 9.35 -0.14
N THR A 37 1.71 8.96 0.24
CA THR A 37 2.95 9.22 -0.47
C THR A 37 2.89 8.66 -1.91
N TYR A 38 2.31 7.50 -2.05
CA TYR A 38 2.21 6.82 -3.33
C TYR A 38 1.25 7.56 -4.25
N GLN A 39 0.26 8.18 -3.65
CA GLN A 39 -0.72 8.96 -4.37
C GLN A 39 -0.13 10.24 -4.93
N LYS A 40 0.98 10.69 -4.36
CA LYS A 40 1.67 11.90 -4.84
C LYS A 40 2.25 11.65 -6.24
N GLU A 41 2.36 10.39 -6.60
CA GLU A 41 2.80 10.00 -7.93
C GLU A 41 1.63 9.96 -8.88
N GLN A 42 0.51 9.50 -8.37
CA GLN A 42 -0.70 9.34 -9.17
C GLN A 42 -1.34 10.69 -9.45
N LEU A 43 -1.42 11.50 -8.43
CA LEU A 43 -1.93 12.83 -8.57
C LEU A 43 -0.80 13.71 -9.05
N HIS A 44 -1.10 14.67 -9.88
CA HIS A 44 -0.06 15.54 -10.39
C HIS A 44 0.27 16.62 -9.37
N THR A 45 0.93 16.21 -8.32
CA THR A 45 1.39 17.03 -7.26
C THR A 45 2.50 16.28 -6.53
N LYS A 46 3.72 16.65 -6.85
CA LYS A 46 4.89 16.04 -6.27
C LYS A 46 4.94 16.14 -4.75
N GLY A 47 5.24 17.31 -4.26
CA GLY A 47 5.35 17.53 -2.83
C GLY A 47 6.72 17.17 -2.34
N ARG A 48 7.13 15.94 -2.63
CA ARG A 48 8.42 15.42 -2.30
C ARG A 48 9.46 16.20 -3.13
N PRO A 49 10.53 16.66 -2.50
CA PRO A 49 11.51 17.55 -3.12
C PRO A 49 12.26 16.99 -4.34
N PHE A 50 11.78 17.39 -5.52
CA PHE A 50 12.41 17.15 -6.84
C PHE A 50 12.55 15.64 -7.19
N ARG A 51 11.91 14.80 -6.42
CA ARG A 51 12.00 13.38 -6.65
C ARG A 51 10.70 12.74 -6.23
N GLY A 52 10.21 11.85 -7.03
CA GLY A 52 9.01 11.16 -6.71
C GLY A 52 9.29 9.88 -5.99
N MET A 53 8.26 9.17 -5.70
CA MET A 53 8.34 7.92 -5.02
C MET A 53 8.50 6.83 -6.06
N SER A 54 9.62 6.18 -6.08
CA SER A 54 9.80 5.11 -7.02
C SER A 54 9.06 3.90 -6.49
N GLU A 55 8.55 3.08 -7.37
CA GLU A 55 7.71 1.98 -7.02
C GLU A 55 8.49 0.90 -6.29
N GLU A 56 9.74 0.76 -6.63
CA GLU A 56 10.61 -0.18 -5.96
C GLU A 56 10.84 0.27 -4.51
N GLU A 57 10.88 1.58 -4.29
CA GLU A 57 11.10 2.09 -2.96
C GLU A 57 9.78 2.06 -2.21
N VAL A 58 8.68 2.06 -2.99
CA VAL A 58 7.37 1.93 -2.47
C VAL A 58 7.21 0.58 -1.82
N PHE A 59 7.52 -0.46 -2.58
CA PHE A 59 7.38 -1.82 -2.12
C PHE A 59 8.29 -2.05 -0.92
N THR A 60 9.43 -1.38 -0.90
CA THR A 60 10.34 -1.46 0.15
C THR A 60 9.72 -0.98 1.48
N GLU A 61 9.08 0.18 1.49
CA GLU A 61 8.53 0.71 2.72
C GLU A 61 7.37 -0.14 3.20
N VAL A 62 6.68 -0.73 2.26
CA VAL A 62 5.58 -1.61 2.56
C VAL A 62 6.09 -2.95 3.12
N ALA A 63 7.17 -3.45 2.55
CA ALA A 63 7.82 -4.69 3.04
C ALA A 63 8.40 -4.45 4.43
N ASN A 64 8.91 -3.26 4.62
CA ASN A 64 9.44 -2.78 5.90
C ASN A 64 8.32 -2.67 6.95
N LEU A 65 7.18 -2.25 6.49
CA LEU A 65 6.00 -2.07 7.29
C LEU A 65 5.51 -3.45 7.79
N PHE A 66 5.26 -4.36 6.87
CA PHE A 66 4.69 -5.67 7.19
C PHE A 66 5.75 -6.73 7.16
N ARG A 67 6.92 -6.39 7.67
CA ARG A 67 8.05 -7.28 7.71
C ARG A 67 7.71 -8.62 8.38
N GLY A 68 7.71 -9.66 7.58
CA GLY A 68 7.40 -10.98 8.08
C GLY A 68 6.08 -11.51 7.55
N GLN A 69 5.18 -10.60 7.19
CA GLN A 69 3.87 -10.98 6.69
C GLN A 69 3.89 -11.14 5.18
N GLU A 70 4.33 -12.30 4.71
CA GLU A 70 4.47 -12.55 3.29
C GLU A 70 3.16 -12.50 2.53
N ASP A 71 2.07 -12.88 3.20
CA ASP A 71 0.74 -12.87 2.56
C ASP A 71 0.34 -11.45 2.21
N LEU A 72 0.51 -10.55 3.16
CA LEU A 72 0.14 -9.15 2.97
C LEU A 72 1.01 -8.50 1.89
N LEU A 73 2.26 -8.88 1.85
CA LEU A 73 3.20 -8.31 0.90
C LEU A 73 2.86 -8.80 -0.50
N SER A 74 2.42 -10.02 -0.57
CA SER A 74 2.02 -10.61 -1.82
C SER A 74 0.67 -10.04 -2.28
N GLU A 75 -0.25 -9.78 -1.34
CA GLU A 75 -1.54 -9.17 -1.69
C GLU A 75 -1.37 -7.73 -2.12
N PHE A 76 -0.38 -7.08 -1.54
CA PHE A 76 -0.03 -5.74 -1.92
C PHE A 76 0.43 -5.75 -3.38
N GLY A 77 1.30 -6.70 -3.71
CA GLY A 77 1.79 -6.83 -5.07
C GLY A 77 0.70 -7.29 -6.04
N GLN A 78 -0.25 -8.05 -5.53
CA GLN A 78 -1.41 -8.51 -6.28
C GLN A 78 -2.20 -7.29 -6.74
N PHE A 79 -2.52 -6.44 -5.76
CA PHE A 79 -3.29 -5.25 -6.00
C PHE A 79 -2.51 -4.24 -6.84
N LEU A 80 -1.21 -4.19 -6.66
CA LEU A 80 -0.39 -3.25 -7.40
C LEU A 80 -0.04 -3.71 -8.82
N PRO A 81 0.26 -2.73 -9.68
CA PRO A 81 0.73 -2.98 -11.03
C PRO A 81 2.25 -3.22 -11.05
N GLU A 82 2.71 -3.97 -12.06
CA GLU A 82 4.13 -4.17 -12.36
C GLU A 82 4.94 -4.76 -11.20
N ALA A 83 4.25 -5.42 -10.29
CA ALA A 83 4.85 -6.04 -9.13
C ALA A 83 5.63 -7.29 -9.52
N LYS A 84 5.36 -7.78 -10.71
CA LYS A 84 6.09 -8.90 -11.28
C LYS A 84 7.53 -8.51 -11.59
N ARG A 85 7.79 -7.21 -11.64
CA ARG A 85 9.13 -6.70 -11.86
C ARG A 85 9.90 -6.70 -10.53
N GLU A 1 -19.08 2.87 -4.90
CA GLU A 1 -18.69 3.26 -6.24
C GLU A 1 -18.67 1.99 -7.11
N SER A 2 -19.75 1.78 -7.85
CA SER A 2 -19.94 0.62 -8.71
C SER A 2 -19.94 -0.67 -7.87
N ASP A 3 -19.85 -1.82 -8.51
CA ASP A 3 -19.72 -3.07 -7.75
C ASP A 3 -18.43 -3.00 -6.98
N SER A 4 -18.50 -3.27 -5.72
CA SER A 4 -17.36 -3.06 -4.88
C SER A 4 -16.87 -4.36 -4.28
N VAL A 5 -16.81 -5.35 -5.10
CA VAL A 5 -16.45 -6.65 -4.70
C VAL A 5 -14.95 -6.72 -4.42
N GLU A 6 -14.18 -6.21 -5.36
CA GLU A 6 -12.74 -6.18 -5.24
C GLU A 6 -12.33 -5.18 -4.19
N PHE A 7 -13.13 -4.16 -4.03
CA PHE A 7 -12.94 -3.16 -3.00
C PHE A 7 -13.14 -3.83 -1.69
N ASN A 8 -14.16 -4.65 -1.56
CA ASN A 8 -14.45 -5.37 -0.36
C ASN A 8 -13.30 -6.36 -0.06
N ASN A 9 -12.73 -6.94 -1.10
CA ASN A 9 -11.57 -7.83 -0.98
C ASN A 9 -10.36 -7.03 -0.56
N ALA A 10 -10.29 -5.82 -1.06
CA ALA A 10 -9.25 -4.86 -0.71
C ALA A 10 -9.42 -4.48 0.75
N ILE A 11 -10.66 -4.34 1.17
CA ILE A 11 -10.96 -4.03 2.54
C ILE A 11 -10.58 -5.21 3.42
N SER A 12 -10.81 -6.41 2.92
CA SER A 12 -10.42 -7.62 3.62
C SER A 12 -8.89 -7.64 3.81
N TYR A 13 -8.17 -7.20 2.78
CA TYR A 13 -6.71 -7.03 2.84
C TYR A 13 -6.37 -6.03 3.95
N VAL A 14 -7.05 -4.90 3.93
CA VAL A 14 -6.86 -3.87 4.92
C VAL A 14 -7.23 -4.36 6.33
N ASN A 15 -8.34 -5.06 6.44
CA ASN A 15 -8.83 -5.65 7.65
C ASN A 15 -7.80 -6.61 8.24
N LYS A 16 -7.14 -7.34 7.37
CA LYS A 16 -6.11 -8.27 7.75
C LYS A 16 -4.89 -7.49 8.28
N ILE A 17 -4.62 -6.33 7.69
CA ILE A 17 -3.58 -5.44 8.20
C ILE A 17 -4.00 -4.98 9.59
N LYS A 18 -5.27 -4.57 9.71
CA LYS A 18 -5.84 -4.09 10.95
C LYS A 18 -5.64 -5.08 12.06
N THR A 19 -5.92 -6.34 11.79
CA THR A 19 -5.81 -7.38 12.80
C THR A 19 -4.33 -7.73 13.10
N ARG A 20 -3.50 -7.72 12.06
CA ARG A 20 -2.08 -8.06 12.20
C ARG A 20 -1.31 -7.06 13.01
N PHE A 21 -1.75 -5.86 12.96
CA PHE A 21 -1.11 -4.77 13.65
C PHE A 21 -2.16 -4.10 14.49
N LEU A 22 -3.05 -4.92 15.03
CA LEU A 22 -4.22 -4.48 15.78
C LEU A 22 -3.81 -3.64 17.01
N ASP A 23 -2.75 -4.03 17.64
CA ASP A 23 -2.28 -3.31 18.81
C ASP A 23 -1.19 -2.34 18.46
N HIS A 24 -0.83 -2.34 17.21
CA HIS A 24 0.23 -1.49 16.72
C HIS A 24 -0.29 -0.58 15.60
N PRO A 25 -1.08 0.46 15.95
CA PRO A 25 -1.73 1.31 14.96
C PRO A 25 -0.76 2.21 14.24
N GLU A 26 0.41 2.41 14.85
CA GLU A 26 1.46 3.23 14.28
C GLU A 26 1.87 2.69 12.91
N ILE A 27 1.87 1.37 12.78
CA ILE A 27 2.27 0.67 11.59
C ILE A 27 1.22 0.87 10.53
N TYR A 28 -0.02 0.68 10.93
CA TYR A 28 -1.19 0.86 10.08
C TYR A 28 -1.16 2.25 9.47
N ARG A 29 -1.05 3.24 10.34
CA ARG A 29 -1.05 4.63 9.97
C ARG A 29 0.16 4.99 9.11
N SER A 30 1.30 4.39 9.41
CA SER A 30 2.50 4.65 8.64
C SER A 30 2.38 4.07 7.25
N PHE A 31 1.62 3.02 7.12
CA PHE A 31 1.37 2.47 5.83
C PHE A 31 0.49 3.38 5.02
N LEU A 32 -0.54 3.89 5.66
CA LEU A 32 -1.45 4.81 5.08
C LEU A 32 -0.72 6.04 4.55
N GLU A 33 0.34 6.43 5.24
CA GLU A 33 1.12 7.58 4.83
C GLU A 33 1.94 7.23 3.56
N ILE A 34 2.38 5.97 3.47
CA ILE A 34 3.11 5.47 2.34
C ILE A 34 2.19 5.38 1.15
N LEU A 35 0.98 4.90 1.39
CA LEU A 35 0.01 4.75 0.35
C LEU A 35 -0.39 6.14 -0.17
N HIS A 36 -0.58 7.09 0.74
CA HIS A 36 -0.88 8.48 0.38
C HIS A 36 0.27 9.03 -0.48
N THR A 37 1.48 8.83 0.02
CA THR A 37 2.72 9.17 -0.67
C THR A 37 2.77 8.56 -2.07
N TYR A 38 2.41 7.31 -2.13
CA TYR A 38 2.43 6.56 -3.33
C TYR A 38 1.41 7.10 -4.33
N GLN A 39 0.27 7.53 -3.84
CA GLN A 39 -0.76 8.09 -4.70
C GLN A 39 -0.33 9.41 -5.30
N LYS A 40 0.52 10.13 -4.60
CA LYS A 40 1.09 11.34 -5.14
C LYS A 40 2.05 11.07 -6.28
N GLU A 41 2.66 9.89 -6.29
CA GLU A 41 3.54 9.48 -7.37
C GLU A 41 2.76 8.85 -8.52
N GLN A 42 1.60 8.31 -8.22
CA GLN A 42 0.71 7.78 -9.24
C GLN A 42 0.00 8.91 -9.94
N LEU A 43 -0.52 9.80 -9.14
CA LEU A 43 -1.18 10.99 -9.62
C LEU A 43 -0.15 12.11 -9.60
N HIS A 44 -0.60 13.31 -9.63
CA HIS A 44 0.27 14.44 -9.50
C HIS A 44 -0.40 15.44 -8.57
N THR A 45 -1.60 15.80 -8.93
CA THR A 45 -2.43 16.72 -8.19
C THR A 45 -1.79 18.12 -8.12
N LYS A 46 -1.07 18.42 -7.05
CA LYS A 46 -0.44 19.73 -6.85
C LYS A 46 0.34 19.75 -5.53
N GLY A 47 1.45 20.45 -5.53
CA GLY A 47 2.25 20.64 -4.33
C GLY A 47 2.71 19.33 -3.70
N ARG A 48 3.52 18.58 -4.40
CA ARG A 48 4.05 17.38 -3.89
C ARG A 48 5.34 17.66 -3.12
N PRO A 49 5.66 16.83 -2.12
CA PRO A 49 6.87 16.99 -1.34
C PRO A 49 8.03 16.28 -2.00
N PHE A 50 9.18 16.38 -1.40
CA PHE A 50 10.33 15.73 -1.93
C PHE A 50 10.39 14.31 -1.39
N ARG A 51 9.59 13.49 -2.00
CA ARG A 51 9.53 12.09 -1.71
C ARG A 51 8.90 11.41 -2.90
N GLY A 52 9.65 11.41 -3.97
CA GLY A 52 9.25 10.76 -5.18
C GLY A 52 9.52 9.30 -5.05
N MET A 53 8.70 8.65 -4.27
CA MET A 53 8.86 7.29 -3.92
C MET A 53 8.55 6.38 -5.11
N SER A 54 9.60 5.81 -5.65
CA SER A 54 9.50 4.93 -6.79
C SER A 54 9.26 3.48 -6.30
N GLU A 55 8.72 2.64 -7.17
CA GLU A 55 8.21 1.31 -6.88
C GLU A 55 9.10 0.45 -5.96
N GLU A 56 10.35 0.29 -6.31
CA GLU A 56 11.26 -0.51 -5.50
C GLU A 56 11.43 0.06 -4.10
N GLU A 57 11.54 1.37 -4.00
CA GLU A 57 11.72 1.99 -2.72
C GLU A 57 10.36 2.07 -2.00
N VAL A 58 9.28 2.01 -2.78
CA VAL A 58 7.94 1.93 -2.27
C VAL A 58 7.79 0.62 -1.55
N PHE A 59 8.13 -0.46 -2.26
CA PHE A 59 8.03 -1.80 -1.73
C PHE A 59 8.92 -1.94 -0.50
N THR A 60 10.01 -1.18 -0.48
CA THR A 60 10.89 -1.15 0.61
C THR A 60 10.16 -0.63 1.88
N GLU A 61 9.40 0.45 1.74
CA GLU A 61 8.73 1.04 2.87
C GLU A 61 7.63 0.11 3.36
N VAL A 62 6.99 -0.53 2.39
CA VAL A 62 5.88 -1.44 2.63
C VAL A 62 6.40 -2.76 3.26
N ALA A 63 7.55 -3.23 2.82
CA ALA A 63 8.17 -4.44 3.39
C ALA A 63 8.64 -4.15 4.81
N ASN A 64 9.02 -2.93 5.02
CA ASN A 64 9.41 -2.39 6.33
C ASN A 64 8.19 -2.19 7.21
N LEU A 65 7.09 -1.96 6.59
CA LEU A 65 5.87 -1.75 7.26
C LEU A 65 5.36 -3.13 7.73
N PHE A 66 5.17 -4.02 6.78
CA PHE A 66 4.63 -5.35 7.04
C PHE A 66 5.77 -6.37 7.08
N ARG A 67 6.81 -6.06 7.84
CA ARG A 67 7.99 -6.92 7.92
C ARG A 67 7.64 -8.37 8.24
N GLY A 68 8.00 -9.27 7.35
CA GLY A 68 7.80 -10.69 7.56
C GLY A 68 6.42 -11.16 7.15
N GLN A 69 5.52 -10.23 6.95
CA GLN A 69 4.17 -10.54 6.59
C GLN A 69 4.03 -10.54 5.08
N GLU A 70 4.59 -11.58 4.47
CA GLU A 70 4.63 -11.71 3.02
C GLU A 70 3.26 -11.66 2.38
N ASP A 71 2.27 -12.09 3.12
CA ASP A 71 0.87 -12.05 2.69
C ASP A 71 0.47 -10.67 2.23
N LEU A 72 0.79 -9.70 3.05
CA LEU A 72 0.40 -8.35 2.79
C LEU A 72 1.27 -7.73 1.69
N LEU A 73 2.48 -8.21 1.59
CA LEU A 73 3.45 -7.71 0.61
C LEU A 73 3.11 -8.24 -0.77
N SER A 74 2.79 -9.51 -0.84
CA SER A 74 2.45 -10.15 -2.08
C SER A 74 1.13 -9.64 -2.62
N GLU A 75 0.12 -9.53 -1.75
CA GLU A 75 -1.18 -9.06 -2.19
C GLU A 75 -1.16 -7.56 -2.48
N PHE A 76 -0.12 -6.88 -2.04
CA PHE A 76 0.05 -5.46 -2.31
C PHE A 76 0.21 -5.23 -3.81
N GLY A 77 0.90 -6.15 -4.49
CA GLY A 77 1.07 -6.07 -5.94
C GLY A 77 -0.22 -6.39 -6.69
N GLN A 78 -1.18 -6.95 -5.98
CA GLN A 78 -2.48 -7.27 -6.54
C GLN A 78 -3.48 -6.18 -6.19
N PHE A 79 -3.18 -5.51 -5.10
CA PHE A 79 -4.00 -4.46 -4.55
C PHE A 79 -3.91 -3.20 -5.40
N LEU A 80 -2.71 -2.88 -5.85
CA LEU A 80 -2.49 -1.67 -6.59
C LEU A 80 -1.53 -1.89 -7.81
N PRO A 81 -1.16 -0.83 -8.62
CA PRO A 81 -0.29 -0.99 -9.82
C PRO A 81 1.20 -1.20 -9.51
N GLU A 82 2.00 -1.14 -10.58
CA GLU A 82 3.47 -1.26 -10.55
C GLU A 82 3.95 -2.64 -10.12
N ALA A 83 3.09 -3.60 -10.32
CA ALA A 83 3.40 -4.98 -10.02
C ALA A 83 4.38 -5.53 -11.05
N LYS A 84 4.31 -4.99 -12.27
CA LYS A 84 5.19 -5.44 -13.36
C LYS A 84 6.60 -4.89 -13.17
N ARG A 85 6.68 -3.76 -12.51
CA ARG A 85 7.95 -3.10 -12.24
C ARG A 85 8.60 -3.67 -10.99
N GLU A 1 -18.93 4.46 -6.74
CA GLU A 1 -19.63 3.92 -5.60
C GLU A 1 -20.74 2.99 -6.03
N SER A 2 -20.43 1.73 -5.98
CA SER A 2 -21.32 0.64 -6.30
C SER A 2 -20.69 -0.58 -5.66
N ASP A 3 -21.12 -1.79 -6.03
CA ASP A 3 -20.51 -2.99 -5.49
C ASP A 3 -19.10 -3.08 -5.99
N SER A 4 -18.21 -3.41 -5.12
CA SER A 4 -16.81 -3.39 -5.42
C SER A 4 -16.10 -4.65 -4.90
N VAL A 5 -15.95 -5.61 -5.79
CA VAL A 5 -15.40 -6.91 -5.45
C VAL A 5 -13.91 -6.84 -5.19
N GLU A 6 -13.20 -6.16 -6.06
CA GLU A 6 -11.76 -6.03 -5.92
C GLU A 6 -11.45 -5.27 -4.66
N PHE A 7 -12.27 -4.27 -4.42
CA PHE A 7 -12.23 -3.45 -3.25
C PHE A 7 -12.50 -4.30 -2.03
N ASN A 8 -13.56 -5.10 -2.05
CA ASN A 8 -13.90 -6.00 -0.94
C ASN A 8 -12.72 -6.90 -0.56
N ASN A 9 -12.08 -7.45 -1.57
CA ASN A 9 -10.89 -8.30 -1.36
C ASN A 9 -9.76 -7.47 -0.77
N ALA A 10 -9.63 -6.26 -1.26
CA ALA A 10 -8.69 -5.32 -0.73
C ALA A 10 -9.05 -4.99 0.72
N ILE A 11 -10.35 -4.87 0.99
CA ILE A 11 -10.86 -4.61 2.34
C ILE A 11 -10.48 -5.73 3.27
N SER A 12 -10.62 -6.94 2.77
CA SER A 12 -10.31 -8.13 3.54
C SER A 12 -8.82 -8.12 3.91
N TYR A 13 -8.01 -7.71 2.96
CA TYR A 13 -6.60 -7.51 3.15
C TYR A 13 -6.34 -6.42 4.19
N VAL A 14 -6.99 -5.28 4.02
CA VAL A 14 -6.85 -4.16 4.93
C VAL A 14 -7.28 -4.54 6.33
N ASN A 15 -8.45 -5.16 6.46
CA ASN A 15 -8.99 -5.59 7.72
C ASN A 15 -8.02 -6.54 8.42
N LYS A 16 -7.39 -7.39 7.63
CA LYS A 16 -6.43 -8.32 8.13
C LYS A 16 -5.26 -7.55 8.76
N ILE A 17 -4.83 -6.50 8.08
CA ILE A 17 -3.78 -5.61 8.55
C ILE A 17 -4.21 -4.96 9.87
N LYS A 18 -5.45 -4.42 9.87
CA LYS A 18 -6.02 -3.73 11.02
C LYS A 18 -5.93 -4.61 12.26
N THR A 19 -6.27 -5.89 12.09
CA THR A 19 -6.22 -6.90 13.12
C THR A 19 -4.77 -7.34 13.47
N ARG A 20 -3.96 -7.57 12.46
CA ARG A 20 -2.59 -8.03 12.66
C ARG A 20 -1.77 -7.04 13.43
N PHE A 21 -2.01 -5.80 13.17
CA PHE A 21 -1.32 -4.72 13.80
C PHE A 21 -2.33 -3.94 14.63
N LEU A 22 -3.27 -4.65 15.24
CA LEU A 22 -4.35 -4.07 16.02
C LEU A 22 -3.81 -3.36 17.26
N ASP A 23 -2.70 -3.85 17.75
CA ASP A 23 -2.06 -3.27 18.90
C ASP A 23 -1.10 -2.18 18.52
N HIS A 24 -0.84 -2.06 17.24
CA HIS A 24 0.09 -1.08 16.73
C HIS A 24 -0.48 -0.31 15.56
N PRO A 25 -1.40 0.65 15.82
CA PRO A 25 -2.01 1.45 14.77
C PRO A 25 -0.98 2.34 14.08
N GLU A 26 0.15 2.50 14.75
CA GLU A 26 1.27 3.27 14.26
C GLU A 26 1.82 2.68 12.96
N ILE A 27 1.71 1.35 12.82
CA ILE A 27 2.18 0.66 11.65
C ILE A 27 1.21 0.87 10.52
N TYR A 28 -0.07 0.79 10.87
CA TYR A 28 -1.18 1.02 9.93
C TYR A 28 -1.02 2.43 9.36
N ARG A 29 -0.85 3.38 10.27
CA ARG A 29 -0.69 4.78 9.98
C ARG A 29 0.56 5.06 9.12
N SER A 30 1.67 4.39 9.44
CA SER A 30 2.91 4.56 8.69
C SER A 30 2.75 4.04 7.27
N PHE A 31 1.89 3.08 7.10
CA PHE A 31 1.59 2.57 5.80
C PHE A 31 0.75 3.55 5.01
N LEU A 32 -0.25 4.08 5.67
CA LEU A 32 -1.17 5.03 5.10
C LEU A 32 -0.44 6.23 4.51
N GLU A 33 0.68 6.58 5.09
CA GLU A 33 1.44 7.70 4.64
C GLU A 33 2.18 7.35 3.33
N ILE A 34 2.56 6.08 3.19
CA ILE A 34 3.24 5.59 2.03
C ILE A 34 2.29 5.57 0.88
N LEU A 35 1.10 5.10 1.13
CA LEU A 35 0.10 5.00 0.13
C LEU A 35 -0.33 6.42 -0.28
N HIS A 36 -0.41 7.32 0.71
CA HIS A 36 -0.74 8.72 0.45
C HIS A 36 0.33 9.30 -0.46
N THR A 37 1.57 9.11 -0.07
CA THR A 37 2.71 9.54 -0.83
C THR A 37 2.71 8.95 -2.25
N TYR A 38 2.37 7.70 -2.34
CA TYR A 38 2.35 6.99 -3.59
C TYR A 38 1.34 7.64 -4.56
N GLN A 39 0.15 7.91 -4.06
CA GLN A 39 -0.90 8.50 -4.89
C GLN A 39 -0.64 9.98 -5.17
N LYS A 40 0.08 10.63 -4.29
CA LYS A 40 0.35 12.05 -4.44
C LYS A 40 1.56 12.36 -5.29
N GLU A 41 2.61 11.58 -5.19
CA GLU A 41 3.83 11.87 -5.92
C GLU A 41 3.77 11.40 -7.37
N GLN A 42 2.85 10.50 -7.67
CA GLN A 42 2.66 10.10 -9.06
C GLN A 42 1.92 11.18 -9.83
N LEU A 43 1.25 12.02 -9.07
CA LEU A 43 0.51 13.13 -9.60
C LEU A 43 1.27 14.43 -9.33
N HIS A 44 0.67 15.55 -9.65
CA HIS A 44 1.34 16.81 -9.48
C HIS A 44 0.93 17.48 -8.20
N THR A 45 1.67 17.23 -7.16
CA THR A 45 1.41 17.82 -5.89
C THR A 45 2.44 18.86 -5.54
N LYS A 46 1.97 20.01 -5.16
CA LYS A 46 2.82 21.09 -4.77
C LYS A 46 3.05 20.99 -3.28
N GLY A 47 4.22 21.36 -2.84
CA GLY A 47 4.55 21.25 -1.45
C GLY A 47 5.26 19.94 -1.17
N ARG A 48 6.05 19.51 -2.11
CA ARG A 48 6.79 18.27 -1.99
C ARG A 48 8.20 18.49 -2.59
N PRO A 49 9.14 17.57 -2.33
CA PRO A 49 10.48 17.64 -2.87
C PRO A 49 10.51 17.13 -4.30
N PHE A 50 11.64 17.25 -4.93
CA PHE A 50 11.76 16.82 -6.28
C PHE A 50 12.23 15.40 -6.32
N ARG A 51 11.27 14.51 -6.26
CA ARG A 51 11.48 13.09 -6.40
C ARG A 51 10.11 12.43 -6.35
N GLY A 52 10.03 11.21 -6.73
CA GLY A 52 8.82 10.47 -6.62
C GLY A 52 9.16 9.12 -6.16
N MET A 53 8.58 8.67 -5.08
CA MET A 53 8.84 7.37 -4.55
C MET A 53 8.53 6.28 -5.59
N SER A 54 9.58 5.65 -6.11
CA SER A 54 9.48 4.64 -7.17
C SER A 54 8.81 3.41 -6.62
N GLU A 55 8.09 2.68 -7.46
CA GLU A 55 7.32 1.53 -7.09
C GLU A 55 8.15 0.50 -6.34
N GLU A 56 9.36 0.28 -6.80
CA GLU A 56 10.28 -0.65 -6.20
C GLU A 56 10.67 -0.22 -4.77
N GLU A 57 10.88 1.08 -4.59
CA GLU A 57 11.29 1.60 -3.28
C GLU A 57 10.04 1.76 -2.40
N VAL A 58 8.88 1.91 -3.06
CA VAL A 58 7.62 1.94 -2.42
C VAL A 58 7.40 0.61 -1.74
N PHE A 59 7.58 -0.45 -2.52
CA PHE A 59 7.41 -1.81 -2.07
C PHE A 59 8.35 -2.09 -0.90
N THR A 60 9.52 -1.47 -0.91
CA THR A 60 10.44 -1.59 0.14
C THR A 60 9.88 -1.09 1.48
N GLU A 61 9.25 0.09 1.46
CA GLU A 61 8.74 0.66 2.67
C GLU A 61 7.54 -0.12 3.15
N VAL A 62 6.78 -0.64 2.21
CA VAL A 62 5.62 -1.45 2.50
C VAL A 62 6.07 -2.82 3.05
N ALA A 63 7.14 -3.35 2.48
CA ALA A 63 7.73 -4.61 2.96
C ALA A 63 8.26 -4.43 4.37
N ASN A 64 8.74 -3.24 4.62
CA ASN A 64 9.24 -2.81 5.93
C ASN A 64 8.11 -2.58 6.91
N LEU A 65 6.99 -2.21 6.40
CA LEU A 65 5.84 -1.93 7.15
C LEU A 65 5.30 -3.27 7.69
N PHE A 66 5.17 -4.22 6.79
CA PHE A 66 4.67 -5.53 7.13
C PHE A 66 5.83 -6.53 7.07
N ARG A 67 6.89 -6.26 7.81
CA ARG A 67 8.06 -7.15 7.80
C ARG A 67 7.66 -8.53 8.31
N GLY A 68 8.08 -9.55 7.60
CA GLY A 68 7.77 -10.91 7.98
C GLY A 68 6.45 -11.37 7.41
N GLN A 69 5.56 -10.44 7.22
CA GLN A 69 4.26 -10.69 6.68
C GLN A 69 4.30 -10.62 5.17
N GLU A 70 5.02 -11.57 4.56
CA GLU A 70 5.16 -11.63 3.10
C GLU A 70 3.80 -11.81 2.46
N ASP A 71 2.92 -12.46 3.19
CA ASP A 71 1.54 -12.69 2.82
C ASP A 71 0.86 -11.36 2.47
N LEU A 72 1.08 -10.36 3.31
CA LEU A 72 0.48 -9.07 3.12
C LEU A 72 1.17 -8.31 1.98
N LEU A 73 2.43 -8.60 1.81
CA LEU A 73 3.24 -7.92 0.79
C LEU A 73 2.84 -8.41 -0.58
N SER A 74 2.52 -9.70 -0.67
CA SER A 74 2.06 -10.30 -1.89
C SER A 74 0.73 -9.71 -2.34
N GLU A 75 -0.18 -9.51 -1.38
CA GLU A 75 -1.50 -8.95 -1.68
C GLU A 75 -1.39 -7.52 -2.20
N PHE A 76 -0.37 -6.82 -1.75
CA PHE A 76 -0.09 -5.48 -2.20
C PHE A 76 0.36 -5.52 -3.66
N GLY A 77 1.38 -6.31 -3.94
CA GLY A 77 1.89 -6.44 -5.31
C GLY A 77 0.84 -7.01 -6.26
N GLN A 78 -0.02 -7.86 -5.75
CA GLN A 78 -1.08 -8.47 -6.51
C GLN A 78 -2.19 -7.46 -6.84
N PHE A 79 -2.54 -6.61 -5.87
CA PHE A 79 -3.62 -5.64 -6.05
C PHE A 79 -3.18 -4.49 -6.95
N LEU A 80 -1.89 -4.20 -6.92
CA LEU A 80 -1.30 -3.12 -7.67
C LEU A 80 -1.49 -3.25 -9.19
N PRO A 81 -1.65 -2.09 -9.86
CA PRO A 81 -1.90 -1.97 -11.33
C PRO A 81 -0.73 -2.42 -12.23
N GLU A 82 -0.25 -3.64 -12.03
CA GLU A 82 0.87 -4.22 -12.79
C GLU A 82 0.64 -4.11 -14.30
N ALA A 83 -0.51 -4.58 -14.74
CA ALA A 83 -0.88 -4.61 -16.14
C ALA A 83 -1.22 -3.24 -16.68
N LYS A 84 -1.59 -2.32 -15.82
CA LYS A 84 -2.01 -1.01 -16.25
C LYS A 84 -0.82 -0.05 -16.28
N ARG A 85 0.13 -0.27 -15.41
CA ARG A 85 1.31 0.55 -15.32
C ARG A 85 2.46 -0.10 -16.07
N GLU A 1 -20.02 5.82 -8.37
CA GLU A 1 -19.84 4.44 -7.94
C GLU A 1 -21.13 3.88 -7.40
N SER A 2 -21.55 2.77 -7.97
CA SER A 2 -22.69 2.06 -7.48
C SER A 2 -22.29 1.35 -6.20
N ASP A 3 -21.04 0.94 -6.17
CA ASP A 3 -20.42 0.28 -5.05
C ASP A 3 -18.93 0.44 -5.29
N SER A 4 -18.12 -0.11 -4.47
CA SER A 4 -16.72 0.01 -4.61
C SER A 4 -16.12 -1.39 -4.48
N VAL A 5 -16.24 -2.15 -5.55
CA VAL A 5 -15.88 -3.55 -5.59
C VAL A 5 -14.39 -3.77 -5.30
N GLU A 6 -13.55 -3.04 -5.99
CA GLU A 6 -12.10 -3.15 -5.81
C GLU A 6 -11.70 -2.72 -4.42
N PHE A 7 -12.41 -1.73 -3.92
CA PHE A 7 -12.21 -1.19 -2.62
C PHE A 7 -12.59 -2.24 -1.59
N ASN A 8 -13.69 -2.94 -1.82
CA ASN A 8 -14.14 -4.05 -0.94
C ASN A 8 -13.06 -5.11 -0.84
N ASN A 9 -12.46 -5.45 -1.97
CA ASN A 9 -11.36 -6.42 -2.02
C ASN A 9 -10.23 -5.91 -1.18
N ALA A 10 -9.94 -4.64 -1.36
CA ALA A 10 -8.90 -3.97 -0.63
C ALA A 10 -9.24 -3.90 0.86
N ILE A 11 -10.52 -3.74 1.19
CA ILE A 11 -10.95 -3.67 2.58
C ILE A 11 -10.65 -4.96 3.31
N SER A 12 -10.82 -6.08 2.64
CA SER A 12 -10.54 -7.38 3.23
C SER A 12 -9.04 -7.47 3.57
N TYR A 13 -8.22 -6.97 2.66
CA TYR A 13 -6.79 -6.91 2.83
C TYR A 13 -6.44 -5.91 3.93
N VAL A 14 -7.07 -4.76 3.91
CA VAL A 14 -6.86 -3.74 4.91
C VAL A 14 -7.27 -4.23 6.30
N ASN A 15 -8.47 -4.79 6.42
CA ASN A 15 -8.97 -5.33 7.69
C ASN A 15 -8.01 -6.36 8.26
N LYS A 16 -7.42 -7.13 7.37
CA LYS A 16 -6.44 -8.13 7.70
C LYS A 16 -5.23 -7.43 8.34
N ILE A 17 -4.76 -6.37 7.70
CA ILE A 17 -3.66 -5.55 8.20
C ILE A 17 -4.04 -4.97 9.56
N LYS A 18 -5.23 -4.34 9.63
CA LYS A 18 -5.72 -3.70 10.83
C LYS A 18 -5.70 -4.65 12.00
N THR A 19 -6.11 -5.88 11.76
CA THR A 19 -6.20 -6.95 12.71
C THR A 19 -4.81 -7.47 13.14
N ARG A 20 -3.94 -7.64 12.19
CA ARG A 20 -2.63 -8.20 12.44
C ARG A 20 -1.73 -7.26 13.21
N PHE A 21 -2.06 -6.01 13.15
CA PHE A 21 -1.32 -4.98 13.82
C PHE A 21 -2.32 -4.15 14.60
N LEU A 22 -3.32 -4.84 15.13
CA LEU A 22 -4.46 -4.24 15.81
C LEU A 22 -4.04 -3.50 17.07
N ASP A 23 -3.05 -4.00 17.75
CA ASP A 23 -2.58 -3.35 18.97
C ASP A 23 -1.55 -2.26 18.65
N HIS A 24 -1.18 -2.17 17.39
CA HIS A 24 -0.18 -1.23 16.97
C HIS A 24 -0.67 -0.42 15.75
N PRO A 25 -1.59 0.56 15.97
CA PRO A 25 -2.16 1.39 14.88
C PRO A 25 -1.08 2.21 14.19
N GLU A 26 0.01 2.43 14.90
CA GLU A 26 1.17 3.13 14.42
C GLU A 26 1.69 2.50 13.11
N ILE A 27 1.68 1.18 13.06
CA ILE A 27 2.15 0.41 11.92
C ILE A 27 1.25 0.65 10.74
N TYR A 28 -0.04 0.61 11.02
CA TYR A 28 -1.09 0.86 10.05
C TYR A 28 -0.88 2.26 9.45
N ARG A 29 -0.74 3.22 10.33
CA ARG A 29 -0.61 4.61 9.98
C ARG A 29 0.69 4.92 9.24
N SER A 30 1.80 4.33 9.70
CA SER A 30 3.10 4.54 9.08
C SER A 30 3.10 4.00 7.66
N PHE A 31 2.31 3.00 7.42
CA PHE A 31 2.11 2.50 6.11
C PHE A 31 1.19 3.40 5.27
N LEU A 32 0.09 3.86 5.86
CA LEU A 32 -0.89 4.69 5.17
C LEU A 32 -0.25 5.89 4.52
N GLU A 33 0.69 6.46 5.22
CA GLU A 33 1.39 7.63 4.78
C GLU A 33 2.17 7.35 3.48
N ILE A 34 2.59 6.11 3.29
CA ILE A 34 3.29 5.68 2.12
C ILE A 34 2.33 5.56 0.95
N LEU A 35 1.18 4.95 1.21
CA LEU A 35 0.19 4.73 0.19
C LEU A 35 -0.34 6.08 -0.33
N HIS A 36 -0.57 7.01 0.57
CA HIS A 36 -1.01 8.34 0.19
C HIS A 36 0.08 9.06 -0.60
N THR A 37 1.31 8.87 -0.16
CA THR A 37 2.49 9.37 -0.82
C THR A 37 2.63 8.80 -2.24
N TYR A 38 2.28 7.55 -2.35
CA TYR A 38 2.35 6.82 -3.57
C TYR A 38 1.39 7.40 -4.59
N GLN A 39 0.12 7.50 -4.19
CA GLN A 39 -0.92 8.00 -5.07
C GLN A 39 -0.73 9.46 -5.40
N LYS A 40 -0.16 10.19 -4.45
CA LYS A 40 0.13 11.57 -4.59
C LYS A 40 1.02 11.84 -5.81
N GLU A 41 1.92 10.92 -6.07
CA GLU A 41 2.85 11.03 -7.17
C GLU A 41 2.19 10.53 -8.47
N GLN A 42 1.33 9.53 -8.33
CA GLN A 42 0.67 8.85 -9.48
C GLN A 42 -0.19 9.79 -10.33
N LEU A 43 -0.52 10.97 -9.83
CA LEU A 43 -1.27 11.93 -10.60
C LEU A 43 -0.42 12.57 -11.70
N HIS A 44 0.38 13.54 -11.33
CA HIS A 44 1.25 14.27 -12.26
C HIS A 44 1.98 15.35 -11.47
N THR A 45 3.22 15.10 -11.17
CA THR A 45 3.99 16.02 -10.39
C THR A 45 4.73 16.98 -11.28
N LYS A 46 4.09 18.15 -11.49
CA LYS A 46 4.61 19.25 -12.30
C LYS A 46 4.49 18.96 -13.80
N GLY A 47 4.45 20.01 -14.59
CA GLY A 47 4.28 19.87 -16.02
C GLY A 47 5.60 19.80 -16.75
N ARG A 48 6.47 19.00 -16.24
CA ARG A 48 7.78 18.78 -16.77
C ARG A 48 8.10 17.34 -16.40
N PRO A 49 8.84 16.59 -17.24
CA PRO A 49 9.21 15.20 -16.96
C PRO A 49 9.87 15.04 -15.62
N PHE A 50 9.15 14.43 -14.71
CA PHE A 50 9.61 14.25 -13.37
C PHE A 50 8.75 13.21 -12.67
N ARG A 51 9.33 12.09 -12.37
CA ARG A 51 8.62 11.08 -11.62
C ARG A 51 9.27 10.93 -10.28
N GLY A 52 8.46 10.73 -9.29
CA GLY A 52 8.91 10.51 -7.97
C GLY A 52 8.54 9.15 -7.53
N MET A 53 9.04 8.77 -6.38
CA MET A 53 8.72 7.53 -5.70
C MET A 53 8.63 6.30 -6.62
N SER A 54 9.73 5.63 -6.85
CA SER A 54 9.69 4.44 -7.68
C SER A 54 9.00 3.36 -6.85
N GLU A 55 8.29 2.44 -7.49
CA GLU A 55 7.56 1.47 -6.75
C GLU A 55 8.50 0.55 -5.95
N GLU A 56 9.74 0.44 -6.41
CA GLU A 56 10.79 -0.26 -5.71
C GLU A 56 10.98 0.32 -4.28
N GLU A 57 11.10 1.65 -4.17
CA GLU A 57 11.31 2.30 -2.88
C GLU A 57 10.02 2.20 -2.07
N VAL A 58 8.92 2.17 -2.80
CA VAL A 58 7.60 2.00 -2.27
C VAL A 58 7.52 0.65 -1.58
N PHE A 59 7.87 -0.39 -2.34
CA PHE A 59 7.86 -1.75 -1.87
C PHE A 59 8.75 -1.87 -0.67
N THR A 60 9.88 -1.17 -0.69
CA THR A 60 10.82 -1.15 0.34
C THR A 60 10.19 -0.71 1.68
N GLU A 61 9.51 0.44 1.70
CA GLU A 61 8.98 0.97 2.95
C GLU A 61 7.82 0.10 3.44
N VAL A 62 7.06 -0.42 2.51
CA VAL A 62 5.91 -1.25 2.82
C VAL A 62 6.37 -2.64 3.31
N ALA A 63 7.37 -3.20 2.67
CA ALA A 63 7.95 -4.49 3.06
C ALA A 63 8.65 -4.35 4.38
N ASN A 64 9.18 -3.19 4.61
CA ASN A 64 9.79 -2.82 5.87
C ASN A 64 8.75 -2.70 6.97
N LEU A 65 7.56 -2.29 6.59
CA LEU A 65 6.50 -2.12 7.53
C LEU A 65 5.98 -3.50 7.95
N PHE A 66 5.54 -4.27 6.97
CA PHE A 66 4.95 -5.58 7.20
C PHE A 66 6.01 -6.66 7.07
N ARG A 67 7.19 -6.34 7.55
CA ARG A 67 8.33 -7.23 7.53
C ARG A 67 8.02 -8.56 8.23
N GLY A 68 7.88 -9.60 7.46
CA GLY A 68 7.56 -10.90 7.95
C GLY A 68 6.29 -11.39 7.32
N GLN A 69 5.34 -10.49 7.17
CA GLN A 69 4.07 -10.76 6.54
C GLN A 69 4.22 -10.77 5.04
N GLU A 70 4.89 -11.77 4.55
CA GLU A 70 5.15 -11.93 3.14
C GLU A 70 3.84 -12.12 2.41
N ASP A 71 2.91 -12.73 3.10
CA ASP A 71 1.56 -12.96 2.60
C ASP A 71 0.84 -11.63 2.34
N LEU A 72 1.06 -10.66 3.22
CA LEU A 72 0.46 -9.34 3.03
C LEU A 72 1.15 -8.62 1.90
N LEU A 73 2.45 -8.80 1.82
CA LEU A 73 3.27 -8.14 0.81
C LEU A 73 2.89 -8.69 -0.57
N SER A 74 2.53 -9.96 -0.59
CA SER A 74 2.08 -10.62 -1.78
C SER A 74 0.78 -10.00 -2.31
N GLU A 75 -0.20 -9.79 -1.42
CA GLU A 75 -1.47 -9.22 -1.83
C GLU A 75 -1.32 -7.75 -2.22
N PHE A 76 -0.43 -7.06 -1.52
CA PHE A 76 -0.12 -5.66 -1.82
C PHE A 76 0.39 -5.56 -3.25
N GLY A 77 1.22 -6.51 -3.63
CA GLY A 77 1.76 -6.54 -4.97
C GLY A 77 0.69 -6.83 -6.03
N GLN A 78 -0.34 -7.57 -5.65
CA GLN A 78 -1.46 -7.85 -6.54
C GLN A 78 -2.20 -6.55 -6.83
N PHE A 79 -2.43 -5.80 -5.77
CA PHE A 79 -3.12 -4.53 -5.81
C PHE A 79 -2.33 -3.44 -6.52
N LEU A 80 -1.02 -3.53 -6.49
CA LEU A 80 -0.21 -2.49 -7.08
C LEU A 80 0.25 -2.75 -8.49
N PRO A 81 0.45 -1.65 -9.24
CA PRO A 81 0.97 -1.68 -10.60
C PRO A 81 2.46 -2.01 -10.63
N GLU A 82 2.84 -2.92 -11.53
CA GLU A 82 4.25 -3.26 -11.81
C GLU A 82 4.99 -3.75 -10.57
N ALA A 83 4.33 -4.53 -9.75
CA ALA A 83 4.95 -5.09 -8.55
C ALA A 83 6.03 -6.11 -8.92
N LYS A 84 5.91 -6.66 -10.12
CA LYS A 84 6.87 -7.57 -10.68
C LYS A 84 8.15 -6.88 -11.16
N ARG A 85 8.08 -5.57 -11.33
CA ARG A 85 9.20 -4.76 -11.85
C ARG A 85 10.38 -4.80 -10.89
N GLU A 1 -19.17 -2.04 -12.79
CA GLU A 1 -19.63 -2.98 -11.80
C GLU A 1 -20.40 -2.24 -10.70
N SER A 2 -21.57 -2.73 -10.39
CA SER A 2 -22.43 -2.13 -9.41
C SER A 2 -22.11 -2.67 -8.00
N ASP A 3 -21.40 -3.77 -7.92
CA ASP A 3 -20.97 -4.31 -6.65
C ASP A 3 -19.58 -3.86 -6.33
N SER A 4 -19.35 -3.51 -5.10
CA SER A 4 -18.06 -2.99 -4.70
C SER A 4 -17.08 -4.13 -4.36
N VAL A 5 -16.90 -5.01 -5.33
CA VAL A 5 -16.06 -6.17 -5.21
C VAL A 5 -14.61 -5.75 -4.95
N GLU A 6 -14.13 -4.82 -5.77
CA GLU A 6 -12.78 -4.27 -5.68
C GLU A 6 -12.53 -3.68 -4.30
N PHE A 7 -13.55 -3.05 -3.78
CA PHE A 7 -13.48 -2.41 -2.50
C PHE A 7 -13.51 -3.46 -1.43
N ASN A 8 -14.45 -4.39 -1.50
CA ASN A 8 -14.57 -5.47 -0.50
C ASN A 8 -13.29 -6.28 -0.40
N ASN A 9 -12.69 -6.59 -1.54
CA ASN A 9 -11.42 -7.31 -1.57
C ASN A 9 -10.35 -6.48 -0.92
N ALA A 10 -10.36 -5.19 -1.23
CA ALA A 10 -9.45 -4.23 -0.64
C ALA A 10 -9.62 -4.21 0.88
N ILE A 11 -10.88 -4.19 1.32
CA ILE A 11 -11.21 -4.18 2.74
C ILE A 11 -10.70 -5.41 3.42
N SER A 12 -10.87 -6.54 2.76
CA SER A 12 -10.44 -7.82 3.29
C SER A 12 -8.92 -7.83 3.53
N TYR A 13 -8.19 -7.18 2.64
CA TYR A 13 -6.77 -7.03 2.76
C TYR A 13 -6.45 -6.08 3.91
N VAL A 14 -7.13 -4.95 3.93
CA VAL A 14 -6.93 -3.95 4.96
C VAL A 14 -7.31 -4.47 6.36
N ASN A 15 -8.44 -5.17 6.46
CA ASN A 15 -8.91 -5.75 7.70
C ASN A 15 -7.85 -6.67 8.31
N LYS A 16 -7.13 -7.38 7.46
CA LYS A 16 -6.09 -8.25 7.90
C LYS A 16 -4.98 -7.44 8.54
N ILE A 17 -4.64 -6.30 7.91
CA ILE A 17 -3.65 -5.38 8.43
C ILE A 17 -4.13 -4.83 9.77
N LYS A 18 -5.41 -4.44 9.81
CA LYS A 18 -6.05 -3.89 11.01
C LYS A 18 -5.85 -4.83 12.19
N THR A 19 -6.03 -6.11 11.92
CA THR A 19 -5.92 -7.18 12.86
C THR A 19 -4.45 -7.49 13.24
N ARG A 20 -3.59 -7.56 12.26
CA ARG A 20 -2.22 -7.96 12.49
C ARG A 20 -1.40 -6.89 13.13
N PHE A 21 -1.87 -5.70 13.02
CA PHE A 21 -1.24 -4.56 13.59
C PHE A 21 -2.30 -3.85 14.40
N LEU A 22 -3.15 -4.66 15.00
CA LEU A 22 -4.30 -4.24 15.77
C LEU A 22 -3.88 -3.43 16.97
N ASP A 23 -2.82 -3.86 17.60
CA ASP A 23 -2.31 -3.18 18.78
C ASP A 23 -1.19 -2.22 18.36
N HIS A 24 -0.99 -2.10 17.07
CA HIS A 24 0.07 -1.28 16.55
C HIS A 24 -0.49 -0.28 15.54
N PRO A 25 -1.22 0.76 16.00
CA PRO A 25 -1.85 1.72 15.09
C PRO A 25 -0.82 2.51 14.29
N GLU A 26 0.36 2.68 14.86
CA GLU A 26 1.45 3.39 14.25
C GLU A 26 1.89 2.74 12.93
N ILE A 27 1.87 1.41 12.89
CA ILE A 27 2.30 0.66 11.72
C ILE A 27 1.25 0.81 10.64
N TYR A 28 0.00 0.68 11.07
CA TYR A 28 -1.15 0.84 10.20
C TYR A 28 -1.11 2.21 9.54
N ARG A 29 -0.89 3.21 10.36
CA ARG A 29 -0.83 4.59 9.94
C ARG A 29 0.39 4.89 9.07
N SER A 30 1.51 4.27 9.38
CA SER A 30 2.69 4.45 8.59
C SER A 30 2.55 3.83 7.23
N PHE A 31 1.78 2.79 7.13
CA PHE A 31 1.52 2.24 5.85
C PHE A 31 0.67 3.19 5.04
N LEU A 32 -0.41 3.64 5.65
CA LEU A 32 -1.32 4.56 5.05
C LEU A 32 -0.60 5.81 4.58
N GLU A 33 0.37 6.25 5.34
CA GLU A 33 1.12 7.43 5.01
C GLU A 33 1.96 7.19 3.74
N ILE A 34 2.43 5.96 3.55
CA ILE A 34 3.19 5.58 2.39
C ILE A 34 2.28 5.54 1.18
N LEU A 35 1.08 5.03 1.37
CA LEU A 35 0.12 4.91 0.31
C LEU A 35 -0.32 6.33 -0.13
N HIS A 36 -0.56 7.20 0.85
CA HIS A 36 -0.90 8.61 0.57
C HIS A 36 0.22 9.26 -0.22
N THR A 37 1.44 8.98 0.20
CA THR A 37 2.65 9.40 -0.48
C THR A 37 2.68 8.89 -1.93
N TYR A 38 2.39 7.62 -2.09
CA TYR A 38 2.44 6.92 -3.35
C TYR A 38 1.48 7.53 -4.37
N GLN A 39 0.37 8.07 -3.90
CA GLN A 39 -0.62 8.70 -4.77
C GLN A 39 -0.07 9.90 -5.53
N LYS A 40 0.99 10.51 -5.01
CA LYS A 40 1.65 11.60 -5.69
C LYS A 40 2.36 11.13 -6.94
N GLU A 41 2.81 9.89 -6.91
CA GLU A 41 3.53 9.27 -8.03
C GLU A 41 2.50 8.88 -9.10
N GLN A 42 1.25 8.81 -8.69
CA GLN A 42 0.18 8.41 -9.57
C GLN A 42 -0.34 9.58 -10.44
N LEU A 43 0.06 10.82 -10.07
CA LEU A 43 -0.29 12.05 -10.83
C LEU A 43 -1.81 12.27 -10.95
N HIS A 44 -2.18 13.21 -11.85
CA HIS A 44 -3.57 13.55 -12.22
C HIS A 44 -4.28 14.35 -11.11
N THR A 45 -3.57 14.69 -10.07
CA THR A 45 -4.15 15.43 -8.99
C THR A 45 -3.34 16.67 -8.62
N LYS A 46 -3.80 17.84 -9.12
CA LYS A 46 -3.21 19.14 -8.77
C LYS A 46 -1.72 19.22 -9.19
N GLY A 47 -0.95 20.05 -8.51
CA GLY A 47 0.47 20.09 -8.71
C GLY A 47 1.10 18.91 -8.02
N ARG A 48 1.44 17.92 -8.77
CA ARG A 48 1.95 16.70 -8.23
C ARG A 48 3.26 16.40 -8.92
N PRO A 49 4.29 15.98 -8.18
CA PRO A 49 5.60 15.67 -8.76
C PRO A 49 5.56 14.50 -9.71
N PHE A 50 6.15 14.66 -10.85
CA PHE A 50 6.21 13.61 -11.82
C PHE A 50 7.22 12.59 -11.34
N ARG A 51 6.70 11.41 -11.02
CA ARG A 51 7.46 10.31 -10.47
C ARG A 51 7.94 10.66 -9.06
N GLY A 52 7.07 10.43 -8.14
CA GLY A 52 7.36 10.64 -6.73
C GLY A 52 8.15 9.52 -6.18
N MET A 53 7.66 8.98 -5.13
CA MET A 53 8.25 7.89 -4.50
C MET A 53 8.08 6.71 -5.43
N SER A 54 9.18 6.26 -5.96
CA SER A 54 9.18 5.27 -6.98
C SER A 54 9.01 3.89 -6.37
N GLU A 55 8.41 3.01 -7.13
CA GLU A 55 7.95 1.68 -6.75
C GLU A 55 8.96 0.90 -5.88
N GLU A 56 10.20 0.85 -6.28
CA GLU A 56 11.20 0.10 -5.56
C GLU A 56 11.46 0.72 -4.19
N GLU A 57 11.49 2.04 -4.12
CA GLU A 57 11.74 2.72 -2.86
C GLU A 57 10.46 2.68 -2.02
N VAL A 58 9.33 2.56 -2.70
CA VAL A 58 8.06 2.41 -2.08
C VAL A 58 7.97 1.08 -1.37
N PHE A 59 8.27 0.03 -2.15
CA PHE A 59 8.14 -1.34 -1.71
C PHE A 59 9.00 -1.61 -0.49
N THR A 60 10.14 -0.93 -0.37
CA THR A 60 10.97 -1.03 0.76
C THR A 60 10.20 -0.71 2.05
N GLU A 61 9.47 0.41 2.07
CA GLU A 61 8.83 0.83 3.27
C GLU A 61 7.61 -0.02 3.55
N VAL A 62 7.00 -0.52 2.49
CA VAL A 62 5.86 -1.39 2.63
C VAL A 62 6.29 -2.77 3.16
N ALA A 63 7.40 -3.27 2.67
CA ALA A 63 7.96 -4.54 3.14
C ALA A 63 8.43 -4.37 4.58
N ASN A 64 8.91 -3.19 4.87
CA ASN A 64 9.35 -2.77 6.21
C ASN A 64 8.15 -2.62 7.15
N LEU A 65 7.02 -2.30 6.60
CA LEU A 65 5.81 -2.11 7.31
C LEU A 65 5.29 -3.50 7.71
N PHE A 66 5.25 -4.40 6.75
CA PHE A 66 4.72 -5.74 6.95
C PHE A 66 5.87 -6.75 6.96
N ARG A 67 6.92 -6.44 7.71
CA ARG A 67 8.11 -7.32 7.75
C ARG A 67 7.77 -8.71 8.23
N GLY A 68 8.04 -9.67 7.39
CA GLY A 68 7.80 -11.05 7.71
C GLY A 68 6.47 -11.52 7.19
N GLN A 69 5.58 -10.59 6.94
CA GLN A 69 4.26 -10.90 6.51
C GLN A 69 4.21 -10.91 4.99
N GLU A 70 4.81 -11.93 4.40
CA GLU A 70 4.90 -12.06 2.95
C GLU A 70 3.52 -12.25 2.34
N ASP A 71 2.61 -12.72 3.16
CA ASP A 71 1.20 -12.88 2.81
C ASP A 71 0.64 -11.53 2.34
N LEU A 72 0.94 -10.50 3.12
CA LEU A 72 0.50 -9.14 2.84
C LEU A 72 1.30 -8.54 1.70
N LEU A 73 2.56 -8.91 1.63
CA LEU A 73 3.48 -8.35 0.63
C LEU A 73 3.13 -8.89 -0.77
N SER A 74 2.62 -10.08 -0.79
CA SER A 74 2.19 -10.73 -2.00
C SER A 74 0.90 -10.06 -2.50
N GLU A 75 -0.05 -9.84 -1.61
CA GLU A 75 -1.34 -9.24 -1.97
C GLU A 75 -1.19 -7.77 -2.35
N PHE A 76 -0.16 -7.13 -1.81
CA PHE A 76 0.13 -5.73 -2.10
C PHE A 76 0.30 -5.51 -3.60
N GLY A 77 1.01 -6.41 -4.26
CA GLY A 77 1.21 -6.30 -5.70
C GLY A 77 -0.08 -6.48 -6.49
N GLN A 78 -1.01 -7.22 -5.93
CA GLN A 78 -2.28 -7.50 -6.57
C GLN A 78 -3.21 -6.29 -6.37
N PHE A 79 -3.16 -5.71 -5.18
CA PHE A 79 -3.94 -4.53 -4.83
C PHE A 79 -3.48 -3.30 -5.64
N LEU A 80 -2.20 -3.24 -5.88
CA LEU A 80 -1.57 -2.18 -6.64
C LEU A 80 -1.94 -2.23 -8.12
N PRO A 81 -1.69 -1.11 -8.86
CA PRO A 81 -1.88 -1.03 -10.31
C PRO A 81 -1.07 -2.09 -11.10
N GLU A 82 -0.22 -2.84 -10.40
CA GLU A 82 0.58 -3.89 -10.98
C GLU A 82 -0.30 -4.96 -11.60
N ALA A 83 -1.34 -5.36 -10.88
CA ALA A 83 -2.26 -6.38 -11.39
C ALA A 83 -3.15 -5.80 -12.48
N LYS A 84 -3.35 -4.50 -12.41
CA LYS A 84 -4.16 -3.80 -13.36
C LYS A 84 -3.41 -3.61 -14.67
N ARG A 85 -2.14 -3.42 -14.56
CA ARG A 85 -1.29 -3.33 -15.71
C ARG A 85 -0.59 -4.66 -15.94
N GLU A 1 -20.39 -0.55 -10.23
CA GLU A 1 -19.94 -1.75 -9.52
C GLU A 1 -20.41 -1.75 -8.07
N SER A 2 -21.34 -2.63 -7.78
CA SER A 2 -21.89 -2.76 -6.46
C SER A 2 -20.85 -3.44 -5.60
N ASP A 3 -20.16 -4.38 -6.18
CA ASP A 3 -19.07 -5.03 -5.52
C ASP A 3 -17.84 -4.78 -6.30
N SER A 4 -16.84 -4.45 -5.62
CA SER A 4 -15.56 -4.21 -6.17
C SER A 4 -14.66 -5.33 -5.71
N VAL A 5 -14.46 -6.32 -6.56
CA VAL A 5 -13.77 -7.54 -6.20
C VAL A 5 -12.34 -7.32 -5.76
N GLU A 6 -11.57 -6.65 -6.56
CA GLU A 6 -10.21 -6.39 -6.28
C GLU A 6 -10.10 -5.51 -5.02
N PHE A 7 -11.05 -4.63 -4.88
CA PHE A 7 -11.16 -3.77 -3.75
C PHE A 7 -11.49 -4.57 -2.51
N ASN A 8 -12.45 -5.47 -2.60
CA ASN A 8 -12.83 -6.34 -1.48
C ASN A 8 -11.71 -7.26 -1.05
N ASN A 9 -10.92 -7.70 -2.02
CA ASN A 9 -9.70 -8.47 -1.70
C ASN A 9 -8.79 -7.60 -0.88
N ALA A 10 -8.57 -6.39 -1.37
CA ALA A 10 -7.78 -5.38 -0.69
C ALA A 10 -8.34 -5.09 0.71
N ILE A 11 -9.67 -4.94 0.82
CA ILE A 11 -10.31 -4.62 2.08
C ILE A 11 -10.10 -5.72 3.09
N SER A 12 -10.22 -6.95 2.64
CA SER A 12 -10.02 -8.10 3.51
C SER A 12 -8.59 -8.09 4.05
N TYR A 13 -7.65 -7.75 3.19
CA TYR A 13 -6.27 -7.63 3.59
C TYR A 13 -6.06 -6.45 4.52
N VAL A 14 -6.72 -5.33 4.24
CA VAL A 14 -6.64 -4.16 5.10
C VAL A 14 -7.22 -4.46 6.48
N ASN A 15 -8.39 -5.08 6.51
CA ASN A 15 -9.03 -5.51 7.75
C ASN A 15 -8.09 -6.45 8.52
N LYS A 16 -7.41 -7.29 7.78
CA LYS A 16 -6.46 -8.22 8.33
C LYS A 16 -5.28 -7.45 8.94
N ILE A 17 -4.79 -6.43 8.21
CA ILE A 17 -3.72 -5.54 8.69
C ILE A 17 -4.14 -4.90 10.01
N LYS A 18 -5.39 -4.43 10.03
CA LYS A 18 -5.98 -3.79 11.19
C LYS A 18 -5.82 -4.68 12.44
N THR A 19 -6.12 -5.95 12.26
CA THR A 19 -6.01 -6.98 13.26
C THR A 19 -4.54 -7.41 13.57
N ARG A 20 -3.75 -7.57 12.53
CA ARG A 20 -2.38 -8.04 12.64
C ARG A 20 -1.49 -7.02 13.31
N PHE A 21 -1.85 -5.79 13.16
CA PHE A 21 -1.11 -4.68 13.73
C PHE A 21 -2.08 -3.90 14.59
N LEU A 22 -2.98 -4.65 15.22
CA LEU A 22 -4.07 -4.13 16.02
C LEU A 22 -3.54 -3.38 17.22
N ASP A 23 -2.45 -3.87 17.76
CA ASP A 23 -1.85 -3.31 18.96
C ASP A 23 -1.05 -2.08 18.68
N HIS A 24 -0.72 -1.86 17.44
CA HIS A 24 0.10 -0.74 17.07
C HIS A 24 -0.49 0.06 15.94
N PRO A 25 -1.33 1.06 16.27
CA PRO A 25 -1.95 1.97 15.29
C PRO A 25 -0.89 2.67 14.45
N GLU A 26 0.26 2.91 15.07
CA GLU A 26 1.39 3.56 14.45
C GLU A 26 1.81 2.87 13.13
N ILE A 27 1.77 1.54 13.10
CA ILE A 27 2.19 0.79 11.92
C ILE A 27 1.22 1.02 10.79
N TYR A 28 -0.06 0.95 11.13
CA TYR A 28 -1.15 1.15 10.18
C TYR A 28 -1.02 2.55 9.58
N ARG A 29 -0.82 3.52 10.45
CA ARG A 29 -0.70 4.92 10.09
C ARG A 29 0.55 5.18 9.26
N SER A 30 1.63 4.50 9.59
CA SER A 30 2.89 4.63 8.86
C SER A 30 2.75 4.07 7.47
N PHE A 31 1.90 3.12 7.32
CA PHE A 31 1.61 2.58 6.02
C PHE A 31 0.76 3.54 5.21
N LEU A 32 -0.24 4.09 5.86
CA LEU A 32 -1.18 5.01 5.23
C LEU A 32 -0.47 6.18 4.58
N GLU A 33 0.61 6.62 5.19
CA GLU A 33 1.36 7.75 4.70
C GLU A 33 2.09 7.39 3.39
N ILE A 34 2.46 6.11 3.26
CA ILE A 34 3.14 5.60 2.10
C ILE A 34 2.18 5.56 0.95
N LEU A 35 0.99 5.08 1.21
CA LEU A 35 -0.04 4.98 0.22
C LEU A 35 -0.45 6.41 -0.19
N HIS A 36 -0.46 7.31 0.79
CA HIS A 36 -0.81 8.70 0.59
C HIS A 36 0.22 9.37 -0.36
N THR A 37 1.51 9.18 -0.06
CA THR A 37 2.56 9.79 -0.83
C THR A 37 2.66 9.10 -2.21
N TYR A 38 2.27 7.84 -2.21
CA TYR A 38 2.24 7.02 -3.40
C TYR A 38 1.29 7.61 -4.42
N GLN A 39 0.09 7.95 -3.97
CA GLN A 39 -0.91 8.53 -4.84
C GLN A 39 -0.53 9.94 -5.28
N LYS A 40 0.29 10.57 -4.49
CA LYS A 40 0.77 11.88 -4.79
C LYS A 40 1.77 11.83 -5.95
N GLU A 41 2.73 10.93 -5.88
CA GLU A 41 3.73 10.85 -6.94
C GLU A 41 3.33 10.01 -8.15
N GLN A 42 2.47 9.01 -7.96
CA GLN A 42 2.01 8.21 -9.09
C GLN A 42 1.12 9.02 -10.00
N LEU A 43 0.37 9.91 -9.40
CA LEU A 43 -0.44 10.82 -10.15
C LEU A 43 0.40 12.06 -10.39
N HIS A 44 0.06 12.83 -11.36
CA HIS A 44 0.90 13.94 -11.72
C HIS A 44 0.57 15.20 -10.91
N THR A 45 1.34 15.40 -9.87
CA THR A 45 1.26 16.58 -9.05
C THR A 45 2.62 17.23 -9.02
N LYS A 46 2.90 17.96 -10.11
CA LYS A 46 4.14 18.66 -10.45
C LYS A 46 5.41 17.79 -10.52
N GLY A 47 5.62 16.95 -9.53
CA GLY A 47 6.72 16.04 -9.55
C GLY A 47 7.86 16.44 -8.64
N ARG A 48 8.46 15.46 -8.02
CA ARG A 48 9.60 15.65 -7.19
C ARG A 48 10.85 15.94 -8.02
N PRO A 49 11.78 16.73 -7.48
CA PRO A 49 13.01 17.14 -8.18
C PRO A 49 13.89 15.98 -8.56
N PHE A 50 13.86 15.65 -9.86
CA PHE A 50 14.69 14.60 -10.46
C PHE A 50 14.48 13.24 -9.79
N ARG A 51 13.27 13.04 -9.29
CA ARG A 51 12.94 11.83 -8.61
C ARG A 51 11.46 11.57 -8.75
N GLY A 52 11.12 10.33 -8.79
CA GLY A 52 9.76 9.93 -8.77
C GLY A 52 9.62 8.88 -7.72
N MET A 53 8.43 8.55 -7.34
CA MET A 53 8.26 7.49 -6.40
C MET A 53 8.15 6.21 -7.16
N SER A 54 9.22 5.48 -7.16
CA SER A 54 9.24 4.23 -7.84
C SER A 54 8.52 3.21 -6.96
N GLU A 55 7.90 2.22 -7.55
CA GLU A 55 7.17 1.22 -6.81
C GLU A 55 8.12 0.46 -5.89
N GLU A 56 9.37 0.37 -6.30
CA GLU A 56 10.43 -0.26 -5.55
C GLU A 56 10.55 0.38 -4.15
N GLU A 57 10.71 1.70 -4.12
CA GLU A 57 10.93 2.45 -2.86
C GLU A 57 9.67 2.39 -2.02
N VAL A 58 8.58 2.18 -2.68
CA VAL A 58 7.32 2.06 -2.08
C VAL A 58 7.22 0.72 -1.40
N PHE A 59 7.46 -0.31 -2.17
CA PHE A 59 7.35 -1.66 -1.71
C PHE A 59 8.35 -1.93 -0.60
N THR A 60 9.51 -1.30 -0.67
CA THR A 60 10.48 -1.38 0.34
C THR A 60 9.91 -0.97 1.72
N GLU A 61 9.19 0.14 1.77
CA GLU A 61 8.69 0.65 3.01
C GLU A 61 7.51 -0.16 3.46
N VAL A 62 6.76 -0.67 2.50
CA VAL A 62 5.61 -1.52 2.76
C VAL A 62 6.07 -2.91 3.26
N ALA A 63 7.13 -3.41 2.68
CA ALA A 63 7.76 -4.68 3.09
C ALA A 63 8.40 -4.51 4.45
N ASN A 64 8.84 -3.31 4.72
CA ASN A 64 9.39 -2.91 6.01
C ASN A 64 8.27 -2.74 7.05
N LEU A 65 7.11 -2.35 6.58
CA LEU A 65 5.95 -2.10 7.37
C LEU A 65 5.37 -3.47 7.82
N PHE A 66 5.07 -4.31 6.84
CA PHE A 66 4.45 -5.62 7.06
C PHE A 66 5.49 -6.72 6.93
N ARG A 67 6.67 -6.47 7.44
CA ARG A 67 7.76 -7.41 7.34
C ARG A 67 7.43 -8.75 7.99
N GLY A 68 7.63 -9.80 7.23
CA GLY A 68 7.34 -11.13 7.70
C GLY A 68 5.96 -11.56 7.26
N GLN A 69 5.08 -10.61 7.11
CA GLN A 69 3.72 -10.83 6.69
C GLN A 69 3.68 -10.74 5.16
N GLU A 70 4.46 -11.58 4.51
CA GLU A 70 4.60 -11.57 3.05
C GLU A 70 3.30 -11.93 2.35
N ASP A 71 2.42 -12.56 3.11
CA ASP A 71 1.06 -12.91 2.69
C ASP A 71 0.34 -11.65 2.21
N LEU A 72 0.51 -10.59 2.97
CA LEU A 72 -0.09 -9.29 2.67
C LEU A 72 0.65 -8.63 1.52
N LEU A 73 1.96 -8.81 1.55
CA LEU A 73 2.89 -8.10 0.63
C LEU A 73 2.70 -8.53 -0.81
N SER A 74 2.55 -9.82 -1.01
CA SER A 74 2.39 -10.40 -2.32
C SER A 74 1.18 -9.81 -3.04
N GLU A 75 0.04 -9.81 -2.35
CA GLU A 75 -1.21 -9.34 -2.94
C GLU A 75 -1.15 -7.84 -3.18
N PHE A 76 -0.48 -7.14 -2.27
CA PHE A 76 -0.29 -5.69 -2.37
C PHE A 76 0.36 -5.35 -3.70
N GLY A 77 1.42 -6.07 -4.03
CA GLY A 77 2.14 -5.83 -5.27
C GLY A 77 1.27 -6.05 -6.51
N GLN A 78 0.32 -6.96 -6.40
CA GLN A 78 -0.57 -7.28 -7.52
C GLN A 78 -1.70 -6.27 -7.63
N PHE A 79 -2.12 -5.74 -6.50
CA PHE A 79 -3.17 -4.72 -6.43
C PHE A 79 -2.68 -3.40 -7.02
N LEU A 80 -1.38 -3.21 -6.96
CA LEU A 80 -0.71 -2.02 -7.46
C LEU A 80 -0.74 -1.90 -9.01
N PRO A 81 -0.29 -0.70 -9.57
CA PRO A 81 -0.27 -0.37 -11.01
C PRO A 81 -0.18 -1.51 -12.01
N GLU A 82 -0.88 -1.33 -13.10
CA GLU A 82 -0.92 -2.27 -14.18
C GLU A 82 0.23 -1.98 -15.12
N ALA A 83 0.76 -0.76 -15.04
CA ALA A 83 1.86 -0.29 -15.87
C ALA A 83 3.08 -1.19 -15.73
N LYS A 84 3.46 -1.50 -14.50
CA LYS A 84 4.62 -2.36 -14.25
C LYS A 84 4.36 -3.82 -14.64
N ARG A 85 3.12 -4.18 -14.82
CA ARG A 85 2.74 -5.55 -15.08
C ARG A 85 2.80 -5.85 -16.56
N GLU A 1 -23.03 -0.32 -7.56
CA GLU A 1 -22.35 0.80 -8.17
C GLU A 1 -21.11 0.27 -8.90
N SER A 2 -21.35 -0.72 -9.76
CA SER A 2 -20.34 -1.39 -10.56
C SER A 2 -19.45 -2.28 -9.66
N ASP A 3 -19.88 -2.38 -8.39
CA ASP A 3 -19.19 -3.13 -7.32
C ASP A 3 -17.77 -2.57 -7.15
N SER A 4 -16.97 -3.23 -6.39
CA SER A 4 -15.61 -2.88 -6.19
C SER A 4 -14.89 -4.16 -5.78
N VAL A 5 -14.73 -5.04 -6.75
CA VAL A 5 -14.20 -6.37 -6.54
C VAL A 5 -12.73 -6.34 -6.15
N GLU A 6 -11.99 -5.52 -6.83
CA GLU A 6 -10.56 -5.40 -6.56
C GLU A 6 -10.37 -4.73 -5.21
N PHE A 7 -11.29 -3.85 -4.88
CA PHE A 7 -11.32 -3.14 -3.64
C PHE A 7 -11.62 -4.11 -2.53
N ASN A 8 -12.52 -5.05 -2.77
CA ASN A 8 -12.84 -6.11 -1.78
C ASN A 8 -11.58 -6.89 -1.44
N ASN A 9 -10.82 -7.23 -2.48
CA ASN A 9 -9.54 -7.92 -2.32
C ASN A 9 -8.58 -7.07 -1.51
N ALA A 10 -8.62 -5.78 -1.75
CA ALA A 10 -7.84 -4.82 -1.03
C ALA A 10 -8.35 -4.70 0.41
N ILE A 11 -9.65 -4.85 0.60
CA ILE A 11 -10.24 -4.76 1.94
C ILE A 11 -9.77 -5.92 2.78
N SER A 12 -9.77 -7.11 2.20
CA SER A 12 -9.29 -8.29 2.91
C SER A 12 -7.82 -8.08 3.30
N TYR A 13 -7.07 -7.51 2.38
CA TYR A 13 -5.69 -7.12 2.60
C TYR A 13 -5.60 -6.13 3.78
N VAL A 14 -6.37 -5.06 3.70
CA VAL A 14 -6.37 -4.02 4.71
C VAL A 14 -6.89 -4.52 6.06
N ASN A 15 -8.04 -5.21 6.07
CA ASN A 15 -8.65 -5.74 7.28
C ASN A 15 -7.67 -6.63 8.03
N LYS A 16 -6.90 -7.39 7.29
CA LYS A 16 -5.90 -8.24 7.83
C LYS A 16 -4.82 -7.40 8.50
N ILE A 17 -4.41 -6.32 7.83
CA ILE A 17 -3.45 -5.38 8.39
C ILE A 17 -3.99 -4.82 9.70
N LYS A 18 -5.23 -4.33 9.64
CA LYS A 18 -5.91 -3.73 10.78
C LYS A 18 -5.85 -4.64 12.01
N THR A 19 -6.13 -5.91 11.80
CA THR A 19 -6.13 -6.93 12.80
C THR A 19 -4.69 -7.36 13.24
N ARG A 20 -3.81 -7.55 12.29
CA ARG A 20 -2.47 -8.05 12.55
C ARG A 20 -1.59 -6.99 13.20
N PHE A 21 -1.98 -5.77 13.05
CA PHE A 21 -1.27 -4.64 13.61
C PHE A 21 -2.26 -3.86 14.43
N LEU A 22 -3.20 -4.59 15.00
CA LEU A 22 -4.33 -4.04 15.73
C LEU A 22 -3.86 -3.30 16.99
N ASP A 23 -2.79 -3.76 17.58
CA ASP A 23 -2.27 -3.16 18.79
C ASP A 23 -1.36 -2.01 18.48
N HIS A 24 -0.97 -1.90 17.23
CA HIS A 24 -0.04 -0.86 16.81
C HIS A 24 -0.59 -0.07 15.63
N PRO A 25 -1.50 0.88 15.88
CA PRO A 25 -2.09 1.71 14.82
C PRO A 25 -1.02 2.55 14.10
N GLU A 26 0.11 2.74 14.76
CA GLU A 26 1.23 3.49 14.23
C GLU A 26 1.83 2.79 12.99
N ILE A 27 1.73 1.47 12.92
CA ILE A 27 2.27 0.74 11.79
C ILE A 27 1.33 0.90 10.63
N TYR A 28 0.04 0.82 10.94
CA TYR A 28 -1.04 1.05 9.97
C TYR A 28 -0.84 2.46 9.40
N ARG A 29 -0.64 3.38 10.32
CA ARG A 29 -0.40 4.77 10.10
C ARG A 29 0.83 5.02 9.21
N SER A 30 1.96 4.41 9.58
CA SER A 30 3.21 4.58 8.85
C SER A 30 3.07 4.05 7.44
N PHE A 31 2.22 3.07 7.27
CA PHE A 31 1.92 2.56 5.97
C PHE A 31 1.06 3.53 5.19
N LEU A 32 0.02 4.02 5.83
CA LEU A 32 -0.94 4.93 5.24
C LEU A 32 -0.25 6.13 4.64
N GLU A 33 0.76 6.60 5.32
CA GLU A 33 1.49 7.75 4.88
C GLU A 33 2.26 7.47 3.58
N ILE A 34 2.66 6.21 3.40
CA ILE A 34 3.35 5.76 2.22
C ILE A 34 2.37 5.69 1.08
N LEU A 35 1.19 5.18 1.38
CA LEU A 35 0.16 5.03 0.41
C LEU A 35 -0.29 6.43 -0.04
N HIS A 36 -0.44 7.34 0.92
CA HIS A 36 -0.77 8.73 0.61
C HIS A 36 0.32 9.35 -0.23
N THR A 37 1.57 9.14 0.17
CA THR A 37 2.75 9.55 -0.56
C THR A 37 2.67 9.08 -2.02
N TYR A 38 2.35 7.81 -2.16
CA TYR A 38 2.24 7.13 -3.41
C TYR A 38 1.13 7.76 -4.28
N GLN A 39 0.00 8.06 -3.65
CA GLN A 39 -1.13 8.70 -4.33
C GLN A 39 -0.75 10.09 -4.83
N LYS A 40 -0.07 10.85 -3.98
CA LYS A 40 0.41 12.17 -4.33
C LYS A 40 1.40 12.14 -5.49
N GLU A 41 2.29 11.15 -5.44
CA GLU A 41 3.36 10.94 -6.43
C GLU A 41 2.73 10.76 -7.82
N GLN A 42 1.76 9.86 -7.88
CA GLN A 42 1.07 9.52 -9.11
C GLN A 42 0.13 10.64 -9.59
N LEU A 43 -0.14 11.59 -8.73
CA LEU A 43 -1.08 12.63 -9.04
C LEU A 43 -0.36 13.89 -9.54
N HIS A 44 0.42 14.50 -8.70
CA HIS A 44 0.94 15.82 -9.02
C HIS A 44 2.46 15.87 -9.03
N THR A 45 2.96 17.08 -9.23
CA THR A 45 4.35 17.35 -9.24
C THR A 45 4.96 17.24 -7.85
N LYS A 46 5.54 16.11 -7.63
CA LYS A 46 6.28 15.79 -6.45
C LYS A 46 7.53 16.68 -6.30
N GLY A 47 8.16 16.58 -5.17
CA GLY A 47 9.31 17.41 -4.86
C GLY A 47 10.59 16.84 -5.40
N ARG A 48 10.66 15.54 -5.51
CA ARG A 48 11.81 14.86 -6.03
C ARG A 48 11.90 14.97 -7.55
N PRO A 49 13.13 14.89 -8.11
CA PRO A 49 13.36 14.91 -9.55
C PRO A 49 12.73 13.74 -10.26
N PHE A 50 11.96 14.07 -11.28
CA PHE A 50 11.27 13.14 -12.15
C PHE A 50 10.14 12.42 -11.43
N ARG A 51 10.50 11.51 -10.65
CA ARG A 51 9.58 10.67 -9.94
C ARG A 51 9.84 10.76 -8.45
N GLY A 52 8.80 10.71 -7.66
CA GLY A 52 8.91 10.76 -6.22
C GLY A 52 9.37 9.48 -5.66
N MET A 53 8.47 8.75 -5.18
CA MET A 53 8.74 7.51 -4.64
C MET A 53 8.41 6.46 -5.68
N SER A 54 9.44 5.84 -6.24
CA SER A 54 9.28 4.86 -7.28
C SER A 54 8.80 3.56 -6.69
N GLU A 55 8.06 2.80 -7.47
CA GLU A 55 7.37 1.60 -7.07
C GLU A 55 8.24 0.62 -6.26
N GLU A 56 9.46 0.37 -6.70
CA GLU A 56 10.37 -0.53 -5.99
C GLU A 56 10.68 0.01 -4.58
N GLU A 57 10.95 1.30 -4.49
CA GLU A 57 11.29 1.90 -3.22
C GLU A 57 10.00 2.06 -2.38
N VAL A 58 8.86 2.15 -3.06
CA VAL A 58 7.58 2.18 -2.44
C VAL A 58 7.39 0.85 -1.71
N PHE A 59 7.54 -0.21 -2.48
CA PHE A 59 7.39 -1.56 -2.01
C PHE A 59 8.36 -1.87 -0.89
N THR A 60 9.52 -1.22 -0.92
CA THR A 60 10.50 -1.37 0.08
C THR A 60 9.96 -0.98 1.48
N GLU A 61 9.37 0.20 1.59
CA GLU A 61 8.89 0.64 2.88
C GLU A 61 7.67 -0.12 3.29
N VAL A 62 6.89 -0.54 2.31
CA VAL A 62 5.70 -1.33 2.55
C VAL A 62 6.10 -2.74 3.03
N ALA A 63 7.12 -3.30 2.43
CA ALA A 63 7.65 -4.60 2.84
C ALA A 63 8.17 -4.50 4.25
N ASN A 64 8.95 -3.46 4.48
CA ASN A 64 9.51 -3.11 5.80
C ASN A 64 8.43 -2.90 6.86
N LEU A 65 7.32 -2.36 6.42
CA LEU A 65 6.18 -2.06 7.23
C LEU A 65 5.60 -3.39 7.73
N PHE A 66 5.38 -4.31 6.80
CA PHE A 66 4.76 -5.59 7.12
C PHE A 66 5.77 -6.71 7.13
N ARG A 67 6.98 -6.45 7.63
CA ARG A 67 8.00 -7.48 7.71
C ARG A 67 7.60 -8.60 8.65
N GLY A 68 7.25 -9.70 8.05
CA GLY A 68 6.77 -10.85 8.76
C GLY A 68 5.45 -11.31 8.19
N GLN A 69 4.74 -10.40 7.55
CA GLN A 69 3.45 -10.69 6.97
C GLN A 69 3.62 -10.84 5.47
N GLU A 70 4.05 -11.98 5.03
CA GLU A 70 4.30 -12.19 3.62
C GLU A 70 3.02 -12.24 2.80
N ASP A 71 1.91 -12.51 3.47
CA ASP A 71 0.61 -12.51 2.81
C ASP A 71 0.30 -11.14 2.31
N LEU A 72 0.49 -10.17 3.17
CA LEU A 72 0.20 -8.78 2.86
C LEU A 72 1.10 -8.28 1.76
N LEU A 73 2.34 -8.71 1.77
CA LEU A 73 3.32 -8.28 0.80
C LEU A 73 2.95 -8.83 -0.57
N SER A 74 2.44 -10.04 -0.57
CA SER A 74 1.98 -10.67 -1.77
C SER A 74 0.68 -10.02 -2.26
N GLU A 75 -0.28 -9.81 -1.34
CA GLU A 75 -1.57 -9.23 -1.68
C GLU A 75 -1.46 -7.78 -2.17
N PHE A 76 -0.47 -7.06 -1.67
CA PHE A 76 -0.17 -5.71 -2.12
C PHE A 76 0.27 -5.78 -3.59
N GLY A 77 1.12 -6.75 -3.90
CA GLY A 77 1.57 -6.95 -5.26
C GLY A 77 0.46 -7.51 -6.16
N GLN A 78 -0.56 -8.08 -5.56
CA GLN A 78 -1.70 -8.60 -6.29
C GLN A 78 -2.62 -7.46 -6.71
N PHE A 79 -2.89 -6.58 -5.77
CA PHE A 79 -3.80 -5.47 -5.96
C PHE A 79 -3.20 -4.38 -6.84
N LEU A 80 -1.93 -4.13 -6.67
CA LEU A 80 -1.25 -3.05 -7.36
C LEU A 80 -1.28 -3.14 -8.87
N PRO A 81 -1.55 -1.98 -9.50
CA PRO A 81 -1.61 -1.86 -10.94
C PRO A 81 -0.26 -2.16 -11.58
N GLU A 82 -0.29 -3.04 -12.56
CA GLU A 82 0.87 -3.44 -13.36
C GLU A 82 1.91 -4.22 -12.58
N ALA A 83 1.63 -4.55 -11.34
CA ALA A 83 2.55 -5.32 -10.53
C ALA A 83 2.53 -6.77 -10.98
N LYS A 84 1.37 -7.23 -11.42
CA LYS A 84 1.22 -8.58 -11.91
C LYS A 84 1.61 -8.67 -13.38
N ARG A 85 1.68 -7.52 -14.02
CA ARG A 85 1.97 -7.43 -15.44
C ARG A 85 3.47 -7.65 -15.70
N GLU A 1 -19.57 -1.96 -10.15
CA GLU A 1 -20.93 -2.41 -9.85
C GLU A 1 -21.31 -2.04 -8.41
N SER A 2 -22.44 -2.54 -7.94
CA SER A 2 -22.90 -2.25 -6.61
C SER A 2 -22.19 -3.16 -5.59
N ASP A 3 -21.89 -4.38 -6.03
CA ASP A 3 -21.22 -5.35 -5.16
C ASP A 3 -19.74 -5.17 -5.25
N SER A 4 -19.17 -4.63 -4.23
CA SER A 4 -17.76 -4.39 -4.22
C SER A 4 -17.02 -5.66 -3.78
N VAL A 5 -16.69 -6.49 -4.74
CA VAL A 5 -16.01 -7.74 -4.50
C VAL A 5 -14.51 -7.50 -4.37
N GLU A 6 -13.93 -6.82 -5.35
CA GLU A 6 -12.49 -6.56 -5.39
C GLU A 6 -12.10 -5.71 -4.19
N PHE A 7 -12.95 -4.78 -3.89
CA PHE A 7 -12.77 -3.87 -2.79
C PHE A 7 -12.86 -4.61 -1.49
N ASN A 8 -13.73 -5.62 -1.40
CA ASN A 8 -13.88 -6.36 -0.22
C ASN A 8 -12.65 -7.25 0.00
N ASN A 9 -12.04 -7.71 -1.09
CA ASN A 9 -10.76 -8.43 -1.00
C ASN A 9 -9.73 -7.53 -0.39
N ALA A 10 -9.74 -6.29 -0.87
CA ALA A 10 -8.88 -5.25 -0.37
C ALA A 10 -9.17 -5.02 1.11
N ILE A 11 -10.46 -4.88 1.46
CA ILE A 11 -10.87 -4.63 2.83
C ILE A 11 -10.46 -5.77 3.74
N SER A 12 -10.62 -6.99 3.26
CA SER A 12 -10.24 -8.17 4.00
C SER A 12 -8.74 -8.14 4.35
N TYR A 13 -7.92 -7.74 3.37
CA TYR A 13 -6.50 -7.57 3.61
C TYR A 13 -6.22 -6.41 4.55
N VAL A 14 -6.95 -5.32 4.38
CA VAL A 14 -6.81 -4.14 5.23
C VAL A 14 -7.21 -4.46 6.68
N ASN A 15 -8.34 -5.12 6.85
CA ASN A 15 -8.82 -5.55 8.14
C ASN A 15 -7.81 -6.49 8.78
N LYS A 16 -7.19 -7.32 7.94
CA LYS A 16 -6.17 -8.22 8.36
C LYS A 16 -4.97 -7.43 8.89
N ILE A 17 -4.63 -6.36 8.18
CA ILE A 17 -3.58 -5.45 8.59
C ILE A 17 -3.94 -4.86 9.95
N LYS A 18 -5.18 -4.38 10.07
CA LYS A 18 -5.68 -3.80 11.33
C LYS A 18 -5.46 -4.78 12.48
N THR A 19 -5.87 -6.00 12.26
CA THR A 19 -5.79 -7.08 13.20
C THR A 19 -4.32 -7.52 13.49
N ARG A 20 -3.51 -7.57 12.48
CA ARG A 20 -2.13 -8.02 12.61
C ARG A 20 -1.24 -6.99 13.29
N PHE A 21 -1.67 -5.78 13.28
CA PHE A 21 -0.95 -4.70 13.89
C PHE A 21 -1.89 -3.99 14.82
N LEU A 22 -2.75 -4.78 15.42
CA LEU A 22 -3.82 -4.31 16.27
C LEU A 22 -3.29 -3.67 17.56
N ASP A 23 -2.08 -3.99 17.92
CA ASP A 23 -1.46 -3.43 19.10
C ASP A 23 -0.72 -2.15 18.72
N HIS A 24 -0.49 -1.98 17.42
CA HIS A 24 0.27 -0.86 16.88
C HIS A 24 -0.48 -0.17 15.74
N PRO A 25 -1.47 0.70 16.07
CA PRO A 25 -2.25 1.41 15.04
C PRO A 25 -1.38 2.40 14.25
N GLU A 26 -0.21 2.67 14.79
CA GLU A 26 0.77 3.51 14.18
C GLU A 26 1.26 2.91 12.86
N ILE A 27 1.43 1.58 12.83
CA ILE A 27 1.95 0.88 11.66
C ILE A 27 0.92 0.93 10.55
N TYR A 28 -0.34 0.85 10.95
CA TYR A 28 -1.46 0.97 10.03
C TYR A 28 -1.37 2.31 9.33
N ARG A 29 -1.26 3.34 10.14
CA ARG A 29 -1.18 4.70 9.73
C ARG A 29 0.07 4.96 8.88
N SER A 30 1.20 4.40 9.30
CA SER A 30 2.46 4.56 8.61
C SER A 30 2.38 3.98 7.22
N PHE A 31 1.56 2.98 7.06
CA PHE A 31 1.33 2.41 5.77
C PHE A 31 0.45 3.32 4.92
N LEU A 32 -0.61 3.80 5.52
CA LEU A 32 -1.56 4.67 4.86
C LEU A 32 -0.87 5.88 4.26
N GLU A 33 0.13 6.36 4.94
CA GLU A 33 0.86 7.52 4.49
C GLU A 33 1.69 7.17 3.24
N ILE A 34 2.18 5.93 3.17
CA ILE A 34 2.97 5.43 2.07
C ILE A 34 2.10 5.33 0.84
N LEU A 35 0.92 4.75 0.99
CA LEU A 35 0.02 4.57 -0.12
C LEU A 35 -0.44 5.95 -0.63
N HIS A 36 -0.60 6.90 0.28
CA HIS A 36 -0.97 8.25 -0.07
C HIS A 36 0.18 8.88 -0.87
N THR A 37 1.37 8.76 -0.33
CA THR A 37 2.61 9.20 -0.95
C THR A 37 2.80 8.54 -2.33
N TYR A 38 2.42 7.29 -2.44
CA TYR A 38 2.54 6.54 -3.66
C TYR A 38 1.72 7.16 -4.77
N GLN A 39 0.48 7.46 -4.46
CA GLN A 39 -0.42 8.09 -5.39
C GLN A 39 0.04 9.50 -5.72
N LYS A 40 0.81 10.08 -4.83
CA LYS A 40 1.39 11.37 -5.06
C LYS A 40 2.58 11.33 -6.01
N GLU A 41 3.22 10.18 -6.17
CA GLU A 41 4.25 10.07 -7.20
C GLU A 41 3.57 9.79 -8.52
N GLN A 42 2.42 9.15 -8.45
CA GLN A 42 1.64 8.83 -9.63
C GLN A 42 0.69 9.98 -9.97
N LEU A 43 0.90 11.10 -9.33
CA LEU A 43 0.11 12.28 -9.54
C LEU A 43 0.56 12.93 -10.83
N HIS A 44 -0.36 13.12 -11.74
CA HIS A 44 -0.05 13.73 -13.02
C HIS A 44 -0.51 15.17 -13.03
N THR A 45 0.09 15.96 -13.90
CA THR A 45 -0.14 17.41 -14.00
C THR A 45 0.48 18.13 -12.83
N LYS A 46 1.67 18.70 -13.11
CA LYS A 46 2.49 19.40 -12.14
C LYS A 46 3.20 18.44 -11.19
N GLY A 47 4.45 18.69 -10.96
CA GLY A 47 5.28 17.77 -10.23
C GLY A 47 5.90 16.82 -11.21
N ARG A 48 6.34 15.68 -10.77
CA ARG A 48 6.87 14.71 -11.69
C ARG A 48 6.38 13.32 -11.29
N PRO A 49 5.70 12.63 -12.19
CA PRO A 49 5.16 11.30 -11.94
C PRO A 49 6.21 10.22 -12.06
N PHE A 50 7.34 10.49 -11.48
CA PHE A 50 8.48 9.65 -11.60
C PHE A 50 9.47 9.89 -10.46
N ARG A 51 9.05 10.69 -9.52
CA ARG A 51 9.93 11.02 -8.43
C ARG A 51 9.09 11.39 -7.20
N GLY A 52 9.28 10.66 -6.14
CA GLY A 52 8.57 10.89 -4.92
C GLY A 52 8.78 9.74 -4.01
N MET A 53 8.49 8.59 -4.53
CA MET A 53 8.64 7.37 -3.89
C MET A 53 8.36 6.35 -4.93
N SER A 54 9.41 5.87 -5.52
CA SER A 54 9.30 4.99 -6.63
C SER A 54 9.01 3.58 -6.15
N GLU A 55 8.30 2.82 -6.96
CA GLU A 55 7.73 1.53 -6.62
C GLU A 55 8.66 0.57 -5.85
N GLU A 56 9.91 0.50 -6.22
CA GLU A 56 10.81 -0.38 -5.54
C GLU A 56 11.11 0.11 -4.12
N GLU A 57 11.26 1.41 -3.94
CA GLU A 57 11.52 1.96 -2.62
C GLU A 57 10.21 1.95 -1.83
N VAL A 58 9.09 2.03 -2.57
CA VAL A 58 7.77 1.92 -2.03
C VAL A 58 7.63 0.61 -1.36
N PHE A 59 7.96 -0.43 -2.10
CA PHE A 59 7.85 -1.78 -1.61
C PHE A 59 8.74 -1.96 -0.40
N THR A 60 9.87 -1.26 -0.34
CA THR A 60 10.73 -1.30 0.77
C THR A 60 10.00 -0.83 2.05
N GLU A 61 9.28 0.28 1.94
CA GLU A 61 8.64 0.88 3.08
C GLU A 61 7.52 -0.02 3.54
N VAL A 62 6.86 -0.62 2.57
CA VAL A 62 5.73 -1.50 2.77
C VAL A 62 6.19 -2.86 3.31
N ALA A 63 7.30 -3.36 2.80
CA ALA A 63 7.90 -4.63 3.25
C ALA A 63 8.38 -4.48 4.68
N ASN A 64 8.77 -3.28 5.00
CA ASN A 64 9.19 -2.89 6.33
C ASN A 64 7.98 -2.66 7.24
N LEU A 65 6.90 -2.25 6.64
CA LEU A 65 5.69 -1.99 7.33
C LEU A 65 5.15 -3.35 7.79
N PHE A 66 5.00 -4.25 6.83
CA PHE A 66 4.49 -5.58 7.09
C PHE A 66 5.64 -6.56 7.04
N ARG A 67 6.65 -6.34 7.88
CA ARG A 67 7.84 -7.20 7.92
C ARG A 67 7.44 -8.65 8.20
N GLY A 68 7.79 -9.53 7.29
CA GLY A 68 7.55 -10.93 7.46
C GLY A 68 6.25 -11.40 6.85
N GLN A 69 5.25 -10.54 6.88
CA GLN A 69 3.94 -10.85 6.34
C GLN A 69 3.93 -10.71 4.83
N GLU A 70 4.60 -11.64 4.17
CA GLU A 70 4.75 -11.60 2.73
C GLU A 70 3.44 -11.78 1.99
N ASP A 71 2.45 -12.33 2.66
CA ASP A 71 1.09 -12.44 2.11
C ASP A 71 0.56 -11.05 1.76
N LEU A 72 0.71 -10.14 2.70
CA LEU A 72 0.26 -8.76 2.54
C LEU A 72 1.14 -8.04 1.51
N LEU A 73 2.38 -8.46 1.44
CA LEU A 73 3.38 -7.80 0.57
C LEU A 73 3.21 -8.23 -0.89
N SER A 74 2.84 -9.46 -1.08
CA SER A 74 2.68 -10.01 -2.39
C SER A 74 1.43 -9.48 -3.07
N GLU A 75 0.29 -9.57 -2.38
CA GLU A 75 -0.97 -9.14 -2.96
C GLU A 75 -1.05 -7.62 -3.04
N PHE A 76 -0.13 -6.96 -2.35
CA PHE A 76 0.04 -5.52 -2.39
C PHE A 76 0.29 -5.06 -3.83
N GLY A 77 1.01 -5.88 -4.59
CA GLY A 77 1.32 -5.54 -5.96
C GLY A 77 0.10 -5.58 -6.87
N GLN A 78 -0.91 -6.36 -6.46
CA GLN A 78 -2.15 -6.47 -7.23
C GLN A 78 -3.10 -5.36 -6.84
N PHE A 79 -2.97 -4.91 -5.61
CA PHE A 79 -3.76 -3.80 -5.10
C PHE A 79 -3.25 -2.52 -5.73
N LEU A 80 -2.02 -2.58 -6.16
CA LEU A 80 -1.36 -1.51 -6.84
C LEU A 80 -1.54 -1.66 -8.36
N PRO A 81 -1.01 -0.71 -9.17
CA PRO A 81 -1.07 -0.81 -10.62
C PRO A 81 -0.31 -2.05 -11.17
N GLU A 82 -1.05 -3.09 -11.43
CA GLU A 82 -0.52 -4.34 -11.97
C GLU A 82 -0.22 -4.14 -13.47
N ALA A 83 -0.94 -3.17 -14.05
CA ALA A 83 -0.86 -2.84 -15.48
C ALA A 83 0.55 -2.43 -15.94
N LYS A 84 1.42 -2.04 -15.00
CA LYS A 84 2.79 -1.66 -15.35
C LYS A 84 3.57 -2.88 -15.84
N ARG A 85 3.28 -4.01 -15.23
CA ARG A 85 4.03 -5.23 -15.51
C ARG A 85 3.54 -5.88 -16.81
N GLU A 1 -20.75 -1.91 -10.59
CA GLU A 1 -21.98 -2.61 -10.28
C GLU A 1 -22.53 -2.12 -8.94
N SER A 2 -23.62 -2.69 -8.49
CA SER A 2 -24.24 -2.25 -7.26
C SER A 2 -23.51 -2.75 -6.01
N ASP A 3 -22.68 -3.76 -6.17
CA ASP A 3 -21.92 -4.27 -5.04
C ASP A 3 -20.47 -3.91 -5.23
N SER A 4 -19.81 -3.54 -4.19
CA SER A 4 -18.45 -3.13 -4.29
C SER A 4 -17.52 -4.31 -4.04
N VAL A 5 -17.49 -5.23 -4.97
CA VAL A 5 -16.75 -6.46 -4.85
C VAL A 5 -15.26 -6.22 -4.73
N GLU A 6 -14.70 -5.51 -5.68
CA GLU A 6 -13.26 -5.25 -5.71
C GLU A 6 -12.83 -4.44 -4.50
N PHE A 7 -13.71 -3.55 -4.07
CA PHE A 7 -13.48 -2.73 -2.92
C PHE A 7 -13.48 -3.59 -1.70
N ASN A 8 -14.48 -4.45 -1.56
CA ASN A 8 -14.56 -5.37 -0.41
C ASN A 8 -13.32 -6.25 -0.35
N ASN A 9 -12.87 -6.68 -1.51
CA ASN A 9 -11.64 -7.47 -1.65
C ASN A 9 -10.43 -6.66 -1.20
N ALA A 10 -10.45 -5.39 -1.53
CA ALA A 10 -9.42 -4.47 -1.12
C ALA A 10 -9.50 -4.27 0.39
N ILE A 11 -10.73 -4.17 0.90
CA ILE A 11 -10.95 -3.99 2.32
C ILE A 11 -10.45 -5.19 3.09
N SER A 12 -10.64 -6.38 2.51
CA SER A 12 -10.17 -7.62 3.12
C SER A 12 -8.67 -7.55 3.41
N TYR A 13 -7.91 -7.01 2.45
CA TYR A 13 -6.49 -6.83 2.65
C TYR A 13 -6.24 -5.82 3.75
N VAL A 14 -6.94 -4.71 3.71
CA VAL A 14 -6.79 -3.67 4.70
C VAL A 14 -7.17 -4.18 6.10
N ASN A 15 -8.26 -4.92 6.19
CA ASN A 15 -8.75 -5.45 7.42
C ASN A 15 -7.76 -6.46 7.99
N LYS A 16 -7.14 -7.19 7.10
CA LYS A 16 -6.15 -8.17 7.41
C LYS A 16 -4.96 -7.47 8.09
N ILE A 17 -4.61 -6.31 7.54
CA ILE A 17 -3.58 -5.46 8.10
C ILE A 17 -4.03 -4.96 9.47
N LYS A 18 -5.30 -4.50 9.54
CA LYS A 18 -5.90 -3.97 10.78
C LYS A 18 -5.73 -4.96 11.90
N THR A 19 -6.14 -6.19 11.66
CA THR A 19 -6.11 -7.27 12.61
C THR A 19 -4.67 -7.63 13.03
N ARG A 20 -3.78 -7.66 12.08
CA ARG A 20 -2.40 -8.01 12.34
C ARG A 20 -1.69 -7.00 13.19
N PHE A 21 -2.05 -5.78 12.99
CA PHE A 21 -1.44 -4.68 13.70
C PHE A 21 -2.50 -3.98 14.51
N LEU A 22 -3.40 -4.78 15.03
CA LEU A 22 -4.55 -4.32 15.77
C LEU A 22 -4.12 -3.68 17.08
N ASP A 23 -2.99 -4.08 17.60
CA ASP A 23 -2.46 -3.51 18.80
C ASP A 23 -1.39 -2.49 18.47
N HIS A 24 -1.10 -2.35 17.22
CA HIS A 24 -0.03 -1.50 16.76
C HIS A 24 -0.53 -0.51 15.70
N PRO A 25 -1.16 0.59 16.11
CA PRO A 25 -1.82 1.54 15.19
C PRO A 25 -0.84 2.28 14.29
N GLU A 26 0.35 2.55 14.79
CA GLU A 26 1.35 3.29 14.05
C GLU A 26 1.78 2.56 12.78
N ILE A 27 1.81 1.24 12.85
CA ILE A 27 2.23 0.40 11.75
C ILE A 27 1.23 0.52 10.62
N TYR A 28 -0.02 0.48 11.00
CA TYR A 28 -1.13 0.65 10.08
C TYR A 28 -1.02 2.04 9.43
N ARG A 29 -0.90 3.04 10.29
CA ARG A 29 -0.86 4.43 9.91
C ARG A 29 0.35 4.82 9.06
N SER A 30 1.52 4.30 9.42
CA SER A 30 2.74 4.58 8.68
C SER A 30 2.65 4.04 7.27
N PHE A 31 1.95 2.97 7.11
CA PHE A 31 1.76 2.44 5.81
C PHE A 31 0.76 3.26 5.00
N LEU A 32 -0.32 3.68 5.65
CA LEU A 32 -1.35 4.49 5.04
C LEU A 32 -0.77 5.74 4.41
N GLU A 33 0.23 6.29 5.08
CA GLU A 33 0.85 7.49 4.63
C GLU A 33 1.65 7.25 3.34
N ILE A 34 2.20 6.03 3.20
CA ILE A 34 2.99 5.65 2.06
C ILE A 34 2.19 5.62 0.79
N LEU A 35 0.99 5.10 0.84
CA LEU A 35 0.19 5.01 -0.34
C LEU A 35 -0.30 6.40 -0.77
N HIS A 36 -0.67 7.22 0.19
CA HIS A 36 -1.09 8.58 -0.13
C HIS A 36 0.10 9.38 -0.64
N THR A 37 1.26 9.11 -0.05
CA THR A 37 2.56 9.63 -0.47
C THR A 37 2.81 9.28 -1.94
N TYR A 38 2.54 8.04 -2.26
CA TYR A 38 2.79 7.51 -3.55
C TYR A 38 1.88 8.19 -4.58
N GLN A 39 0.60 8.27 -4.28
CA GLN A 39 -0.34 8.90 -5.19
C GLN A 39 -0.04 10.38 -5.36
N LYS A 40 0.35 11.01 -4.26
CA LYS A 40 0.79 12.40 -4.24
C LYS A 40 1.93 12.60 -5.23
N GLU A 41 2.87 11.67 -5.21
CA GLU A 41 4.04 11.65 -6.07
C GLU A 41 3.71 11.45 -7.55
N GLN A 42 2.50 11.01 -7.84
CA GLN A 42 2.10 10.73 -9.21
C GLN A 42 1.43 11.94 -9.85
N LEU A 43 0.79 12.74 -9.03
CA LEU A 43 0.09 13.91 -9.53
C LEU A 43 1.05 15.05 -9.77
N HIS A 44 0.56 16.09 -10.41
CA HIS A 44 1.39 17.22 -10.79
C HIS A 44 1.50 18.17 -9.62
N THR A 45 0.40 18.45 -8.99
CA THR A 45 0.38 19.29 -7.83
C THR A 45 0.44 18.40 -6.60
N LYS A 46 1.44 18.63 -5.79
CA LYS A 46 1.72 17.79 -4.66
C LYS A 46 2.49 18.51 -3.58
N GLY A 47 3.35 19.42 -3.98
CA GLY A 47 4.20 20.12 -3.07
C GLY A 47 5.59 20.17 -3.61
N ARG A 48 6.52 20.67 -2.82
CA ARG A 48 7.90 20.80 -3.26
C ARG A 48 8.53 19.42 -3.45
N PRO A 49 9.24 19.20 -4.60
CA PRO A 49 9.86 17.92 -4.95
C PRO A 49 10.62 17.31 -3.81
N PHE A 50 10.23 16.13 -3.46
CA PHE A 50 10.76 15.47 -2.33
C PHE A 50 11.41 14.14 -2.62
N ARG A 51 10.93 13.54 -3.65
CA ARG A 51 11.38 12.20 -4.06
C ARG A 51 11.13 11.98 -5.53
N GLY A 52 11.43 10.78 -5.96
CA GLY A 52 11.12 10.28 -7.27
C GLY A 52 10.64 8.89 -7.06
N MET A 53 9.66 8.81 -6.18
CA MET A 53 9.14 7.60 -5.60
C MET A 53 8.75 6.58 -6.64
N SER A 54 9.56 5.59 -6.75
CA SER A 54 9.35 4.54 -7.67
C SER A 54 8.70 3.37 -6.92
N GLU A 55 7.90 2.57 -7.63
CA GLU A 55 7.15 1.47 -7.06
C GLU A 55 8.04 0.54 -6.23
N GLU A 56 9.27 0.35 -6.67
CA GLU A 56 10.23 -0.46 -6.01
C GLU A 56 10.52 0.04 -4.58
N GLU A 57 10.69 1.35 -4.41
CA GLU A 57 11.00 1.89 -3.11
C GLU A 57 9.73 1.96 -2.29
N VAL A 58 8.60 2.05 -3.00
CA VAL A 58 7.34 2.04 -2.40
C VAL A 58 7.14 0.70 -1.73
N PHE A 59 7.32 -0.34 -2.53
CA PHE A 59 7.19 -1.70 -2.10
C PHE A 59 8.18 -1.98 -0.97
N THR A 60 9.33 -1.32 -1.01
CA THR A 60 10.30 -1.39 -0.01
C THR A 60 9.77 -0.90 1.33
N GLU A 61 9.19 0.31 1.38
CA GLU A 61 8.71 0.87 2.64
C GLU A 61 7.55 0.05 3.19
N VAL A 62 6.77 -0.50 2.29
CA VAL A 62 5.65 -1.34 2.66
C VAL A 62 6.15 -2.70 3.20
N ALA A 63 7.13 -3.28 2.51
CA ALA A 63 7.75 -4.55 2.94
C ALA A 63 8.51 -4.34 4.23
N ASN A 64 9.01 -3.15 4.39
CA ASN A 64 9.72 -2.69 5.57
C ASN A 64 8.75 -2.44 6.71
N LEU A 65 7.55 -2.09 6.38
CA LEU A 65 6.52 -1.87 7.36
C LEU A 65 6.11 -3.24 7.90
N PHE A 66 5.70 -4.10 7.00
CA PHE A 66 5.18 -5.41 7.35
C PHE A 66 6.24 -6.49 7.14
N ARG A 67 7.45 -6.25 7.66
CA ARG A 67 8.52 -7.22 7.49
C ARG A 67 8.14 -8.52 8.17
N GLY A 68 8.34 -9.61 7.51
CA GLY A 68 7.97 -10.87 8.07
C GLY A 68 6.64 -11.32 7.54
N GLN A 69 5.66 -10.43 7.54
CA GLN A 69 4.37 -10.69 7.01
C GLN A 69 4.39 -10.68 5.49
N GLU A 70 5.05 -11.66 4.93
CA GLU A 70 5.20 -11.81 3.51
C GLU A 70 3.87 -12.08 2.86
N ASP A 71 2.96 -12.63 3.64
CA ASP A 71 1.61 -12.88 3.21
C ASP A 71 0.92 -11.56 2.85
N LEU A 72 1.09 -10.56 3.72
CA LEU A 72 0.53 -9.21 3.49
C LEU A 72 1.22 -8.55 2.30
N LEU A 73 2.49 -8.84 2.15
CA LEU A 73 3.29 -8.25 1.08
C LEU A 73 2.87 -8.85 -0.26
N SER A 74 2.49 -10.11 -0.21
CA SER A 74 2.01 -10.80 -1.38
C SER A 74 0.62 -10.29 -1.75
N GLU A 75 -0.23 -10.08 -0.74
CA GLU A 75 -1.57 -9.51 -0.96
C GLU A 75 -1.42 -8.13 -1.62
N PHE A 76 -0.42 -7.38 -1.15
CA PHE A 76 -0.07 -6.05 -1.68
C PHE A 76 0.32 -6.16 -3.14
N GLY A 77 1.19 -7.11 -3.44
CA GLY A 77 1.63 -7.35 -4.80
C GLY A 77 0.49 -7.70 -5.76
N GLN A 78 -0.55 -8.32 -5.21
CA GLN A 78 -1.73 -8.71 -6.00
C GLN A 78 -2.73 -7.57 -6.09
N PHE A 79 -2.74 -6.73 -5.09
CA PHE A 79 -3.61 -5.55 -5.04
C PHE A 79 -3.07 -4.48 -6.01
N LEU A 80 -1.77 -4.46 -6.14
CA LEU A 80 -1.06 -3.56 -7.02
C LEU A 80 -1.26 -3.92 -8.49
N PRO A 81 -0.99 -2.95 -9.38
CA PRO A 81 -1.07 -3.16 -10.83
C PRO A 81 -0.11 -4.28 -11.32
N GLU A 82 -0.69 -5.46 -11.58
CA GLU A 82 0.08 -6.61 -12.01
C GLU A 82 0.18 -6.68 -13.52
N ALA A 83 -0.58 -5.83 -14.22
CA ALA A 83 -0.68 -5.86 -15.70
C ALA A 83 0.66 -5.72 -16.41
N LYS A 84 1.63 -5.12 -15.75
CA LYS A 84 2.94 -4.95 -16.32
C LYS A 84 3.81 -6.20 -16.24
N ARG A 85 3.43 -7.11 -15.38
CA ARG A 85 4.23 -8.30 -15.16
C ARG A 85 3.54 -9.54 -15.76
N GLU A 1 -25.54 0.72 -10.91
CA GLU A 1 -24.65 0.03 -10.01
C GLU A 1 -23.28 0.70 -9.98
N SER A 2 -22.69 0.74 -8.84
CA SER A 2 -21.39 1.29 -8.65
C SER A 2 -20.70 0.46 -7.58
N ASP A 3 -19.68 -0.26 -7.94
CA ASP A 3 -19.05 -1.14 -6.99
C ASP A 3 -17.59 -1.24 -7.25
N SER A 4 -16.83 -1.44 -6.22
CA SER A 4 -15.40 -1.53 -6.32
C SER A 4 -14.92 -2.87 -5.76
N VAL A 5 -14.84 -3.88 -6.62
CA VAL A 5 -14.49 -5.23 -6.21
C VAL A 5 -13.03 -5.32 -5.80
N GLU A 6 -12.16 -4.78 -6.64
CA GLU A 6 -10.72 -4.83 -6.41
C GLU A 6 -10.38 -4.03 -5.15
N PHE A 7 -11.17 -3.00 -4.91
CA PHE A 7 -11.05 -2.17 -3.76
C PHE A 7 -11.50 -2.92 -2.55
N ASN A 8 -12.64 -3.58 -2.62
CA ASN A 8 -13.12 -4.36 -1.47
C ASN A 8 -12.20 -5.53 -1.15
N ASN A 9 -11.57 -6.09 -2.16
CA ASN A 9 -10.55 -7.12 -1.95
C ASN A 9 -9.38 -6.48 -1.22
N ALA A 10 -9.00 -5.29 -1.68
CA ALA A 10 -7.96 -4.51 -1.07
C ALA A 10 -8.33 -4.12 0.36
N ILE A 11 -9.61 -3.82 0.58
CA ILE A 11 -10.07 -3.46 1.91
C ILE A 11 -9.99 -4.65 2.84
N SER A 12 -10.25 -5.84 2.29
CA SER A 12 -10.13 -7.06 3.05
C SER A 12 -8.67 -7.24 3.47
N TYR A 13 -7.77 -6.95 2.53
CA TYR A 13 -6.33 -6.90 2.76
C TYR A 13 -5.98 -5.84 3.82
N VAL A 14 -6.54 -4.66 3.68
CA VAL A 14 -6.31 -3.56 4.61
C VAL A 14 -6.86 -3.89 6.00
N ASN A 15 -8.04 -4.45 6.06
CA ASN A 15 -8.64 -4.88 7.30
C ASN A 15 -7.77 -5.93 7.97
N LYS A 16 -7.18 -6.78 7.15
CA LYS A 16 -6.29 -7.78 7.59
C LYS A 16 -5.04 -7.13 8.20
N ILE A 17 -4.57 -6.06 7.56
CA ILE A 17 -3.47 -5.26 8.10
C ILE A 17 -3.87 -4.70 9.47
N LYS A 18 -5.11 -4.14 9.53
CA LYS A 18 -5.66 -3.61 10.76
C LYS A 18 -5.54 -4.63 11.88
N THR A 19 -6.02 -5.83 11.61
CA THR A 19 -6.03 -6.96 12.51
C THR A 19 -4.61 -7.46 12.88
N ARG A 20 -3.77 -7.61 11.89
CA ARG A 20 -2.43 -8.17 12.05
C ARG A 20 -1.53 -7.29 12.89
N PHE A 21 -1.83 -6.04 12.92
CA PHE A 21 -1.09 -5.08 13.67
C PHE A 21 -2.06 -4.29 14.51
N LEU A 22 -3.07 -4.97 14.99
CA LEU A 22 -4.17 -4.38 15.71
C LEU A 22 -3.71 -3.71 17.00
N ASP A 23 -2.67 -4.25 17.58
CA ASP A 23 -2.11 -3.68 18.81
C ASP A 23 -1.26 -2.47 18.48
N HIS A 24 -0.87 -2.33 17.23
CA HIS A 24 0.02 -1.28 16.84
C HIS A 24 -0.58 -0.40 15.74
N PRO A 25 -1.35 0.63 16.12
CA PRO A 25 -1.99 1.52 15.14
C PRO A 25 -0.97 2.36 14.39
N GLU A 26 0.21 2.54 15.01
CA GLU A 26 1.26 3.33 14.42
C GLU A 26 1.77 2.68 13.13
N ILE A 27 1.77 1.35 13.11
CA ILE A 27 2.23 0.58 11.96
C ILE A 27 1.29 0.79 10.81
N TYR A 28 0.01 0.70 11.12
CA TYR A 28 -1.05 0.91 10.17
C TYR A 28 -0.88 2.30 9.55
N ARG A 29 -0.73 3.28 10.43
CA ARG A 29 -0.64 4.67 10.05
C ARG A 29 0.65 5.01 9.29
N SER A 30 1.76 4.39 9.69
CA SER A 30 3.04 4.63 9.03
C SER A 30 3.00 4.06 7.61
N PHE A 31 2.22 3.03 7.44
CA PHE A 31 2.01 2.49 6.13
C PHE A 31 1.05 3.37 5.31
N LEU A 32 -0.03 3.84 5.93
CA LEU A 32 -1.02 4.69 5.27
C LEU A 32 -0.37 5.88 4.62
N GLU A 33 0.61 6.42 5.31
CA GLU A 33 1.30 7.59 4.85
C GLU A 33 2.05 7.30 3.55
N ILE A 34 2.47 6.06 3.36
CA ILE A 34 3.15 5.63 2.17
C ILE A 34 2.15 5.52 1.05
N LEU A 35 0.99 4.96 1.35
CA LEU A 35 -0.04 4.73 0.38
C LEU A 35 -0.58 6.10 -0.13
N HIS A 36 -0.83 7.02 0.79
CA HIS A 36 -1.32 8.35 0.42
C HIS A 36 -0.23 9.12 -0.34
N THR A 37 1.01 8.83 -0.01
CA THR A 37 2.17 9.35 -0.69
C THR A 37 2.19 8.82 -2.13
N TYR A 38 1.98 7.52 -2.22
CA TYR A 38 2.00 6.78 -3.45
C TYR A 38 0.99 7.35 -4.44
N GLN A 39 -0.21 7.65 -3.95
CA GLN A 39 -1.29 8.23 -4.76
C GLN A 39 -0.88 9.61 -5.29
N LYS A 40 -0.20 10.37 -4.45
CA LYS A 40 0.24 11.70 -4.78
C LYS A 40 1.30 11.64 -5.88
N GLU A 41 2.12 10.61 -5.83
CA GLU A 41 3.18 10.39 -6.80
C GLU A 41 2.64 9.82 -8.12
N GLN A 42 1.36 9.50 -8.15
CA GLN A 42 0.74 9.04 -9.37
C GLN A 42 0.28 10.22 -10.18
N LEU A 43 -0.13 11.26 -9.49
CA LEU A 43 -0.60 12.46 -10.13
C LEU A 43 0.56 13.41 -10.37
N HIS A 44 1.35 13.63 -9.35
CA HIS A 44 2.48 14.50 -9.45
C HIS A 44 3.68 13.65 -9.78
N THR A 45 4.40 14.03 -10.82
CA THR A 45 5.54 13.30 -11.37
C THR A 45 5.18 11.88 -11.80
N LYS A 46 4.52 11.80 -12.95
CA LYS A 46 4.08 10.56 -13.54
C LYS A 46 5.29 9.65 -13.81
N GLY A 47 5.08 8.34 -13.67
CA GLY A 47 6.13 7.33 -13.81
C GLY A 47 6.98 7.46 -15.06
N ARG A 48 8.16 7.98 -14.86
CA ARG A 48 9.13 8.22 -15.88
C ARG A 48 10.48 8.09 -15.20
N PRO A 49 11.56 7.71 -15.92
CA PRO A 49 12.90 7.71 -15.35
C PRO A 49 13.31 9.10 -14.89
N PHE A 50 13.22 9.27 -13.60
CA PHE A 50 13.43 10.50 -12.88
C PHE A 50 13.16 10.11 -11.44
N ARG A 51 13.54 10.91 -10.47
CA ARG A 51 13.21 10.54 -9.11
C ARG A 51 11.77 10.85 -8.80
N GLY A 52 11.03 9.84 -8.85
CA GLY A 52 9.67 9.82 -8.44
C GLY A 52 9.54 8.58 -7.64
N MET A 53 8.56 8.51 -6.76
CA MET A 53 8.39 7.34 -5.93
C MET A 53 8.11 6.12 -6.79
N SER A 54 9.11 5.30 -6.97
CA SER A 54 8.94 4.12 -7.75
C SER A 54 8.27 3.08 -6.88
N GLU A 55 7.48 2.20 -7.47
CA GLU A 55 6.74 1.27 -6.69
C GLU A 55 7.65 0.28 -5.94
N GLU A 56 8.85 0.08 -6.45
CA GLU A 56 9.85 -0.74 -5.81
C GLU A 56 10.38 -0.09 -4.51
N GLU A 57 10.50 1.25 -4.50
CA GLU A 57 10.97 1.95 -3.30
C GLU A 57 9.80 2.03 -2.34
N VAL A 58 8.62 2.02 -2.93
CA VAL A 58 7.37 1.97 -2.23
C VAL A 58 7.28 0.65 -1.48
N PHE A 59 7.47 -0.44 -2.22
CA PHE A 59 7.41 -1.78 -1.68
C PHE A 59 8.41 -1.95 -0.56
N THR A 60 9.53 -1.26 -0.65
CA THR A 60 10.54 -1.31 0.32
C THR A 60 10.01 -0.92 1.73
N GLU A 61 9.37 0.24 1.85
CA GLU A 61 8.95 0.71 3.16
C GLU A 61 7.75 -0.08 3.63
N VAL A 62 6.94 -0.51 2.71
CA VAL A 62 5.76 -1.30 3.00
C VAL A 62 6.16 -2.70 3.46
N ALA A 63 7.12 -3.30 2.79
CA ALA A 63 7.63 -4.61 3.16
C ALA A 63 8.35 -4.53 4.50
N ASN A 64 9.02 -3.42 4.68
CA ASN A 64 9.68 -3.06 5.92
C ASN A 64 8.68 -2.82 7.06
N LEU A 65 7.50 -2.39 6.69
CA LEU A 65 6.46 -2.12 7.65
C LEU A 65 5.89 -3.46 8.14
N PHE A 66 5.61 -4.34 7.21
CA PHE A 66 4.98 -5.63 7.49
C PHE A 66 6.00 -6.75 7.42
N ARG A 67 7.19 -6.47 7.92
CA ARG A 67 8.31 -7.42 7.87
C ARG A 67 7.99 -8.77 8.52
N GLY A 68 7.82 -9.76 7.70
CA GLY A 68 7.51 -11.08 8.16
C GLY A 68 6.17 -11.54 7.64
N GLN A 69 5.28 -10.60 7.42
CA GLN A 69 3.96 -10.89 6.96
C GLN A 69 3.90 -10.87 5.44
N GLU A 70 4.38 -11.94 4.82
CA GLU A 70 4.45 -12.04 3.36
C GLU A 70 3.07 -12.02 2.73
N ASP A 71 2.08 -12.38 3.52
CA ASP A 71 0.67 -12.42 3.09
C ASP A 71 0.26 -11.07 2.57
N LEU A 72 0.58 -10.07 3.34
CA LEU A 72 0.22 -8.71 3.04
C LEU A 72 1.07 -8.19 1.89
N LEU A 73 2.31 -8.60 1.89
CA LEU A 73 3.28 -8.09 0.93
C LEU A 73 2.93 -8.58 -0.47
N SER A 74 2.52 -9.82 -0.54
CA SER A 74 2.15 -10.45 -1.78
C SER A 74 0.84 -9.85 -2.32
N GLU A 75 -0.08 -9.48 -1.45
CA GLU A 75 -1.32 -8.86 -1.88
C GLU A 75 -1.08 -7.46 -2.40
N PHE A 76 -0.19 -6.75 -1.73
CA PHE A 76 0.18 -5.39 -2.08
C PHE A 76 0.78 -5.37 -3.50
N GLY A 77 1.72 -6.26 -3.75
CA GLY A 77 2.36 -6.35 -5.06
C GLY A 77 1.37 -6.68 -6.18
N GLN A 78 0.39 -7.51 -5.87
CA GLN A 78 -0.61 -7.91 -6.84
C GLN A 78 -1.66 -6.82 -7.08
N PHE A 79 -2.04 -6.12 -6.03
CA PHE A 79 -3.07 -5.07 -6.13
C PHE A 79 -2.56 -3.83 -6.83
N LEU A 80 -1.33 -3.48 -6.57
CA LEU A 80 -0.74 -2.27 -7.10
C LEU A 80 -0.67 -2.25 -8.61
N PRO A 81 -0.84 -1.05 -9.19
CA PRO A 81 -0.76 -0.83 -10.63
C PRO A 81 0.57 -1.28 -11.22
N GLU A 82 0.56 -2.46 -11.82
CA GLU A 82 1.68 -3.06 -12.54
C GLU A 82 2.92 -3.29 -11.67
N ALA A 83 2.72 -3.50 -10.39
CA ALA A 83 3.84 -3.78 -9.49
C ALA A 83 4.38 -5.18 -9.72
N LYS A 84 3.58 -6.00 -10.41
CA LYS A 84 3.99 -7.33 -10.79
C LYS A 84 4.82 -7.31 -12.05
N ARG A 85 4.77 -6.20 -12.78
CA ARG A 85 5.51 -6.06 -14.02
C ARG A 85 6.84 -5.34 -13.76
N GLU A 1 -15.76 -0.73 -4.20
CA GLU A 1 -15.99 -1.80 -3.24
C GLU A 1 -17.18 -2.62 -3.65
N SER A 2 -17.81 -2.16 -4.65
CA SER A 2 -18.94 -2.84 -5.19
C SER A 2 -18.51 -3.58 -6.45
N ASP A 3 -18.04 -2.82 -7.42
CA ASP A 3 -17.57 -3.42 -8.68
C ASP A 3 -16.07 -3.61 -8.62
N SER A 4 -15.52 -2.98 -7.66
CA SER A 4 -14.13 -2.98 -7.42
C SER A 4 -13.73 -4.25 -6.64
N VAL A 5 -13.50 -5.33 -7.37
CA VAL A 5 -13.21 -6.63 -6.78
C VAL A 5 -11.78 -6.65 -6.22
N GLU A 6 -10.84 -6.17 -7.01
CA GLU A 6 -9.43 -6.08 -6.58
C GLU A 6 -9.33 -5.15 -5.39
N PHE A 7 -10.17 -4.15 -5.38
CA PHE A 7 -10.22 -3.20 -4.30
C PHE A 7 -10.81 -3.87 -3.05
N ASN A 8 -11.77 -4.75 -3.23
CA ASN A 8 -12.31 -5.54 -2.11
C ASN A 8 -11.25 -6.47 -1.59
N ASN A 9 -10.46 -7.02 -2.51
CA ASN A 9 -9.32 -7.85 -2.15
C ASN A 9 -8.33 -7.02 -1.36
N ALA A 10 -8.18 -5.77 -1.75
CA ALA A 10 -7.34 -4.82 -1.06
C ALA A 10 -7.86 -4.57 0.35
N ILE A 11 -9.16 -4.36 0.50
CA ILE A 11 -9.75 -4.21 1.83
C ILE A 11 -9.56 -5.47 2.69
N SER A 12 -9.65 -6.66 2.09
CA SER A 12 -9.37 -7.89 2.82
C SER A 12 -7.90 -7.87 3.29
N TYR A 13 -7.04 -7.38 2.42
CA TYR A 13 -5.64 -7.15 2.71
C TYR A 13 -5.50 -6.13 3.86
N VAL A 14 -6.23 -5.04 3.76
CA VAL A 14 -6.23 -4.00 4.76
C VAL A 14 -6.75 -4.50 6.11
N ASN A 15 -7.88 -5.21 6.11
CA ASN A 15 -8.45 -5.80 7.31
C ASN A 15 -7.43 -6.70 7.99
N LYS A 16 -6.64 -7.42 7.20
CA LYS A 16 -5.55 -8.22 7.73
C LYS A 16 -4.62 -7.33 8.51
N ILE A 17 -4.19 -6.23 7.88
CA ILE A 17 -3.27 -5.26 8.47
C ILE A 17 -3.83 -4.76 9.79
N LYS A 18 -5.10 -4.33 9.76
CA LYS A 18 -5.80 -3.81 10.93
C LYS A 18 -5.66 -4.77 12.11
N THR A 19 -5.93 -6.02 11.85
CA THR A 19 -5.90 -7.11 12.79
C THR A 19 -4.46 -7.54 13.20
N ARG A 20 -3.59 -7.61 12.24
CA ARG A 20 -2.23 -8.10 12.42
C ARG A 20 -1.36 -7.13 13.16
N PHE A 21 -1.77 -5.91 13.15
CA PHE A 21 -1.08 -4.84 13.82
C PHE A 21 -2.12 -4.09 14.62
N LEU A 22 -3.06 -4.85 15.15
CA LEU A 22 -4.19 -4.35 15.90
C LEU A 22 -3.71 -3.72 17.19
N ASP A 23 -2.61 -4.24 17.69
CA ASP A 23 -1.99 -3.79 18.92
C ASP A 23 -1.04 -2.65 18.68
N HIS A 24 -0.78 -2.37 17.45
CA HIS A 24 0.16 -1.34 17.09
C HIS A 24 -0.43 -0.38 16.08
N PRO A 25 -1.16 0.62 16.57
CA PRO A 25 -1.92 1.56 15.74
C PRO A 25 -1.06 2.33 14.75
N GLU A 26 0.13 2.72 15.18
CA GLU A 26 1.03 3.54 14.38
C GLU A 26 1.37 2.88 13.05
N ILE A 27 1.56 1.58 13.06
CA ILE A 27 1.97 0.79 11.89
C ILE A 27 1.01 0.98 10.73
N TYR A 28 -0.25 1.04 11.06
CA TYR A 28 -1.29 1.22 10.10
C TYR A 28 -1.15 2.60 9.45
N ARG A 29 -0.95 3.62 10.29
CA ARG A 29 -0.89 4.99 9.81
C ARG A 29 0.43 5.29 9.10
N SER A 30 1.50 4.66 9.57
CA SER A 30 2.81 4.81 8.97
C SER A 30 2.80 4.20 7.57
N PHE A 31 2.01 3.17 7.39
CA PHE A 31 1.84 2.60 6.08
C PHE A 31 0.94 3.45 5.19
N LEU A 32 -0.17 3.94 5.75
CA LEU A 32 -1.15 4.74 5.00
C LEU A 32 -0.49 5.89 4.27
N GLU A 33 0.50 6.48 4.90
CA GLU A 33 1.19 7.61 4.37
C GLU A 33 1.94 7.25 3.09
N ILE A 34 2.35 5.99 2.97
CA ILE A 34 3.07 5.50 1.84
C ILE A 34 2.13 5.39 0.67
N LEU A 35 0.94 4.91 0.91
CA LEU A 35 -0.03 4.75 -0.11
C LEU A 35 -0.49 6.13 -0.56
N HIS A 36 -0.67 7.03 0.39
CA HIS A 36 -1.04 8.42 0.08
C HIS A 36 0.11 9.09 -0.68
N THR A 37 1.33 8.79 -0.27
CA THR A 37 2.53 9.22 -0.95
C THR A 37 2.57 8.69 -2.40
N TYR A 38 2.10 7.48 -2.57
CA TYR A 38 2.06 6.82 -3.83
C TYR A 38 1.03 7.53 -4.73
N GLN A 39 -0.10 7.94 -4.12
CA GLN A 39 -1.13 8.76 -4.77
C GLN A 39 -0.54 10.11 -5.17
N LYS A 40 0.07 10.76 -4.18
CA LYS A 40 0.73 12.06 -4.32
C LYS A 40 1.71 12.10 -5.43
N GLU A 41 2.46 11.02 -5.57
CA GLU A 41 3.53 10.88 -6.54
C GLU A 41 3.02 11.18 -7.97
N GLN A 42 1.76 10.92 -8.22
CA GLN A 42 1.21 11.11 -9.55
C GLN A 42 0.97 12.60 -9.87
N LEU A 43 0.70 13.42 -8.84
CA LEU A 43 0.33 14.84 -9.06
C LEU A 43 1.32 15.85 -8.48
N HIS A 44 2.04 15.44 -7.45
CA HIS A 44 2.95 16.29 -6.67
C HIS A 44 4.00 16.98 -7.56
N THR A 45 3.94 18.31 -7.61
CA THR A 45 4.85 19.12 -8.44
C THR A 45 6.18 19.35 -7.73
N LYS A 46 6.38 18.60 -6.66
CA LYS A 46 7.51 18.59 -5.81
C LYS A 46 7.56 19.79 -4.89
N GLY A 47 7.51 19.48 -3.63
CA GLY A 47 7.54 20.45 -2.57
C GLY A 47 8.31 19.84 -1.45
N ARG A 48 8.02 18.58 -1.20
CA ARG A 48 8.77 17.79 -0.27
C ARG A 48 10.00 17.29 -1.02
N PRO A 49 11.18 17.28 -0.38
CA PRO A 49 12.41 16.80 -1.01
C PRO A 49 12.45 15.30 -1.10
N PHE A 50 11.49 14.78 -1.82
CA PHE A 50 11.30 13.41 -2.06
C PHE A 50 10.05 13.22 -2.90
N ARG A 51 10.23 13.22 -4.19
CA ARG A 51 9.16 12.99 -5.10
C ARG A 51 9.60 11.94 -6.08
N GLY A 52 8.72 11.03 -6.39
CA GLY A 52 9.05 9.98 -7.29
C GLY A 52 9.44 8.76 -6.59
N MET A 53 8.52 8.27 -5.80
CA MET A 53 8.71 7.09 -5.10
C MET A 53 8.36 5.97 -6.03
N SER A 54 9.36 5.28 -6.51
CA SER A 54 9.17 4.21 -7.47
C SER A 54 8.55 3.04 -6.74
N GLU A 55 7.75 2.24 -7.44
CA GLU A 55 6.98 1.20 -6.82
C GLU A 55 7.82 0.14 -6.07
N GLU A 56 9.06 -0.05 -6.48
CA GLU A 56 9.93 -0.98 -5.82
C GLU A 56 10.37 -0.43 -4.45
N GLU A 57 10.64 0.86 -4.37
CA GLU A 57 11.02 1.47 -3.10
C GLU A 57 9.75 1.65 -2.27
N VAL A 58 8.63 1.78 -2.99
CA VAL A 58 7.31 1.78 -2.42
C VAL A 58 7.10 0.48 -1.67
N PHE A 59 7.34 -0.63 -2.38
CA PHE A 59 7.21 -1.95 -1.83
C PHE A 59 8.15 -2.14 -0.65
N THR A 60 9.32 -1.50 -0.71
CA THR A 60 10.28 -1.58 0.29
C THR A 60 9.76 -1.03 1.63
N GLU A 61 9.21 0.18 1.62
CA GLU A 61 8.74 0.80 2.85
C GLU A 61 7.56 0.03 3.42
N VAL A 62 6.78 -0.55 2.52
CA VAL A 62 5.62 -1.36 2.88
C VAL A 62 6.08 -2.72 3.47
N ALA A 63 7.07 -3.33 2.83
CA ALA A 63 7.65 -4.59 3.31
C ALA A 63 8.32 -4.37 4.64
N ASN A 64 8.94 -3.23 4.77
CA ASN A 64 9.57 -2.77 6.00
C ASN A 64 8.56 -2.54 7.10
N LEU A 65 7.36 -2.20 6.72
CA LEU A 65 6.33 -1.96 7.67
C LEU A 65 5.82 -3.32 8.18
N PHE A 66 5.50 -4.19 7.23
CA PHE A 66 4.88 -5.48 7.51
C PHE A 66 5.89 -6.62 7.39
N ARG A 67 7.10 -6.38 7.88
CA ARG A 67 8.20 -7.34 7.75
C ARG A 67 7.80 -8.72 8.32
N GLY A 68 7.70 -9.69 7.45
CA GLY A 68 7.38 -11.02 7.86
C GLY A 68 5.98 -11.44 7.48
N GLN A 69 5.09 -10.49 7.33
CA GLN A 69 3.73 -10.80 6.97
C GLN A 69 3.61 -10.88 5.45
N GLU A 70 3.91 -12.04 4.90
CA GLU A 70 3.94 -12.23 3.45
C GLU A 70 2.58 -12.09 2.82
N ASP A 71 1.53 -12.32 3.60
CA ASP A 71 0.13 -12.12 3.15
C ASP A 71 -0.03 -10.75 2.60
N LEU A 72 0.39 -9.81 3.39
CA LEU A 72 0.23 -8.43 3.10
C LEU A 72 1.11 -8.02 1.96
N LEU A 73 2.26 -8.61 1.89
CA LEU A 73 3.23 -8.24 0.90
C LEU A 73 2.84 -8.82 -0.46
N SER A 74 2.12 -9.92 -0.43
CA SER A 74 1.65 -10.57 -1.63
C SER A 74 0.43 -9.85 -2.19
N GLU A 75 -0.58 -9.61 -1.35
CA GLU A 75 -1.81 -8.94 -1.81
C GLU A 75 -1.53 -7.53 -2.30
N PHE A 76 -0.61 -6.85 -1.62
CA PHE A 76 -0.22 -5.50 -1.98
C PHE A 76 0.38 -5.48 -3.40
N GLY A 77 1.24 -6.45 -3.68
CA GLY A 77 1.87 -6.52 -4.99
C GLY A 77 0.87 -6.79 -6.10
N GLN A 78 -0.07 -7.67 -5.82
CA GLN A 78 -1.12 -8.04 -6.79
C GLN A 78 -2.04 -6.85 -7.10
N PHE A 79 -2.37 -6.11 -6.07
CA PHE A 79 -3.27 -4.96 -6.18
C PHE A 79 -2.62 -3.79 -6.91
N LEU A 80 -1.31 -3.75 -6.93
CA LEU A 80 -0.62 -2.67 -7.58
C LEU A 80 -0.44 -2.86 -9.07
N PRO A 81 -0.28 -1.74 -9.81
CA PRO A 81 -0.05 -1.75 -11.26
C PRO A 81 1.40 -2.10 -11.63
N GLU A 82 2.16 -2.51 -10.63
CA GLU A 82 3.57 -2.78 -10.78
C GLU A 82 3.84 -4.00 -11.68
N ALA A 83 2.85 -4.88 -11.75
CA ALA A 83 2.91 -6.07 -12.61
C ALA A 83 2.74 -5.67 -14.07
N LYS A 84 2.17 -4.50 -14.27
CA LYS A 84 1.93 -3.95 -15.58
C LYS A 84 3.10 -3.12 -16.04
N ARG A 85 3.96 -2.79 -15.11
CA ARG A 85 5.14 -2.00 -15.37
C ARG A 85 6.34 -2.87 -15.68
N GLU A 1 -24.98 -3.20 -10.55
CA GLU A 1 -23.94 -2.90 -9.58
C GLU A 1 -22.57 -3.25 -10.17
N SER A 2 -21.64 -2.32 -10.14
CA SER A 2 -20.32 -2.55 -10.67
C SER A 2 -19.44 -3.15 -9.58
N ASP A 3 -19.69 -2.72 -8.34
CA ASP A 3 -18.99 -3.20 -7.15
C ASP A 3 -17.48 -2.84 -7.24
N SER A 4 -16.68 -3.45 -6.44
CA SER A 4 -15.25 -3.30 -6.42
C SER A 4 -14.71 -4.57 -5.80
N VAL A 5 -14.71 -5.63 -6.58
CA VAL A 5 -14.41 -6.96 -6.12
C VAL A 5 -12.99 -7.08 -5.61
N GLU A 6 -12.05 -6.62 -6.40
CA GLU A 6 -10.65 -6.77 -6.05
C GLU A 6 -10.29 -5.86 -4.93
N PHE A 7 -10.92 -4.74 -4.90
CA PHE A 7 -10.81 -3.77 -3.86
C PHE A 7 -11.29 -4.40 -2.58
N ASN A 8 -12.43 -5.09 -2.62
CA ASN A 8 -12.98 -5.72 -1.46
C ASN A 8 -12.07 -6.84 -0.94
N ASN A 9 -11.43 -7.56 -1.85
CA ASN A 9 -10.47 -8.60 -1.45
C ASN A 9 -9.25 -7.93 -0.84
N ALA A 10 -8.89 -6.79 -1.39
CA ALA A 10 -7.80 -5.99 -0.90
C ALA A 10 -8.16 -5.41 0.48
N ILE A 11 -9.43 -4.99 0.66
CA ILE A 11 -9.90 -4.45 1.93
C ILE A 11 -9.84 -5.54 2.99
N SER A 12 -10.10 -6.75 2.57
CA SER A 12 -10.03 -7.90 3.44
C SER A 12 -8.60 -8.06 3.98
N TYR A 13 -7.63 -7.83 3.10
CA TYR A 13 -6.22 -7.83 3.50
C TYR A 13 -5.92 -6.64 4.39
N VAL A 14 -6.50 -5.50 4.08
CA VAL A 14 -6.34 -4.30 4.90
C VAL A 14 -6.88 -4.53 6.30
N ASN A 15 -8.11 -5.05 6.38
CA ASN A 15 -8.76 -5.38 7.64
C ASN A 15 -7.92 -6.37 8.44
N LYS A 16 -7.27 -7.26 7.72
CA LYS A 16 -6.37 -8.21 8.30
C LYS A 16 -5.19 -7.48 8.94
N ILE A 17 -4.66 -6.47 8.23
CA ILE A 17 -3.60 -5.62 8.72
C ILE A 17 -4.06 -4.92 9.98
N LYS A 18 -5.25 -4.31 9.90
CA LYS A 18 -5.85 -3.57 11.00
C LYS A 18 -5.88 -4.40 12.26
N THR A 19 -6.26 -5.67 12.12
CA THR A 19 -6.36 -6.64 13.17
C THR A 19 -4.97 -7.15 13.67
N ARG A 20 -4.08 -7.39 12.75
CA ARG A 20 -2.79 -7.94 13.08
C ARG A 20 -1.88 -6.95 13.75
N PHE A 21 -2.03 -5.73 13.37
CA PHE A 21 -1.26 -4.65 13.92
C PHE A 21 -2.23 -3.73 14.65
N LEU A 22 -3.24 -4.36 15.22
CA LEU A 22 -4.37 -3.70 15.87
C LEU A 22 -3.92 -2.85 17.04
N ASP A 23 -2.94 -3.33 17.72
CA ASP A 23 -2.42 -2.66 18.90
C ASP A 23 -1.35 -1.61 18.51
N HIS A 24 -0.95 -1.61 17.27
CA HIS A 24 0.08 -0.71 16.81
C HIS A 24 -0.41 0.13 15.64
N PRO A 25 -1.11 1.23 15.93
CA PRO A 25 -1.71 2.07 14.91
C PRO A 25 -0.67 2.82 14.09
N GLU A 26 0.51 3.00 14.65
CA GLU A 26 1.61 3.67 13.99
C GLU A 26 2.11 2.85 12.81
N ILE A 27 1.92 1.55 12.86
CA ILE A 27 2.32 0.67 11.78
C ILE A 27 1.35 0.84 10.64
N TYR A 28 0.09 0.90 10.99
CA TYR A 28 -0.98 1.13 10.04
C TYR A 28 -0.77 2.52 9.43
N ARG A 29 -0.53 3.50 10.31
CA ARG A 29 -0.32 4.86 9.97
C ARG A 29 0.93 5.09 9.11
N SER A 30 2.06 4.44 9.46
CA SER A 30 3.28 4.53 8.66
C SER A 30 3.03 4.00 7.27
N PHE A 31 2.17 3.05 7.17
CA PHE A 31 1.81 2.56 5.89
C PHE A 31 0.88 3.53 5.15
N LEU A 32 -0.10 4.07 5.86
CA LEU A 32 -1.03 5.03 5.29
C LEU A 32 -0.31 6.22 4.73
N GLU A 33 0.78 6.61 5.39
CA GLU A 33 1.57 7.72 4.95
C GLU A 33 2.21 7.40 3.60
N ILE A 34 2.64 6.13 3.42
CA ILE A 34 3.24 5.65 2.20
C ILE A 34 2.22 5.67 1.10
N LEU A 35 1.04 5.18 1.39
CA LEU A 35 -0.02 5.11 0.44
C LEU A 35 -0.43 6.55 0.03
N HIS A 36 -0.45 7.46 1.00
CA HIS A 36 -0.82 8.84 0.73
C HIS A 36 0.29 9.49 -0.11
N THR A 37 1.52 9.20 0.25
CA THR A 37 2.71 9.58 -0.49
C THR A 37 2.63 9.08 -1.93
N TYR A 38 2.22 7.84 -2.07
CA TYR A 38 2.07 7.18 -3.33
C TYR A 38 1.01 7.88 -4.19
N GLN A 39 0.02 8.46 -3.53
CA GLN A 39 -1.02 9.23 -4.19
C GLN A 39 -0.47 10.55 -4.72
N LYS A 40 0.31 11.26 -3.89
CA LYS A 40 0.93 12.53 -4.32
C LYS A 40 1.85 12.33 -5.51
N GLU A 41 2.39 11.14 -5.60
CA GLU A 41 3.28 10.75 -6.68
C GLU A 41 2.53 10.60 -8.01
N GLN A 42 1.21 10.53 -7.96
CA GLN A 42 0.41 10.36 -9.16
C GLN A 42 -0.02 11.70 -9.70
N LEU A 43 0.11 12.72 -8.88
CA LEU A 43 -0.25 14.06 -9.27
C LEU A 43 0.93 14.73 -9.94
N HIS A 44 0.64 15.76 -10.69
CA HIS A 44 1.67 16.48 -11.41
C HIS A 44 2.37 17.43 -10.46
N THR A 45 3.52 17.00 -9.98
CA THR A 45 4.33 17.68 -8.98
C THR A 45 3.61 17.92 -7.67
N LYS A 46 3.96 17.11 -6.71
CA LYS A 46 3.47 17.20 -5.34
C LYS A 46 3.87 18.55 -4.71
N GLY A 47 4.92 19.13 -5.23
CA GLY A 47 5.35 20.42 -4.83
C GLY A 47 6.37 20.92 -5.79
N ARG A 48 7.54 20.42 -5.66
CA ARG A 48 8.66 20.75 -6.48
C ARG A 48 8.92 19.54 -7.36
N PRO A 49 9.59 19.68 -8.51
CA PRO A 49 10.12 18.55 -9.23
C PRO A 49 11.15 17.90 -8.33
N PHE A 50 10.76 16.83 -7.73
CA PHE A 50 11.52 16.19 -6.70
C PHE A 50 11.30 14.72 -6.87
N ARG A 51 12.24 13.91 -6.42
CA ARG A 51 12.11 12.48 -6.53
C ARG A 51 10.89 11.97 -5.84
N GLY A 52 10.17 11.19 -6.55
CA GLY A 52 9.00 10.61 -6.04
C GLY A 52 9.27 9.22 -5.59
N MET A 53 8.46 8.72 -4.68
CA MET A 53 8.56 7.41 -4.20
C MET A 53 8.20 6.47 -5.33
N SER A 54 9.20 5.84 -5.88
CA SER A 54 9.03 4.99 -7.01
C SER A 54 8.54 3.63 -6.56
N GLU A 55 7.82 2.97 -7.45
CA GLU A 55 7.11 1.73 -7.21
C GLU A 55 7.92 0.67 -6.43
N GLU A 56 9.18 0.50 -6.77
CA GLU A 56 10.00 -0.48 -6.10
C GLU A 56 10.25 -0.08 -4.64
N GLU A 57 10.61 1.16 -4.40
CA GLU A 57 10.86 1.63 -3.05
C GLU A 57 9.53 1.69 -2.29
N VAL A 58 8.43 1.89 -3.04
CA VAL A 58 7.10 1.90 -2.51
C VAL A 58 6.82 0.56 -1.86
N PHE A 59 7.00 -0.50 -2.65
CA PHE A 59 6.78 -1.85 -2.18
C PHE A 59 7.71 -2.17 -1.01
N THR A 60 8.92 -1.66 -1.09
CA THR A 60 9.92 -1.85 -0.13
C THR A 60 9.51 -1.34 1.26
N GLU A 61 9.02 -0.10 1.36
CA GLU A 61 8.68 0.44 2.65
C GLU A 61 7.48 -0.27 3.24
N VAL A 62 6.60 -0.71 2.38
CA VAL A 62 5.42 -1.45 2.79
C VAL A 62 5.82 -2.88 3.25
N ALA A 63 6.75 -3.49 2.53
CA ALA A 63 7.27 -4.82 2.89
C ALA A 63 8.06 -4.72 4.19
N ASN A 64 8.70 -3.61 4.37
CA ASN A 64 9.44 -3.28 5.58
C ASN A 64 8.50 -3.00 6.73
N LEU A 65 7.33 -2.50 6.41
CA LEU A 65 6.33 -2.19 7.40
C LEU A 65 5.76 -3.49 7.96
N PHE A 66 5.23 -4.31 7.07
CA PHE A 66 4.54 -5.53 7.42
C PHE A 66 5.47 -6.71 7.24
N ARG A 67 6.71 -6.51 7.62
CA ARG A 67 7.72 -7.51 7.49
C ARG A 67 7.36 -8.77 8.29
N GLY A 68 7.37 -9.87 7.61
CA GLY A 68 7.00 -11.12 8.21
C GLY A 68 5.65 -11.57 7.73
N GLN A 69 4.76 -10.62 7.55
CA GLN A 69 3.44 -10.90 7.05
C GLN A 69 3.46 -10.85 5.53
N GLU A 70 4.12 -11.83 4.95
CA GLU A 70 4.35 -11.89 3.52
C GLU A 70 3.07 -12.18 2.77
N ASP A 71 2.06 -12.67 3.51
CA ASP A 71 0.72 -12.92 2.97
C ASP A 71 0.18 -11.65 2.33
N LEU A 72 0.37 -10.56 3.04
CA LEU A 72 -0.11 -9.26 2.63
C LEU A 72 0.73 -8.74 1.47
N LEU A 73 1.99 -9.07 1.54
CA LEU A 73 2.99 -8.53 0.64
C LEU A 73 2.85 -9.15 -0.75
N SER A 74 2.54 -10.44 -0.80
CA SER A 74 2.32 -11.16 -2.04
C SER A 74 1.21 -10.49 -2.87
N GLU A 75 0.13 -10.12 -2.20
CA GLU A 75 -0.99 -9.48 -2.86
C GLU A 75 -0.70 -8.05 -3.20
N PHE A 76 -0.06 -7.33 -2.30
CA PHE A 76 0.27 -5.92 -2.51
C PHE A 76 1.12 -5.75 -3.74
N GLY A 77 2.13 -6.59 -3.88
CA GLY A 77 3.04 -6.53 -5.02
C GLY A 77 2.35 -6.76 -6.36
N GLN A 78 1.22 -7.42 -6.33
CA GLN A 78 0.51 -7.70 -7.57
C GLN A 78 -0.71 -6.80 -7.76
N PHE A 79 -1.28 -6.31 -6.66
CA PHE A 79 -2.42 -5.39 -6.73
C PHE A 79 -1.95 -4.09 -7.35
N LEU A 80 -0.67 -3.82 -7.13
CA LEU A 80 0.02 -2.70 -7.69
C LEU A 80 0.13 -2.82 -9.21
N PRO A 81 0.31 -1.64 -9.89
CA PRO A 81 0.39 -1.45 -11.32
C PRO A 81 0.62 -2.67 -12.22
N GLU A 82 -0.40 -2.96 -13.01
CA GLU A 82 -0.37 -3.91 -14.13
C GLU A 82 -0.23 -5.40 -13.79
N ALA A 83 0.07 -5.76 -12.56
CA ALA A 83 0.27 -7.18 -12.25
C ALA A 83 -1.04 -7.97 -12.25
N LYS A 84 -2.03 -7.53 -11.47
CA LYS A 84 -3.35 -8.17 -11.50
C LYS A 84 -4.13 -7.80 -12.77
N ARG A 85 -3.69 -6.76 -13.42
CA ARG A 85 -4.36 -6.28 -14.63
C ARG A 85 -4.01 -7.17 -15.82
N GLU A 1 -21.61 0.53 -11.97
CA GLU A 1 -21.24 -0.32 -10.84
C GLU A 1 -21.75 0.28 -9.53
N SER A 2 -22.36 -0.54 -8.72
CA SER A 2 -22.86 -0.10 -7.44
C SER A 2 -21.95 -0.61 -6.32
N ASP A 3 -21.12 -1.56 -6.65
CA ASP A 3 -20.18 -2.15 -5.71
C ASP A 3 -18.77 -1.84 -6.15
N SER A 4 -17.88 -1.79 -5.22
CA SER A 4 -16.50 -1.59 -5.50
C SER A 4 -15.74 -2.87 -5.17
N VAL A 5 -15.64 -3.77 -6.14
CA VAL A 5 -15.08 -5.11 -5.95
C VAL A 5 -13.65 -5.06 -5.41
N GLU A 6 -12.77 -4.39 -6.12
CA GLU A 6 -11.37 -4.26 -5.74
C GLU A 6 -11.23 -3.54 -4.44
N PHE A 7 -12.13 -2.65 -4.19
CA PHE A 7 -12.16 -1.91 -2.97
C PHE A 7 -12.49 -2.83 -1.80
N ASN A 8 -13.45 -3.71 -2.01
CA ASN A 8 -13.83 -4.70 -1.00
C ASN A 8 -12.66 -5.61 -0.73
N ASN A 9 -11.99 -6.02 -1.80
CA ASN A 9 -10.78 -6.85 -1.71
C ASN A 9 -9.71 -6.12 -0.97
N ALA A 10 -9.55 -4.85 -1.29
CA ALA A 10 -8.59 -4.00 -0.65
C ALA A 10 -8.89 -3.86 0.82
N ILE A 11 -10.15 -3.64 1.17
CA ILE A 11 -10.56 -3.62 2.53
C ILE A 11 -10.33 -4.97 3.20
N SER A 12 -10.50 -6.06 2.49
CA SER A 12 -10.22 -7.38 3.07
C SER A 12 -8.72 -7.46 3.43
N TYR A 13 -7.89 -6.96 2.53
CA TYR A 13 -6.45 -6.84 2.72
C TYR A 13 -6.14 -5.88 3.88
N VAL A 14 -6.78 -4.72 3.86
CA VAL A 14 -6.58 -3.72 4.89
C VAL A 14 -7.06 -4.18 6.25
N ASN A 15 -8.25 -4.77 6.32
CA ASN A 15 -8.83 -5.30 7.54
C ASN A 15 -7.89 -6.31 8.18
N LYS A 16 -7.24 -7.08 7.33
CA LYS A 16 -6.26 -8.04 7.74
C LYS A 16 -5.11 -7.30 8.42
N ILE A 17 -4.65 -6.21 7.81
CA ILE A 17 -3.60 -5.37 8.37
C ILE A 17 -4.05 -4.79 9.72
N LYS A 18 -5.28 -4.24 9.75
CA LYS A 18 -5.86 -3.62 10.93
C LYS A 18 -5.79 -4.58 12.11
N THR A 19 -6.12 -5.82 11.84
CA THR A 19 -6.11 -6.89 12.80
C THR A 19 -4.66 -7.37 13.13
N ARG A 20 -3.86 -7.56 12.13
CA ARG A 20 -2.51 -8.07 12.28
C ARG A 20 -1.60 -7.10 12.97
N PHE A 21 -1.95 -5.86 12.91
CA PHE A 21 -1.21 -4.80 13.54
C PHE A 21 -2.17 -4.02 14.41
N LEU A 22 -3.12 -4.76 14.96
CA LEU A 22 -4.21 -4.21 15.77
C LEU A 22 -3.67 -3.55 17.03
N ASP A 23 -2.60 -4.08 17.53
CA ASP A 23 -2.00 -3.58 18.75
C ASP A 23 -0.89 -2.59 18.41
N HIS A 24 -0.68 -2.35 17.13
CA HIS A 24 0.37 -1.47 16.67
C HIS A 24 -0.19 -0.44 15.66
N PRO A 25 -0.93 0.58 16.14
CA PRO A 25 -1.55 1.58 15.26
C PRO A 25 -0.51 2.39 14.48
N GLU A 26 0.68 2.50 15.05
CA GLU A 26 1.80 3.18 14.46
C GLU A 26 2.18 2.58 13.09
N ILE A 27 2.10 1.26 13.00
CA ILE A 27 2.49 0.54 11.80
C ILE A 27 1.43 0.74 10.74
N TYR A 28 0.19 0.69 11.18
CA TYR A 28 -0.98 0.90 10.32
C TYR A 28 -0.86 2.28 9.67
N ARG A 29 -0.67 3.27 10.51
CA ARG A 29 -0.56 4.66 10.13
C ARG A 29 0.61 4.89 9.16
N SER A 30 1.76 4.27 9.48
CA SER A 30 2.96 4.44 8.67
C SER A 30 2.76 3.86 7.28
N PHE A 31 1.94 2.87 7.17
CA PHE A 31 1.62 2.31 5.91
C PHE A 31 0.70 3.22 5.12
N LEU A 32 -0.32 3.69 5.79
CA LEU A 32 -1.34 4.55 5.22
C LEU A 32 -0.73 5.78 4.56
N GLU A 33 0.33 6.29 5.18
CA GLU A 33 0.99 7.45 4.68
C GLU A 33 1.66 7.14 3.33
N ILE A 34 2.13 5.89 3.17
CA ILE A 34 2.82 5.45 1.99
C ILE A 34 1.86 5.39 0.81
N LEU A 35 0.67 4.85 1.02
CA LEU A 35 -0.29 4.75 -0.06
C LEU A 35 -0.86 6.08 -0.47
N HIS A 36 -1.08 6.95 0.49
CA HIS A 36 -1.54 8.30 0.19
C HIS A 36 -0.44 9.00 -0.62
N THR A 37 0.78 8.83 -0.16
CA THR A 37 1.95 9.35 -0.81
C THR A 37 2.12 8.78 -2.22
N TYR A 38 1.89 7.49 -2.34
CA TYR A 38 2.03 6.79 -3.58
C TYR A 38 1.07 7.37 -4.62
N GLN A 39 -0.19 7.48 -4.24
CA GLN A 39 -1.22 8.01 -5.13
C GLN A 39 -0.93 9.44 -5.54
N LYS A 40 -0.44 10.22 -4.59
CA LYS A 40 -0.13 11.61 -4.81
C LYS A 40 1.18 11.84 -5.55
N GLU A 41 2.00 10.85 -5.64
CA GLU A 41 3.27 10.99 -6.33
C GLU A 41 3.14 10.49 -7.77
N GLN A 42 2.53 9.33 -7.91
CA GLN A 42 2.44 8.67 -9.20
C GLN A 42 1.46 9.39 -10.14
N LEU A 43 0.29 9.69 -9.64
CA LEU A 43 -0.73 10.28 -10.50
C LEU A 43 -0.60 11.80 -10.59
N HIS A 44 0.11 12.24 -11.61
CA HIS A 44 0.31 13.67 -11.87
C HIS A 44 -0.10 14.06 -13.27
N THR A 45 -1.02 15.01 -13.35
CA THR A 45 -1.46 15.66 -14.58
C THR A 45 -2.18 14.71 -15.55
N LYS A 46 -1.41 13.93 -16.26
CA LYS A 46 -1.94 13.10 -17.32
C LYS A 46 -0.97 11.97 -17.64
N GLY A 47 0.31 12.29 -17.64
CA GLY A 47 1.33 11.29 -17.84
C GLY A 47 2.25 11.30 -16.67
N ARG A 48 2.48 10.15 -16.09
CA ARG A 48 3.27 10.06 -14.89
C ARG A 48 4.73 10.43 -15.11
N PRO A 49 5.23 11.29 -14.24
CA PRO A 49 6.64 11.63 -14.20
C PRO A 49 7.38 10.54 -13.47
N PHE A 50 8.21 9.84 -14.17
CA PHE A 50 8.92 8.78 -13.57
C PHE A 50 10.20 9.31 -12.93
N ARG A 51 9.98 9.92 -11.78
CA ARG A 51 11.00 10.46 -10.93
C ARG A 51 10.28 10.81 -9.65
N GLY A 52 10.67 10.22 -8.58
CA GLY A 52 10.00 10.41 -7.35
C GLY A 52 10.04 9.17 -6.58
N MET A 53 8.97 8.87 -5.96
CA MET A 53 8.81 7.69 -5.19
C MET A 53 8.81 6.50 -6.13
N SER A 54 9.90 5.79 -6.17
CA SER A 54 10.01 4.65 -7.04
C SER A 54 9.16 3.54 -6.46
N GLU A 55 8.62 2.68 -7.32
CA GLU A 55 7.80 1.60 -6.91
C GLU A 55 8.59 0.66 -6.02
N GLU A 56 9.89 0.57 -6.28
CA GLU A 56 10.77 -0.22 -5.48
C GLU A 56 10.87 0.34 -4.05
N GLU A 57 10.99 1.68 -3.92
CA GLU A 57 11.14 2.29 -2.61
C GLU A 57 9.80 2.24 -1.89
N VAL A 58 8.74 2.26 -2.68
CA VAL A 58 7.42 2.11 -2.21
C VAL A 58 7.30 0.76 -1.56
N PHE A 59 7.67 -0.26 -2.32
CA PHE A 59 7.62 -1.62 -1.87
C PHE A 59 8.57 -1.79 -0.69
N THR A 60 9.67 -1.06 -0.67
CA THR A 60 10.60 -1.07 0.38
C THR A 60 9.94 -0.66 1.69
N GLU A 61 9.25 0.48 1.72
CA GLU A 61 8.66 0.96 2.95
C GLU A 61 7.49 0.09 3.36
N VAL A 62 6.82 -0.49 2.37
CA VAL A 62 5.69 -1.39 2.62
C VAL A 62 6.17 -2.77 3.12
N ALA A 63 7.24 -3.27 2.54
CA ALA A 63 7.84 -4.54 2.98
C ALA A 63 8.45 -4.36 4.36
N ASN A 64 9.03 -3.21 4.56
CA ASN A 64 9.58 -2.79 5.84
C ASN A 64 8.47 -2.60 6.89
N LEU A 65 7.32 -2.26 6.42
CA LEU A 65 6.14 -2.04 7.22
C LEU A 65 5.64 -3.41 7.71
N PHE A 66 5.44 -4.32 6.76
CA PHE A 66 4.87 -5.64 7.07
C PHE A 66 5.95 -6.73 7.01
N ARG A 67 7.15 -6.44 7.50
CA ARG A 67 8.22 -7.41 7.46
C ARG A 67 7.96 -8.58 8.37
N GLY A 68 7.73 -9.71 7.75
CA GLY A 68 7.38 -10.91 8.44
C GLY A 68 6.06 -11.42 7.92
N GLN A 69 5.19 -10.50 7.58
CA GLN A 69 3.89 -10.79 7.05
C GLN A 69 3.96 -10.82 5.54
N GLU A 70 4.47 -11.91 4.99
CA GLU A 70 4.68 -12.03 3.56
C GLU A 70 3.35 -12.13 2.80
N ASP A 71 2.29 -12.45 3.55
CA ASP A 71 0.91 -12.47 3.06
C ASP A 71 0.58 -11.17 2.40
N LEU A 72 0.70 -10.12 3.18
CA LEU A 72 0.33 -8.78 2.78
C LEU A 72 1.19 -8.29 1.65
N LEU A 73 2.41 -8.75 1.62
CA LEU A 73 3.38 -8.34 0.62
C LEU A 73 3.01 -8.95 -0.73
N SER A 74 2.41 -10.13 -0.67
CA SER A 74 1.98 -10.83 -1.86
C SER A 74 0.66 -10.22 -2.36
N GLU A 75 -0.16 -9.78 -1.43
CA GLU A 75 -1.43 -9.16 -1.74
C GLU A 75 -1.22 -7.76 -2.34
N PHE A 76 -0.28 -7.02 -1.77
CA PHE A 76 0.15 -5.69 -2.27
C PHE A 76 0.68 -5.83 -3.68
N GLY A 77 1.33 -6.96 -3.95
CA GLY A 77 1.86 -7.23 -5.27
C GLY A 77 0.77 -7.46 -6.32
N GLN A 78 -0.47 -7.61 -5.88
CA GLN A 78 -1.59 -7.79 -6.78
C GLN A 78 -2.26 -6.43 -6.99
N PHE A 79 -2.44 -5.71 -5.90
CA PHE A 79 -3.13 -4.41 -5.88
C PHE A 79 -2.40 -3.31 -6.63
N LEU A 80 -1.13 -3.46 -6.77
CA LEU A 80 -0.31 -2.46 -7.42
C LEU A 80 -0.55 -2.32 -8.92
N PRO A 81 -0.33 -1.11 -9.45
CA PRO A 81 -0.40 -0.84 -10.89
C PRO A 81 0.76 -1.51 -11.60
N GLU A 82 0.46 -2.21 -12.68
CA GLU A 82 1.46 -2.98 -13.45
C GLU A 82 2.09 -4.04 -12.54
N ALA A 83 1.22 -4.64 -11.74
CA ALA A 83 1.54 -5.62 -10.72
C ALA A 83 2.36 -6.80 -11.26
N LYS A 84 2.08 -7.20 -12.47
CA LYS A 84 2.75 -8.32 -13.08
C LYS A 84 4.05 -7.95 -13.76
N ARG A 85 4.23 -6.68 -14.00
CA ARG A 85 5.41 -6.16 -14.68
C ARG A 85 6.58 -6.03 -13.71
N GLU A 1 -13.09 -2.76 -14.84
CA GLU A 1 -13.64 -2.33 -13.57
C GLU A 1 -15.14 -2.68 -13.55
N SER A 2 -15.48 -3.68 -12.78
CA SER A 2 -16.83 -4.14 -12.61
C SER A 2 -16.99 -4.71 -11.21
N ASP A 3 -18.03 -4.27 -10.50
CA ASP A 3 -18.32 -4.67 -9.11
C ASP A 3 -17.25 -4.21 -8.13
N SER A 4 -17.47 -4.45 -6.86
CA SER A 4 -16.53 -4.00 -5.85
C SER A 4 -15.75 -5.18 -5.27
N VAL A 5 -15.52 -6.12 -6.12
CA VAL A 5 -14.89 -7.36 -5.76
C VAL A 5 -13.42 -7.17 -5.43
N GLU A 6 -12.74 -6.47 -6.32
CA GLU A 6 -11.30 -6.30 -6.24
C GLU A 6 -10.95 -5.42 -5.05
N PHE A 7 -11.85 -4.49 -4.78
CA PHE A 7 -11.73 -3.60 -3.66
C PHE A 7 -11.97 -4.37 -2.40
N ASN A 8 -12.90 -5.30 -2.44
CA ASN A 8 -13.19 -6.11 -1.28
C ASN A 8 -11.99 -7.03 -0.95
N ASN A 9 -11.30 -7.48 -1.99
CA ASN A 9 -10.06 -8.28 -1.81
C ASN A 9 -9.06 -7.41 -1.07
N ALA A 10 -8.96 -6.17 -1.52
CA ALA A 10 -8.11 -5.17 -0.93
C ALA A 10 -8.51 -4.94 0.53
N ILE A 11 -9.82 -4.79 0.77
CA ILE A 11 -10.34 -4.52 2.10
C ILE A 11 -10.07 -5.67 3.04
N SER A 12 -10.20 -6.89 2.52
CA SER A 12 -9.94 -8.09 3.30
C SER A 12 -8.50 -8.06 3.82
N TYR A 13 -7.61 -7.59 2.99
CA TYR A 13 -6.24 -7.44 3.37
C TYR A 13 -6.01 -6.24 4.28
N VAL A 14 -6.77 -5.19 4.08
CA VAL A 14 -6.67 -4.02 4.96
C VAL A 14 -7.15 -4.40 6.36
N ASN A 15 -8.27 -5.09 6.44
CA ASN A 15 -8.82 -5.58 7.68
C ASN A 15 -7.78 -6.50 8.36
N LYS A 16 -7.09 -7.26 7.55
CA LYS A 16 -6.07 -8.14 8.02
C LYS A 16 -4.91 -7.33 8.60
N ILE A 17 -4.54 -6.23 7.93
CA ILE A 17 -3.54 -5.30 8.42
C ILE A 17 -3.96 -4.77 9.78
N LYS A 18 -5.21 -4.25 9.82
CA LYS A 18 -5.82 -3.70 11.02
C LYS A 18 -5.66 -4.65 12.19
N THR A 19 -5.93 -5.90 11.93
CA THR A 19 -5.87 -6.98 12.87
C THR A 19 -4.43 -7.40 13.23
N ARG A 20 -3.59 -7.54 12.25
CA ARG A 20 -2.23 -8.01 12.47
C ARG A 20 -1.39 -6.99 13.17
N PHE A 21 -1.77 -5.77 13.05
CA PHE A 21 -1.10 -4.68 13.68
C PHE A 21 -2.11 -3.97 14.55
N LEU A 22 -3.00 -4.76 15.11
CA LEU A 22 -4.10 -4.28 15.94
C LEU A 22 -3.58 -3.66 17.22
N ASP A 23 -2.52 -4.25 17.74
CA ASP A 23 -1.93 -3.79 18.99
C ASP A 23 -0.93 -2.66 18.72
N HIS A 24 -0.67 -2.41 17.45
CA HIS A 24 0.26 -1.39 17.03
C HIS A 24 -0.38 -0.49 15.96
N PRO A 25 -1.34 0.38 16.35
CA PRO A 25 -2.09 1.23 15.41
C PRO A 25 -1.22 2.21 14.63
N GLU A 26 -0.02 2.47 15.13
CA GLU A 26 0.90 3.39 14.51
C GLU A 26 1.41 2.86 13.17
N ILE A 27 1.60 1.54 13.08
CA ILE A 27 2.12 0.89 11.89
C ILE A 27 1.15 1.08 10.74
N TYR A 28 -0.12 1.10 11.09
CA TYR A 28 -1.20 1.34 10.14
C TYR A 28 -1.00 2.73 9.52
N ARG A 29 -0.69 3.71 10.37
CA ARG A 29 -0.52 5.09 9.93
C ARG A 29 0.77 5.25 9.15
N SER A 30 1.82 4.55 9.56
CA SER A 30 3.10 4.58 8.88
C SER A 30 2.94 4.04 7.47
N PHE A 31 2.03 3.12 7.32
CA PHE A 31 1.71 2.60 6.04
C PHE A 31 0.89 3.58 5.21
N LEU A 32 -0.16 4.12 5.82
CA LEU A 32 -1.06 5.03 5.15
C LEU A 32 -0.31 6.18 4.51
N GLU A 33 0.71 6.65 5.19
CA GLU A 33 1.49 7.75 4.72
C GLU A 33 2.21 7.39 3.41
N ILE A 34 2.56 6.10 3.26
CA ILE A 34 3.23 5.59 2.10
C ILE A 34 2.24 5.47 0.96
N LEU A 35 1.05 4.96 1.24
CA LEU A 35 0.05 4.78 0.22
C LEU A 35 -0.40 6.16 -0.29
N HIS A 36 -0.58 7.10 0.63
CA HIS A 36 -0.92 8.48 0.26
C HIS A 36 0.20 9.08 -0.60
N THR A 37 1.42 8.85 -0.16
CA THR A 37 2.61 9.21 -0.90
C THR A 37 2.66 8.56 -2.28
N TYR A 38 2.19 7.35 -2.36
CA TYR A 38 2.18 6.62 -3.57
C TYR A 38 1.15 7.22 -4.53
N GLN A 39 0.01 7.60 -3.98
CA GLN A 39 -0.99 8.30 -4.75
C GLN A 39 -0.45 9.64 -5.22
N LYS A 40 0.35 10.26 -4.36
CA LYS A 40 1.00 11.52 -4.63
C LYS A 40 2.03 11.39 -5.76
N GLU A 41 2.62 10.20 -5.90
CA GLU A 41 3.59 9.94 -6.96
C GLU A 41 2.81 10.00 -8.29
N GLN A 42 1.60 9.48 -8.28
CA GLN A 42 0.70 9.54 -9.42
C GLN A 42 -0.24 10.75 -9.35
N LEU A 43 0.17 11.70 -8.51
CA LEU A 43 -0.47 13.00 -8.28
C LEU A 43 -1.97 12.90 -7.93
N HIS A 44 -2.24 12.35 -6.79
CA HIS A 44 -3.57 12.24 -6.21
C HIS A 44 -3.38 12.20 -4.71
N THR A 45 -4.36 12.68 -3.94
CA THR A 45 -4.28 12.61 -2.47
C THR A 45 -3.09 13.49 -1.93
N LYS A 46 -2.97 13.61 -0.64
CA LYS A 46 -1.85 14.27 -0.04
C LYS A 46 -0.73 13.24 0.10
N GLY A 47 0.50 13.67 0.03
CA GLY A 47 1.60 12.75 0.19
C GLY A 47 2.75 13.42 0.88
N ARG A 48 3.82 12.67 1.06
CA ARG A 48 5.01 13.18 1.73
C ARG A 48 5.67 14.22 0.79
N PRO A 49 6.10 15.38 1.34
CA PRO A 49 6.68 16.50 0.56
C PRO A 49 7.80 16.07 -0.40
N PHE A 50 7.54 16.23 -1.71
CA PHE A 50 8.51 16.01 -2.79
C PHE A 50 8.93 14.52 -2.88
N ARG A 51 8.18 13.67 -2.23
CA ARG A 51 8.50 12.27 -2.18
C ARG A 51 8.00 11.56 -3.44
N GLY A 52 8.84 11.55 -4.43
CA GLY A 52 8.58 10.82 -5.65
C GLY A 52 9.10 9.43 -5.50
N MET A 53 8.38 8.66 -4.74
CA MET A 53 8.73 7.33 -4.35
C MET A 53 8.50 6.36 -5.49
N SER A 54 9.56 5.76 -6.00
CA SER A 54 9.45 4.84 -7.11
C SER A 54 8.87 3.53 -6.59
N GLU A 55 8.12 2.82 -7.43
CA GLU A 55 7.37 1.65 -7.07
C GLU A 55 8.18 0.56 -6.34
N GLU A 56 9.42 0.38 -6.74
CA GLU A 56 10.29 -0.62 -6.12
C GLU A 56 10.60 -0.21 -4.67
N GLU A 57 10.88 1.07 -4.47
CA GLU A 57 11.22 1.57 -3.16
C GLU A 57 9.93 1.77 -2.35
N VAL A 58 8.80 1.89 -3.06
CA VAL A 58 7.52 1.92 -2.46
C VAL A 58 7.33 0.63 -1.71
N PHE A 59 7.58 -0.47 -2.41
CA PHE A 59 7.46 -1.79 -1.85
C PHE A 59 8.44 -1.97 -0.70
N THR A 60 9.57 -1.28 -0.73
CA THR A 60 10.53 -1.34 0.30
C THR A 60 9.94 -0.90 1.65
N GLU A 61 9.33 0.29 1.70
CA GLU A 61 8.80 0.79 2.95
C GLU A 61 7.57 0.01 3.37
N VAL A 62 6.87 -0.54 2.40
CA VAL A 62 5.69 -1.34 2.67
C VAL A 62 6.08 -2.74 3.19
N ALA A 63 7.12 -3.31 2.62
CA ALA A 63 7.64 -4.59 3.09
C ALA A 63 8.19 -4.43 4.48
N ASN A 64 8.85 -3.32 4.68
CA ASN A 64 9.39 -2.90 5.96
C ASN A 64 8.27 -2.61 6.99
N LEU A 65 7.15 -2.19 6.49
CA LEU A 65 6.01 -1.88 7.29
C LEU A 65 5.43 -3.21 7.81
N PHE A 66 5.14 -4.11 6.91
CA PHE A 66 4.50 -5.38 7.22
C PHE A 66 5.51 -6.52 7.25
N ARG A 67 6.70 -6.28 7.81
CA ARG A 67 7.76 -7.32 7.81
C ARG A 67 7.28 -8.57 8.53
N GLY A 68 7.30 -9.66 7.80
CA GLY A 68 6.86 -10.92 8.33
C GLY A 68 5.55 -11.32 7.72
N GLN A 69 4.70 -10.36 7.48
CA GLN A 69 3.37 -10.59 6.95
C GLN A 69 3.44 -10.62 5.42
N GLU A 70 4.02 -11.66 4.89
CA GLU A 70 4.28 -11.75 3.46
C GLU A 70 3.01 -11.94 2.61
N ASP A 71 1.91 -12.31 3.25
CA ASP A 71 0.60 -12.37 2.56
C ASP A 71 0.24 -10.99 2.08
N LEU A 72 0.40 -10.03 2.97
CA LEU A 72 0.05 -8.65 2.72
C LEU A 72 0.96 -8.08 1.64
N LEU A 73 2.19 -8.53 1.65
CA LEU A 73 3.22 -8.00 0.76
C LEU A 73 3.03 -8.51 -0.66
N SER A 74 2.73 -9.79 -0.77
CA SER A 74 2.51 -10.42 -2.05
C SER A 74 1.26 -9.85 -2.73
N GLU A 75 0.18 -9.70 -1.97
CA GLU A 75 -1.05 -9.18 -2.52
C GLU A 75 -0.97 -7.69 -2.79
N PHE A 76 -0.15 -6.99 -2.01
CA PHE A 76 0.07 -5.55 -2.19
C PHE A 76 0.58 -5.27 -3.61
N GLY A 77 1.50 -6.11 -4.07
CA GLY A 77 2.05 -5.95 -5.39
C GLY A 77 1.07 -6.34 -6.48
N GLN A 78 0.03 -7.05 -6.12
CA GLN A 78 -1.00 -7.44 -7.04
C GLN A 78 -2.03 -6.32 -7.10
N PHE A 79 -2.30 -5.74 -5.94
CA PHE A 79 -3.21 -4.62 -5.78
C PHE A 79 -2.70 -3.41 -6.55
N LEU A 80 -1.41 -3.17 -6.46
CA LEU A 80 -0.78 -2.05 -7.12
C LEU A 80 -0.87 -2.08 -8.63
N PRO A 81 -0.69 -0.91 -9.29
CA PRO A 81 -0.76 -0.79 -10.75
C PRO A 81 0.37 -1.49 -11.48
N GLU A 82 1.52 -1.66 -10.79
CA GLU A 82 2.74 -2.22 -11.38
C GLU A 82 3.15 -1.31 -12.53
N ALA A 83 3.25 -0.05 -12.18
CA ALA A 83 3.48 1.03 -13.12
C ALA A 83 4.89 1.05 -13.64
N LYS A 84 5.85 0.75 -12.79
CA LYS A 84 7.23 0.81 -13.17
C LYS A 84 7.65 -0.47 -13.87
N ARG A 85 6.92 -1.52 -13.66
CA ARG A 85 7.23 -2.77 -14.32
C ARG A 85 6.53 -2.80 -15.68
N GLU A 1 -19.32 6.27 -12.64
CA GLU A 1 -18.92 5.53 -11.48
C GLU A 1 -19.25 4.07 -11.68
N SER A 2 -18.48 3.23 -11.06
CA SER A 2 -18.68 1.83 -11.08
C SER A 2 -18.24 1.33 -9.71
N ASP A 3 -18.37 0.06 -9.45
CA ASP A 3 -17.94 -0.49 -8.19
C ASP A 3 -16.49 -0.91 -8.26
N SER A 4 -15.79 -0.66 -7.20
CA SER A 4 -14.40 -0.93 -7.12
C SER A 4 -14.15 -2.31 -6.49
N VAL A 5 -14.15 -3.31 -7.34
CA VAL A 5 -14.02 -4.69 -6.95
C VAL A 5 -12.62 -4.98 -6.37
N GLU A 6 -11.61 -4.52 -7.08
CA GLU A 6 -10.22 -4.73 -6.66
C GLU A 6 -9.94 -3.99 -5.37
N PHE A 7 -10.58 -2.84 -5.24
CA PHE A 7 -10.50 -2.00 -4.07
C PHE A 7 -11.07 -2.73 -2.89
N ASN A 8 -12.19 -3.41 -3.10
CA ASN A 8 -12.81 -4.22 -2.04
C ASN A 8 -11.88 -5.33 -1.57
N ASN A 9 -11.17 -5.95 -2.51
CA ASN A 9 -10.19 -7.01 -2.18
C ASN A 9 -9.05 -6.38 -1.39
N ALA A 10 -8.73 -5.15 -1.76
CA ALA A 10 -7.70 -4.38 -1.12
C ALA A 10 -8.17 -3.91 0.25
N ILE A 11 -9.47 -3.74 0.42
CA ILE A 11 -10.02 -3.35 1.71
C ILE A 11 -9.91 -4.52 2.67
N SER A 12 -10.18 -5.71 2.16
CA SER A 12 -10.03 -6.92 2.94
C SER A 12 -8.55 -7.04 3.35
N TYR A 13 -7.66 -6.68 2.42
CA TYR A 13 -6.23 -6.60 2.67
C TYR A 13 -5.92 -5.59 3.79
N VAL A 14 -6.56 -4.43 3.74
CA VAL A 14 -6.39 -3.41 4.75
C VAL A 14 -6.92 -3.87 6.10
N ASN A 15 -8.11 -4.47 6.10
CA ASN A 15 -8.71 -4.99 7.30
C ASN A 15 -7.80 -6.03 7.98
N LYS A 16 -7.08 -6.80 7.16
CA LYS A 16 -6.06 -7.74 7.65
C LYS A 16 -5.05 -6.97 8.46
N ILE A 17 -4.50 -5.92 7.84
CA ILE A 17 -3.49 -5.06 8.43
C ILE A 17 -3.99 -4.50 9.75
N LYS A 18 -5.22 -3.99 9.73
CA LYS A 18 -5.88 -3.41 10.90
C LYS A 18 -5.80 -4.36 12.08
N THR A 19 -6.19 -5.58 11.84
CA THR A 19 -6.27 -6.63 12.80
C THR A 19 -4.87 -7.16 13.20
N ARG A 20 -4.04 -7.35 12.22
CA ARG A 20 -2.72 -7.91 12.42
C ARG A 20 -1.79 -7.01 13.16
N PHE A 21 -2.06 -5.75 13.07
CA PHE A 21 -1.28 -4.76 13.72
C PHE A 21 -2.22 -3.93 14.57
N LEU A 22 -3.21 -4.61 15.13
CA LEU A 22 -4.26 -4.01 15.90
C LEU A 22 -3.73 -3.36 17.19
N ASP A 23 -2.64 -3.91 17.72
CA ASP A 23 -2.02 -3.35 18.92
C ASP A 23 -1.06 -2.25 18.55
N HIS A 24 -0.80 -2.12 17.30
CA HIS A 24 0.21 -1.19 16.83
C HIS A 24 -0.36 -0.16 15.86
N PRO A 25 -0.91 0.95 16.38
CA PRO A 25 -1.49 2.00 15.54
C PRO A 25 -0.44 2.67 14.67
N GLU A 26 0.81 2.68 15.18
CA GLU A 26 1.92 3.27 14.47
C GLU A 26 2.16 2.56 13.14
N ILE A 27 2.00 1.26 13.14
CA ILE A 27 2.26 0.43 11.98
C ILE A 27 1.21 0.67 10.93
N TYR A 28 -0.02 0.81 11.35
CA TYR A 28 -1.11 1.10 10.46
C TYR A 28 -0.83 2.45 9.80
N ARG A 29 -0.60 3.45 10.65
CA ARG A 29 -0.33 4.80 10.23
C ARG A 29 0.86 4.91 9.28
N SER A 30 1.99 4.33 9.67
CA SER A 30 3.23 4.41 8.91
C SER A 30 3.07 3.87 7.50
N PHE A 31 2.24 2.86 7.37
CA PHE A 31 1.93 2.35 6.08
C PHE A 31 0.97 3.26 5.31
N LEU A 32 -0.02 3.80 6.00
CA LEU A 32 -1.02 4.67 5.41
C LEU A 32 -0.41 5.82 4.65
N GLU A 33 0.64 6.38 5.21
CA GLU A 33 1.31 7.51 4.63
C GLU A 33 1.94 7.13 3.27
N ILE A 34 2.33 5.87 3.15
CA ILE A 34 2.98 5.33 1.98
C ILE A 34 1.97 5.21 0.86
N LEU A 35 0.83 4.65 1.15
CA LEU A 35 -0.18 4.42 0.16
C LEU A 35 -0.82 5.76 -0.26
N HIS A 36 -0.96 6.66 0.69
CA HIS A 36 -1.54 7.96 0.41
C HIS A 36 -0.58 8.77 -0.48
N THR A 37 0.70 8.76 -0.11
CA THR A 37 1.72 9.49 -0.84
C THR A 37 1.89 8.85 -2.23
N TYR A 38 1.64 7.55 -2.29
CA TYR A 38 1.76 6.81 -3.51
C TYR A 38 0.76 7.34 -4.51
N GLN A 39 -0.49 7.39 -4.12
CA GLN A 39 -1.55 7.80 -5.03
C GLN A 39 -1.43 9.26 -5.45
N LYS A 40 -0.90 10.09 -4.59
CA LYS A 40 -0.70 11.48 -4.93
C LYS A 40 0.49 11.71 -5.83
N GLU A 41 1.55 10.95 -5.63
CA GLU A 41 2.75 11.08 -6.46
C GLU A 41 2.64 10.40 -7.82
N GLN A 42 1.79 9.38 -7.93
CA GLN A 42 1.66 8.66 -9.20
C GLN A 42 0.84 9.45 -10.19
N LEU A 43 -0.14 10.18 -9.70
CA LEU A 43 -1.01 10.94 -10.59
C LEU A 43 -0.42 12.26 -11.04
N HIS A 44 0.62 12.13 -11.80
CA HIS A 44 1.34 13.19 -12.48
C HIS A 44 2.03 12.57 -13.66
N THR A 45 1.82 13.17 -14.83
CA THR A 45 2.36 12.69 -16.08
C THR A 45 1.71 11.35 -16.44
N LYS A 46 0.56 11.43 -17.10
CA LYS A 46 -0.21 10.27 -17.46
C LYS A 46 0.53 9.39 -18.47
N GLY A 47 0.34 8.11 -18.35
CA GLY A 47 1.02 7.15 -19.16
C GLY A 47 1.81 6.30 -18.22
N ARG A 48 2.81 6.89 -17.67
CA ARG A 48 3.54 6.30 -16.60
C ARG A 48 4.07 7.43 -15.76
N PRO A 49 3.79 7.42 -14.45
CA PRO A 49 4.22 8.47 -13.51
C PRO A 49 5.68 8.83 -13.64
N PHE A 50 5.94 10.08 -13.80
CA PHE A 50 7.27 10.57 -13.95
C PHE A 50 7.73 11.22 -12.65
N ARG A 51 8.75 10.60 -12.04
CA ARG A 51 9.40 11.09 -10.82
C ARG A 51 8.44 11.20 -9.62
N GLY A 52 8.29 10.12 -8.94
CA GLY A 52 7.49 10.07 -7.74
C GLY A 52 8.02 8.99 -6.90
N MET A 53 7.39 8.70 -5.78
CA MET A 53 7.78 7.61 -4.97
C MET A 53 7.50 6.34 -5.76
N SER A 54 8.55 5.79 -6.28
CA SER A 54 8.48 4.72 -7.21
C SER A 54 8.22 3.39 -6.54
N GLU A 55 7.66 2.47 -7.31
CA GLU A 55 7.18 1.18 -6.90
C GLU A 55 8.15 0.45 -5.97
N GLU A 56 9.41 0.40 -6.32
CA GLU A 56 10.38 -0.32 -5.56
C GLU A 56 10.66 0.34 -4.21
N GLU A 57 10.79 1.67 -4.20
CA GLU A 57 11.06 2.39 -2.97
C GLU A 57 9.82 2.36 -2.09
N VAL A 58 8.67 2.27 -2.74
CA VAL A 58 7.40 2.15 -2.12
C VAL A 58 7.31 0.79 -1.42
N PHE A 59 7.58 -0.26 -2.19
CA PHE A 59 7.51 -1.62 -1.71
C PHE A 59 8.47 -1.84 -0.56
N THR A 60 9.61 -1.15 -0.59
CA THR A 60 10.60 -1.23 0.43
C THR A 60 10.00 -0.91 1.81
N GLU A 61 9.28 0.21 1.91
CA GLU A 61 8.75 0.63 3.17
C GLU A 61 7.58 -0.24 3.59
N VAL A 62 6.86 -0.76 2.63
CA VAL A 62 5.74 -1.65 2.89
C VAL A 62 6.25 -3.01 3.37
N ALA A 63 7.29 -3.52 2.71
CA ALA A 63 7.92 -4.79 3.08
C ALA A 63 8.58 -4.66 4.43
N ASN A 64 9.10 -3.49 4.70
CA ASN A 64 9.70 -3.12 5.96
C ASN A 64 8.63 -2.96 7.05
N LEU A 65 7.46 -2.52 6.65
CA LEU A 65 6.39 -2.36 7.58
C LEU A 65 5.92 -3.76 8.02
N PHE A 66 5.55 -4.55 7.04
CA PHE A 66 4.96 -5.84 7.27
C PHE A 66 5.99 -6.95 7.13
N ARG A 67 7.20 -6.73 7.66
CA ARG A 67 8.26 -7.73 7.59
C ARG A 67 7.80 -9.01 8.27
N GLY A 68 7.55 -10.03 7.50
CA GLY A 68 7.08 -11.28 8.03
C GLY A 68 5.76 -11.69 7.45
N GLN A 69 4.91 -10.70 7.22
CA GLN A 69 3.59 -10.93 6.66
C GLN A 69 3.67 -11.02 5.15
N GLU A 70 4.13 -12.16 4.67
CA GLU A 70 4.31 -12.37 3.25
C GLU A 70 3.00 -12.35 2.49
N ASP A 71 1.92 -12.70 3.18
CA ASP A 71 0.57 -12.63 2.61
C ASP A 71 0.28 -11.25 2.13
N LEU A 72 0.46 -10.30 3.03
CA LEU A 72 0.20 -8.90 2.75
C LEU A 72 1.13 -8.39 1.67
N LEU A 73 2.37 -8.84 1.70
CA LEU A 73 3.39 -8.37 0.77
C LEU A 73 3.09 -8.88 -0.62
N SER A 74 2.59 -10.10 -0.69
CA SER A 74 2.23 -10.71 -1.94
C SER A 74 0.99 -10.03 -2.53
N GLU A 75 -0.02 -9.82 -1.67
CA GLU A 75 -1.25 -9.17 -2.10
C GLU A 75 -0.97 -7.74 -2.55
N PHE A 76 -0.15 -7.04 -1.80
CA PHE A 76 0.26 -5.67 -2.12
C PHE A 76 0.93 -5.64 -3.50
N GLY A 77 1.79 -6.62 -3.74
CA GLY A 77 2.45 -6.74 -5.02
C GLY A 77 1.46 -6.97 -6.15
N GLN A 78 0.37 -7.64 -5.86
CA GLN A 78 -0.67 -7.86 -6.85
C GLN A 78 -1.43 -6.56 -7.11
N PHE A 79 -1.67 -5.80 -6.05
CA PHE A 79 -2.42 -4.56 -6.10
C PHE A 79 -1.70 -3.44 -6.83
N LEU A 80 -0.40 -3.53 -6.97
CA LEU A 80 0.31 -2.51 -7.67
C LEU A 80 0.27 -2.64 -9.18
N PRO A 81 0.26 -1.47 -9.87
CA PRO A 81 0.18 -1.39 -11.33
C PRO A 81 1.37 -2.04 -12.05
N GLU A 82 1.13 -3.22 -12.63
CA GLU A 82 2.15 -3.98 -13.37
C GLU A 82 3.39 -4.27 -12.50
N ALA A 83 3.18 -4.55 -11.23
CA ALA A 83 4.28 -4.75 -10.27
C ALA A 83 5.15 -5.98 -10.58
N LYS A 84 4.66 -6.89 -11.40
CA LYS A 84 5.45 -8.04 -11.81
C LYS A 84 6.40 -7.68 -12.96
N ARG A 85 6.12 -6.55 -13.61
CA ARG A 85 6.93 -6.11 -14.76
C ARG A 85 8.24 -5.50 -14.29
N GLU A 1 -21.94 2.24 -2.40
CA GLU A 1 -21.62 2.35 -3.82
C GLU A 1 -21.82 0.99 -4.48
N SER A 2 -22.77 0.24 -3.91
CA SER A 2 -23.11 -1.11 -4.30
C SER A 2 -21.95 -2.09 -4.06
N ASP A 3 -21.08 -2.27 -5.02
CA ASP A 3 -19.91 -3.12 -4.85
C ASP A 3 -18.75 -2.62 -5.62
N SER A 4 -17.63 -2.71 -5.01
CA SER A 4 -16.38 -2.35 -5.57
C SER A 4 -15.43 -3.53 -5.35
N VAL A 5 -15.28 -4.37 -6.37
CA VAL A 5 -14.54 -5.63 -6.28
C VAL A 5 -13.10 -5.42 -5.82
N GLU A 6 -12.34 -4.59 -6.54
CA GLU A 6 -10.94 -4.33 -6.19
C GLU A 6 -10.85 -3.74 -4.79
N PHE A 7 -11.81 -2.91 -4.47
CA PHE A 7 -11.90 -2.26 -3.20
C PHE A 7 -12.16 -3.27 -2.11
N ASN A 8 -13.14 -4.14 -2.30
CA ASN A 8 -13.46 -5.20 -1.34
C ASN A 8 -12.25 -6.09 -1.09
N ASN A 9 -11.50 -6.39 -2.15
CA ASN A 9 -10.29 -7.18 -2.03
C ASN A 9 -9.25 -6.43 -1.23
N ALA A 10 -9.20 -5.13 -1.46
CA ALA A 10 -8.32 -4.26 -0.74
C ALA A 10 -8.76 -4.19 0.73
N ILE A 11 -10.06 -4.18 0.97
CA ILE A 11 -10.60 -4.11 2.32
C ILE A 11 -10.22 -5.33 3.12
N SER A 12 -10.40 -6.50 2.52
CA SER A 12 -10.05 -7.76 3.17
C SER A 12 -8.57 -7.77 3.57
N TYR A 13 -7.76 -7.21 2.70
CA TYR A 13 -6.35 -7.06 2.92
C TYR A 13 -6.09 -6.05 4.07
N VAL A 14 -6.70 -4.89 3.97
CA VAL A 14 -6.55 -3.84 4.96
C VAL A 14 -7.07 -4.26 6.34
N ASN A 15 -8.25 -4.88 6.37
CA ASN A 15 -8.84 -5.35 7.61
C ASN A 15 -7.90 -6.36 8.31
N LYS A 16 -7.20 -7.13 7.51
CA LYS A 16 -6.26 -8.10 8.01
C LYS A 16 -5.07 -7.37 8.64
N ILE A 17 -4.62 -6.29 7.99
CA ILE A 17 -3.57 -5.44 8.51
C ILE A 17 -4.01 -4.86 9.84
N LYS A 18 -5.26 -4.36 9.85
CA LYS A 18 -5.86 -3.75 11.03
C LYS A 18 -5.75 -4.66 12.23
N THR A 19 -6.06 -5.92 12.02
CA THR A 19 -6.04 -6.95 13.02
C THR A 19 -4.60 -7.37 13.40
N ARG A 20 -3.74 -7.52 12.43
CA ARG A 20 -2.37 -7.97 12.66
C ARG A 20 -1.53 -6.92 13.37
N PHE A 21 -1.96 -5.72 13.27
CA PHE A 21 -1.31 -4.61 13.89
C PHE A 21 -2.36 -3.86 14.68
N LEU A 22 -3.27 -4.63 15.25
CA LEU A 22 -4.41 -4.11 15.99
C LEU A 22 -3.98 -3.35 17.23
N ASP A 23 -2.93 -3.80 17.85
CA ASP A 23 -2.42 -3.16 19.04
C ASP A 23 -1.44 -2.05 18.66
N HIS A 24 -1.13 -1.98 17.38
CA HIS A 24 -0.20 -0.99 16.89
C HIS A 24 -0.79 -0.19 15.72
N PRO A 25 -1.72 0.74 15.99
CA PRO A 25 -2.34 1.57 14.94
C PRO A 25 -1.29 2.46 14.29
N GLU A 26 -0.21 2.68 15.00
CA GLU A 26 0.93 3.44 14.55
C GLU A 26 1.53 2.84 13.26
N ILE A 27 1.62 1.52 13.20
CA ILE A 27 2.20 0.80 12.07
C ILE A 27 1.26 0.91 10.89
N TYR A 28 -0.01 0.82 11.20
CA TYR A 28 -1.09 0.97 10.24
C TYR A 28 -0.96 2.34 9.57
N ARG A 29 -0.77 3.34 10.40
CA ARG A 29 -0.66 4.72 9.95
C ARG A 29 0.61 4.97 9.17
N SER A 30 1.71 4.34 9.57
CA SER A 30 2.98 4.46 8.85
C SER A 30 2.84 3.87 7.46
N PHE A 31 1.98 2.89 7.34
CA PHE A 31 1.68 2.30 6.09
C PHE A 31 0.80 3.21 5.23
N LEU A 32 -0.25 3.75 5.83
CA LEU A 32 -1.21 4.60 5.15
C LEU A 32 -0.52 5.75 4.43
N GLU A 33 0.50 6.29 5.05
CA GLU A 33 1.21 7.42 4.53
C GLU A 33 1.98 7.04 3.25
N ILE A 34 2.37 5.78 3.14
CA ILE A 34 3.09 5.26 2.02
C ILE A 34 2.18 5.25 0.80
N LEU A 35 0.96 4.80 0.99
CA LEU A 35 0.01 4.75 -0.08
C LEU A 35 -0.43 6.18 -0.43
N HIS A 36 -0.47 7.04 0.56
CA HIS A 36 -0.81 8.41 0.32
C HIS A 36 0.29 9.16 -0.42
N THR A 37 1.56 8.97 -0.04
CA THR A 37 2.68 9.66 -0.67
C THR A 37 2.83 9.18 -2.12
N TYR A 38 2.37 7.96 -2.31
CA TYR A 38 2.36 7.29 -3.58
C TYR A 38 1.49 8.08 -4.59
N GLN A 39 0.40 8.63 -4.08
CA GLN A 39 -0.61 9.32 -4.88
C GLN A 39 -0.18 10.71 -5.38
N LYS A 40 0.74 11.35 -4.69
CA LYS A 40 1.10 12.74 -5.05
C LYS A 40 1.95 12.86 -6.30
N GLU A 41 2.60 11.79 -6.70
CA GLU A 41 3.44 11.82 -7.88
C GLU A 41 2.77 11.14 -9.08
N GLN A 42 1.62 10.52 -8.81
CA GLN A 42 0.81 9.87 -9.83
C GLN A 42 0.37 10.88 -10.87
N LEU A 43 -0.16 11.99 -10.40
CA LEU A 43 -0.58 13.05 -11.26
C LEU A 43 0.58 13.97 -11.48
N HIS A 44 0.87 14.25 -12.74
CA HIS A 44 1.99 15.11 -13.11
C HIS A 44 1.86 16.47 -12.47
N THR A 45 2.90 16.87 -11.82
CA THR A 45 2.94 18.11 -11.12
C THR A 45 2.96 19.29 -12.08
N LYS A 46 2.07 20.23 -11.83
CA LYS A 46 1.95 21.43 -12.62
C LYS A 46 3.20 22.27 -12.48
N GLY A 47 3.64 22.41 -11.25
CA GLY A 47 4.75 23.24 -10.96
C GLY A 47 5.99 22.48 -10.69
N ARG A 48 6.26 22.23 -9.44
CA ARG A 48 7.48 21.56 -9.06
C ARG A 48 7.20 20.09 -8.78
N PRO A 49 8.02 19.20 -9.34
CA PRO A 49 7.85 17.77 -9.19
C PRO A 49 8.08 17.28 -7.76
N PHE A 50 7.26 16.36 -7.36
CA PHE A 50 7.38 15.74 -6.06
C PHE A 50 8.23 14.49 -6.26
N ARG A 51 8.63 13.80 -5.18
CA ARG A 51 9.46 12.62 -5.32
C ARG A 51 8.70 11.55 -6.06
N GLY A 52 9.28 11.10 -7.14
CA GLY A 52 8.70 10.08 -7.98
C GLY A 52 8.82 8.73 -7.36
N MET A 53 7.98 8.51 -6.38
CA MET A 53 7.85 7.34 -5.59
C MET A 53 7.81 6.12 -6.49
N SER A 54 8.89 5.39 -6.51
CA SER A 54 8.91 4.23 -7.33
C SER A 54 8.21 3.12 -6.59
N GLU A 55 7.57 2.22 -7.29
CA GLU A 55 6.84 1.13 -6.72
C GLU A 55 7.77 0.26 -5.88
N GLU A 56 9.01 0.18 -6.31
CA GLU A 56 10.04 -0.57 -5.62
C GLU A 56 10.32 0.02 -4.23
N GLU A 57 10.32 1.35 -4.11
CA GLU A 57 10.63 1.98 -2.84
C GLU A 57 9.41 1.91 -1.97
N VAL A 58 8.25 1.91 -2.63
CA VAL A 58 6.99 1.75 -2.01
C VAL A 58 6.95 0.40 -1.36
N PHE A 59 7.22 -0.60 -2.16
CA PHE A 59 7.20 -1.96 -1.75
C PHE A 59 8.24 -2.20 -0.66
N THR A 60 9.33 -1.45 -0.66
CA THR A 60 10.33 -1.54 0.32
C THR A 60 9.77 -1.13 1.69
N GLU A 61 9.13 0.05 1.77
CA GLU A 61 8.60 0.51 3.04
C GLU A 61 7.44 -0.36 3.49
N VAL A 62 6.72 -0.90 2.53
CA VAL A 62 5.62 -1.80 2.82
C VAL A 62 6.14 -3.15 3.32
N ALA A 63 7.22 -3.62 2.69
CA ALA A 63 7.90 -4.84 3.12
C ALA A 63 8.43 -4.64 4.51
N ASN A 64 8.98 -3.47 4.72
CA ASN A 64 9.50 -3.02 6.00
C ASN A 64 8.38 -2.93 7.07
N LEU A 65 7.24 -2.41 6.67
CA LEU A 65 6.06 -2.26 7.49
C LEU A 65 5.64 -3.66 7.99
N PHE A 66 5.50 -4.59 7.04
CA PHE A 66 5.00 -5.93 7.34
C PHE A 66 6.14 -6.93 7.29
N ARG A 67 7.30 -6.57 7.81
CA ARG A 67 8.48 -7.47 7.81
C ARG A 67 8.17 -8.83 8.43
N GLY A 68 8.14 -9.83 7.59
CA GLY A 68 7.86 -11.18 8.00
C GLY A 68 6.66 -11.73 7.29
N GLN A 69 5.65 -10.89 7.13
CA GLN A 69 4.42 -11.26 6.54
C GLN A 69 4.51 -11.20 5.02
N GLU A 70 4.94 -12.27 4.42
CA GLU A 70 5.13 -12.31 2.96
C GLU A 70 3.80 -12.22 2.25
N ASP A 71 2.77 -12.84 2.83
CA ASP A 71 1.42 -12.85 2.24
C ASP A 71 0.89 -11.44 2.05
N LEU A 72 1.11 -10.60 3.04
CA LEU A 72 0.66 -9.21 2.98
C LEU A 72 1.42 -8.45 1.88
N LEU A 73 2.67 -8.79 1.71
CA LEU A 73 3.53 -8.13 0.74
C LEU A 73 3.14 -8.57 -0.67
N SER A 74 2.89 -9.86 -0.82
CA SER A 74 2.48 -10.44 -2.08
C SER A 74 1.16 -9.84 -2.56
N GLU A 75 0.15 -9.81 -1.69
CA GLU A 75 -1.15 -9.29 -2.05
C GLU A 75 -1.12 -7.78 -2.31
N PHE A 76 -0.21 -7.10 -1.64
CA PHE A 76 -0.01 -5.68 -1.86
C PHE A 76 0.42 -5.44 -3.31
N GLY A 77 1.43 -6.19 -3.73
CA GLY A 77 1.93 -6.09 -5.09
C GLY A 77 0.87 -6.44 -6.12
N GLN A 78 0.04 -7.42 -5.78
CA GLN A 78 -1.04 -7.86 -6.65
C GLN A 78 -2.14 -6.80 -6.78
N PHE A 79 -2.38 -6.04 -5.72
CA PHE A 79 -3.40 -5.00 -5.77
C PHE A 79 -2.92 -3.82 -6.59
N LEU A 80 -1.67 -3.46 -6.39
CA LEU A 80 -1.08 -2.31 -7.05
C LEU A 80 -0.94 -2.45 -8.56
N PRO A 81 -0.92 -1.27 -9.26
CA PRO A 81 -0.81 -1.19 -10.71
C PRO A 81 0.47 -1.85 -11.26
N GLU A 82 0.48 -2.09 -12.53
CA GLU A 82 1.55 -2.78 -13.17
C GLU A 82 2.64 -1.91 -13.73
N ALA A 83 3.29 -1.19 -12.85
CA ALA A 83 4.49 -0.46 -13.22
C ALA A 83 5.62 -1.47 -13.39
N LYS A 84 5.54 -2.53 -12.61
CA LYS A 84 6.50 -3.62 -12.60
C LYS A 84 6.41 -4.52 -13.83
N ARG A 85 5.25 -5.08 -14.06
CA ARG A 85 5.01 -5.99 -15.19
C ARG A 85 4.42 -5.22 -16.35
N GLU A 1 -19.20 -0.63 -9.94
CA GLU A 1 -19.55 -0.61 -8.55
C GLU A 1 -20.59 -1.68 -8.24
N SER A 2 -21.55 -1.38 -7.35
CA SER A 2 -22.58 -2.31 -6.82
C SER A 2 -21.94 -3.23 -5.78
N ASP A 3 -20.77 -3.71 -6.14
CA ASP A 3 -19.87 -4.43 -5.30
C ASP A 3 -18.52 -4.04 -5.76
N SER A 4 -17.78 -3.40 -4.92
CA SER A 4 -16.46 -2.95 -5.26
C SER A 4 -15.54 -4.16 -5.04
N VAL A 5 -15.52 -5.05 -6.02
CA VAL A 5 -14.91 -6.37 -5.92
C VAL A 5 -13.42 -6.35 -5.54
N GLU A 6 -12.63 -5.70 -6.35
CA GLU A 6 -11.18 -5.63 -6.16
C GLU A 6 -10.87 -4.84 -4.91
N PHE A 7 -11.70 -3.86 -4.65
CA PHE A 7 -11.60 -3.07 -3.48
C PHE A 7 -11.91 -3.92 -2.27
N ASN A 8 -12.94 -4.75 -2.36
CA ASN A 8 -13.31 -5.69 -1.28
C ASN A 8 -12.20 -6.70 -1.03
N ASN A 9 -11.58 -7.17 -2.10
CA ASN A 9 -10.41 -8.05 -1.99
C ASN A 9 -9.31 -7.32 -1.23
N ALA A 10 -9.15 -6.05 -1.57
CA ALA A 10 -8.19 -5.18 -0.93
C ALA A 10 -8.55 -4.92 0.52
N ILE A 11 -9.84 -4.69 0.79
CA ILE A 11 -10.32 -4.41 2.13
C ILE A 11 -10.04 -5.56 3.04
N SER A 12 -10.23 -6.76 2.54
CA SER A 12 -9.98 -7.95 3.30
C SER A 12 -8.49 -8.02 3.73
N TYR A 13 -7.61 -7.52 2.86
CA TYR A 13 -6.20 -7.39 3.17
C TYR A 13 -5.95 -6.27 4.16
N VAL A 14 -6.61 -5.15 3.96
CA VAL A 14 -6.47 -4.00 4.84
C VAL A 14 -6.99 -4.31 6.24
N ASN A 15 -8.14 -4.96 6.32
CA ASN A 15 -8.74 -5.37 7.55
C ASN A 15 -7.81 -6.31 8.29
N LYS A 16 -7.15 -7.16 7.51
CA LYS A 16 -6.20 -8.08 8.02
C LYS A 16 -5.02 -7.30 8.63
N ILE A 17 -4.55 -6.27 7.93
CA ILE A 17 -3.51 -5.39 8.42
C ILE A 17 -3.98 -4.74 9.73
N LYS A 18 -5.19 -4.19 9.69
CA LYS A 18 -5.79 -3.54 10.84
C LYS A 18 -5.79 -4.45 12.06
N THR A 19 -6.17 -5.69 11.85
CA THR A 19 -6.25 -6.70 12.84
C THR A 19 -4.86 -7.22 13.30
N ARG A 20 -4.00 -7.51 12.36
CA ARG A 20 -2.70 -8.08 12.66
C ARG A 20 -1.79 -7.11 13.38
N PHE A 21 -2.10 -5.87 13.22
CA PHE A 21 -1.37 -4.82 13.86
C PHE A 21 -2.37 -3.98 14.63
N LEU A 22 -3.39 -4.65 15.16
CA LEU A 22 -4.49 -4.01 15.88
C LEU A 22 -4.00 -3.39 17.17
N ASP A 23 -3.02 -4.02 17.76
CA ASP A 23 -2.44 -3.56 19.00
C ASP A 23 -1.30 -2.57 18.71
N HIS A 24 -1.01 -2.37 17.44
CA HIS A 24 0.09 -1.53 17.01
C HIS A 24 -0.42 -0.46 16.02
N PRO A 25 -1.08 0.60 16.51
CA PRO A 25 -1.72 1.62 15.65
C PRO A 25 -0.71 2.39 14.79
N GLU A 26 0.50 2.58 15.31
CA GLU A 26 1.54 3.33 14.65
C GLU A 26 1.91 2.71 13.29
N ILE A 27 1.89 1.39 13.23
CA ILE A 27 2.27 0.63 12.07
C ILE A 27 1.36 0.93 10.90
N TYR A 28 0.08 0.93 11.18
CA TYR A 28 -0.94 1.20 10.19
C TYR A 28 -0.73 2.62 9.67
N ARG A 29 -0.51 3.53 10.60
CA ARG A 29 -0.39 4.94 10.31
C ARG A 29 0.89 5.31 9.54
N SER A 30 2.01 4.71 9.92
CA SER A 30 3.27 4.97 9.22
C SER A 30 3.22 4.44 7.79
N PHE A 31 2.44 3.40 7.59
CA PHE A 31 2.23 2.87 6.29
C PHE A 31 1.28 3.76 5.46
N LEU A 32 0.25 4.31 6.09
CA LEU A 32 -0.75 5.15 5.44
C LEU A 32 -0.14 6.29 4.66
N GLU A 33 0.96 6.78 5.16
CA GLU A 33 1.61 7.91 4.56
C GLU A 33 2.27 7.50 3.23
N ILE A 34 2.70 6.25 3.15
CA ILE A 34 3.37 5.71 2.01
C ILE A 34 2.39 5.56 0.89
N LEU A 35 1.24 5.00 1.19
CA LEU A 35 0.24 4.78 0.21
C LEU A 35 -0.38 6.11 -0.22
N HIS A 36 -0.44 7.07 0.68
CA HIS A 36 -1.02 8.36 0.33
C HIS A 36 -0.03 9.20 -0.47
N THR A 37 1.26 9.13 -0.12
CA THR A 37 2.28 9.89 -0.83
C THR A 37 2.42 9.32 -2.25
N TYR A 38 2.19 8.01 -2.33
CA TYR A 38 2.22 7.23 -3.53
C TYR A 38 1.19 7.80 -4.53
N GLN A 39 0.08 8.27 -3.98
CA GLN A 39 -1.03 8.80 -4.76
C GLN A 39 -0.70 10.08 -5.50
N LYS A 40 0.28 10.82 -5.01
CA LYS A 40 0.67 12.04 -5.68
C LYS A 40 1.54 11.77 -6.89
N GLU A 41 2.13 10.59 -6.91
CA GLU A 41 2.90 10.16 -8.05
C GLU A 41 1.95 9.53 -9.07
N GLN A 42 0.81 9.06 -8.59
CA GLN A 42 -0.23 8.49 -9.45
C GLN A 42 -0.95 9.59 -10.18
N LEU A 43 -1.12 10.71 -9.49
CA LEU A 43 -1.59 11.92 -10.11
C LEU A 43 -0.47 12.34 -11.03
N HIS A 44 -0.75 12.53 -12.29
CA HIS A 44 0.30 12.77 -13.27
C HIS A 44 0.87 14.17 -13.23
N THR A 45 1.78 14.33 -12.30
CA THR A 45 2.59 15.50 -12.11
C THR A 45 3.81 15.03 -11.32
N LYS A 46 3.66 15.00 -10.01
CA LYS A 46 4.66 14.52 -9.04
C LYS A 46 4.24 15.01 -7.67
N GLY A 47 4.68 14.35 -6.66
CA GLY A 47 4.38 14.78 -5.32
C GLY A 47 5.50 14.55 -4.37
N ARG A 48 6.34 13.60 -4.70
CA ARG A 48 7.44 13.23 -3.86
C ARG A 48 8.61 14.20 -4.12
N PRO A 49 9.19 14.76 -3.06
CA PRO A 49 10.32 15.67 -3.15
C PRO A 49 11.65 14.93 -3.33
N PHE A 50 12.21 15.10 -4.53
CA PHE A 50 13.49 14.50 -4.94
C PHE A 50 13.37 13.00 -5.11
N ARG A 51 13.58 12.54 -6.36
CA ARG A 51 13.41 11.16 -6.79
C ARG A 51 11.96 10.80 -7.02
N GLY A 52 11.67 10.32 -8.21
CA GLY A 52 10.34 9.83 -8.49
C GLY A 52 10.11 8.60 -7.66
N MET A 53 8.97 8.52 -7.01
CA MET A 53 8.69 7.44 -6.12
C MET A 53 8.47 6.18 -6.91
N SER A 54 9.43 5.33 -6.90
CA SER A 54 9.31 4.11 -7.61
C SER A 54 8.54 3.15 -6.71
N GLU A 55 7.78 2.24 -7.29
CA GLU A 55 6.96 1.38 -6.54
C GLU A 55 7.79 0.39 -5.71
N GLU A 56 9.00 0.14 -6.15
CA GLU A 56 9.94 -0.71 -5.45
C GLU A 56 10.37 -0.05 -4.13
N GLU A 57 10.58 1.26 -4.13
CA GLU A 57 11.02 1.93 -2.92
C GLU A 57 9.82 2.06 -2.00
N VAL A 58 8.67 2.08 -2.63
CA VAL A 58 7.41 2.07 -1.99
C VAL A 58 7.25 0.76 -1.24
N PHE A 59 7.42 -0.33 -1.98
CA PHE A 59 7.29 -1.67 -1.46
C PHE A 59 8.30 -1.92 -0.36
N THR A 60 9.47 -1.31 -0.46
CA THR A 60 10.49 -1.42 0.50
C THR A 60 9.99 -1.01 1.89
N GLU A 61 9.38 0.17 2.00
CA GLU A 61 8.93 0.62 3.30
C GLU A 61 7.71 -0.16 3.76
N VAL A 62 6.91 -0.61 2.81
CA VAL A 62 5.74 -1.39 3.13
C VAL A 62 6.15 -2.78 3.65
N ALA A 63 7.12 -3.39 3.00
CA ALA A 63 7.65 -4.69 3.40
C ALA A 63 8.39 -4.57 4.71
N ASN A 64 8.97 -3.41 4.91
CA ASN A 64 9.66 -3.05 6.14
C ASN A 64 8.65 -2.77 7.28
N LEU A 65 7.50 -2.32 6.91
CA LEU A 65 6.46 -2.04 7.85
C LEU A 65 5.86 -3.37 8.34
N PHE A 66 5.55 -4.23 7.40
CA PHE A 66 4.88 -5.49 7.69
C PHE A 66 5.81 -6.68 7.44
N ARG A 67 7.05 -6.60 7.96
CA ARG A 67 8.04 -7.65 7.73
C ARG A 67 7.53 -8.99 8.28
N GLY A 68 7.36 -9.96 7.41
CA GLY A 68 6.89 -11.25 7.86
C GLY A 68 5.51 -11.56 7.33
N GLN A 69 4.72 -10.53 7.05
CA GLN A 69 3.39 -10.71 6.51
C GLN A 69 3.46 -10.85 5.01
N GLU A 70 4.02 -11.93 4.55
CA GLU A 70 4.31 -12.12 3.14
C GLU A 70 3.07 -12.26 2.28
N ASP A 71 1.96 -12.70 2.85
CA ASP A 71 0.71 -12.83 2.07
C ASP A 71 0.26 -11.44 1.68
N LEU A 72 0.30 -10.55 2.66
CA LEU A 72 -0.04 -9.16 2.49
C LEU A 72 0.92 -8.49 1.52
N LEU A 73 2.20 -8.78 1.68
CA LEU A 73 3.26 -8.14 0.89
C LEU A 73 3.25 -8.62 -0.56
N SER A 74 3.01 -9.89 -0.75
CA SER A 74 3.05 -10.50 -2.06
C SER A 74 1.90 -9.98 -2.93
N GLU A 75 0.69 -9.95 -2.41
CA GLU A 75 -0.45 -9.51 -3.20
C GLU A 75 -0.61 -8.00 -3.19
N PHE A 76 0.18 -7.33 -2.36
CA PHE A 76 0.22 -5.87 -2.31
C PHE A 76 0.63 -5.33 -3.68
N GLY A 77 1.59 -6.01 -4.30
CA GLY A 77 2.08 -5.61 -5.60
C GLY A 77 1.10 -5.92 -6.71
N GLN A 78 0.08 -6.69 -6.40
CA GLN A 78 -0.94 -7.02 -7.36
C GLN A 78 -2.03 -5.98 -7.32
N PHE A 79 -2.42 -5.60 -6.12
CA PHE A 79 -3.44 -4.58 -5.94
C PHE A 79 -2.96 -3.23 -6.44
N LEU A 80 -1.72 -2.91 -6.14
CA LEU A 80 -1.17 -1.65 -6.54
C LEU A 80 -1.03 -1.46 -8.03
N PRO A 81 -1.20 -0.21 -8.48
CA PRO A 81 -1.19 0.16 -9.89
C PRO A 81 0.11 -0.17 -10.61
N GLU A 82 0.02 -1.09 -11.58
CA GLU A 82 1.10 -1.48 -12.53
C GLU A 82 2.49 -1.67 -11.89
N ALA A 83 2.51 -2.20 -10.69
CA ALA A 83 3.76 -2.43 -9.97
C ALA A 83 4.58 -3.52 -10.66
N LYS A 84 3.89 -4.39 -11.36
CA LYS A 84 4.49 -5.50 -12.08
C LYS A 84 5.10 -5.06 -13.41
N ARG A 85 4.70 -3.90 -13.91
CA ARG A 85 5.18 -3.44 -15.21
C ARG A 85 6.67 -3.10 -15.13
N GLU A 1 -17.85 0.34 -7.53
CA GLU A 1 -18.59 1.53 -7.17
C GLU A 1 -20.07 1.31 -7.37
N SER A 2 -20.34 0.23 -8.03
CA SER A 2 -21.68 -0.28 -8.17
C SER A 2 -21.76 -1.45 -7.21
N ASP A 3 -20.79 -2.32 -7.36
CA ASP A 3 -20.48 -3.37 -6.45
C ASP A 3 -19.01 -3.44 -6.49
N SER A 4 -18.44 -3.14 -5.42
CA SER A 4 -17.02 -2.96 -5.39
C SER A 4 -16.32 -4.24 -4.99
N VAL A 5 -16.30 -5.18 -5.90
CA VAL A 5 -15.75 -6.50 -5.68
C VAL A 5 -14.27 -6.41 -5.31
N GLU A 6 -13.51 -5.74 -6.14
CA GLU A 6 -12.08 -5.64 -5.94
C GLU A 6 -11.74 -4.78 -4.74
N PHE A 7 -12.60 -3.82 -4.47
CA PHE A 7 -12.47 -2.99 -3.31
C PHE A 7 -12.70 -3.82 -2.09
N ASN A 8 -13.72 -4.68 -2.13
CA ASN A 8 -13.99 -5.61 -1.03
C ASN A 8 -12.82 -6.56 -0.84
N ASN A 9 -12.17 -6.95 -1.94
CA ASN A 9 -10.95 -7.77 -1.86
C ASN A 9 -9.90 -6.99 -1.12
N ALA A 10 -9.75 -5.74 -1.53
CA ALA A 10 -8.83 -4.81 -0.91
C ALA A 10 -9.15 -4.62 0.55
N ILE A 11 -10.43 -4.47 0.87
CA ILE A 11 -10.87 -4.28 2.25
C ILE A 11 -10.52 -5.47 3.08
N SER A 12 -10.78 -6.65 2.57
CA SER A 12 -10.49 -7.89 3.26
C SER A 12 -8.98 -8.02 3.52
N TYR A 13 -8.19 -7.48 2.61
CA TYR A 13 -6.75 -7.42 2.76
C TYR A 13 -6.38 -6.38 3.82
N VAL A 14 -6.96 -5.21 3.73
CA VAL A 14 -6.70 -4.13 4.65
C VAL A 14 -7.16 -4.49 6.07
N ASN A 15 -8.35 -5.08 6.19
CA ASN A 15 -8.91 -5.53 7.43
C ASN A 15 -7.98 -6.54 8.11
N LYS A 16 -7.38 -7.36 7.28
CA LYS A 16 -6.41 -8.33 7.69
C LYS A 16 -5.21 -7.60 8.34
N ILE A 17 -4.74 -6.53 7.68
CA ILE A 17 -3.66 -5.70 8.18
C ILE A 17 -4.08 -5.05 9.51
N LYS A 18 -5.31 -4.48 9.52
CA LYS A 18 -5.87 -3.78 10.68
C LYS A 18 -5.80 -4.66 11.90
N THR A 19 -6.14 -5.92 11.72
CA THR A 19 -6.18 -6.94 12.72
C THR A 19 -4.77 -7.41 13.15
N ARG A 20 -3.90 -7.60 12.18
CA ARG A 20 -2.55 -8.08 12.43
C ARG A 20 -1.72 -7.08 13.19
N PHE A 21 -2.01 -5.84 12.99
CA PHE A 21 -1.34 -4.78 13.63
C PHE A 21 -2.34 -3.98 14.43
N LEU A 22 -3.33 -4.69 14.95
CA LEU A 22 -4.43 -4.10 15.70
C LEU A 22 -3.90 -3.49 16.98
N ASP A 23 -2.90 -4.13 17.50
CA ASP A 23 -2.24 -3.71 18.72
C ASP A 23 -1.36 -2.48 18.50
N HIS A 24 -1.01 -2.22 17.26
CA HIS A 24 -0.11 -1.13 16.94
C HIS A 24 -0.57 -0.33 15.73
N PRO A 25 -1.51 0.60 15.96
CA PRO A 25 -2.10 1.42 14.88
C PRO A 25 -1.08 2.27 14.13
N GLU A 26 0.04 2.62 14.78
CA GLU A 26 1.09 3.42 14.17
C GLU A 26 1.70 2.70 12.96
N ILE A 27 1.66 1.38 12.97
CA ILE A 27 2.18 0.57 11.88
C ILE A 27 1.30 0.74 10.65
N TYR A 28 0.00 0.67 10.89
CA TYR A 28 -1.02 0.90 9.87
C TYR A 28 -0.83 2.32 9.33
N ARG A 29 -0.73 3.22 10.29
CA ARG A 29 -0.56 4.64 10.11
C ARG A 29 0.67 4.99 9.26
N SER A 30 1.84 4.52 9.65
CA SER A 30 3.07 4.80 8.95
C SER A 30 3.05 4.22 7.54
N PHE A 31 2.33 3.16 7.37
CA PHE A 31 2.12 2.63 6.07
C PHE A 31 1.17 3.52 5.25
N LEU A 32 0.15 4.05 5.93
CA LEU A 32 -0.79 4.94 5.31
C LEU A 32 -0.10 6.14 4.70
N GLU A 33 0.92 6.63 5.37
CA GLU A 33 1.66 7.78 4.90
C GLU A 33 2.35 7.47 3.55
N ILE A 34 2.77 6.23 3.41
CA ILE A 34 3.40 5.73 2.21
C ILE A 34 2.36 5.72 1.11
N LEU A 35 1.20 5.21 1.44
CA LEU A 35 0.12 5.08 0.51
C LEU A 35 -0.40 6.48 0.09
N HIS A 36 -0.49 7.37 1.04
CA HIS A 36 -0.94 8.74 0.78
C HIS A 36 0.05 9.48 -0.12
N THR A 37 1.34 9.34 0.15
CA THR A 37 2.36 10.00 -0.64
C THR A 37 2.40 9.35 -2.04
N TYR A 38 2.10 8.06 -2.07
CA TYR A 38 2.11 7.25 -3.26
C TYR A 38 1.12 7.77 -4.29
N GLN A 39 -0.02 8.23 -3.80
CA GLN A 39 -1.08 8.75 -4.64
C GLN A 39 -0.60 9.91 -5.50
N LYS A 40 0.30 10.70 -4.96
CA LYS A 40 0.86 11.84 -5.67
C LYS A 40 2.11 11.46 -6.44
N GLU A 41 2.97 10.69 -5.78
CA GLU A 41 4.25 10.28 -6.34
C GLU A 41 4.13 9.35 -7.55
N GLN A 42 2.98 8.72 -7.74
CA GLN A 42 2.82 7.88 -8.88
C GLN A 42 2.58 8.66 -10.16
N LEU A 43 2.35 9.95 -10.03
CA LEU A 43 2.19 10.81 -11.18
C LEU A 43 3.55 11.31 -11.64
N HIS A 44 3.63 11.85 -12.85
CA HIS A 44 4.89 12.36 -13.41
C HIS A 44 5.52 13.43 -12.52
N THR A 45 4.67 14.24 -11.89
CA THR A 45 5.08 15.29 -10.95
C THR A 45 5.73 16.49 -11.68
N LYS A 46 5.74 17.62 -11.02
CA LYS A 46 6.31 18.81 -11.55
C LYS A 46 7.81 18.80 -11.33
N GLY A 47 8.51 19.62 -12.06
CA GLY A 47 9.93 19.70 -11.92
C GLY A 47 10.62 18.62 -12.70
N ARG A 48 10.99 17.58 -12.02
CA ARG A 48 11.67 16.49 -12.63
C ARG A 48 11.25 15.21 -11.94
N PRO A 49 11.06 14.11 -12.67
CA PRO A 49 10.77 12.84 -12.06
C PRO A 49 12.04 12.26 -11.50
N PHE A 50 12.30 12.65 -10.29
CA PHE A 50 13.51 12.33 -9.61
C PHE A 50 13.24 12.35 -8.13
N ARG A 51 13.48 11.22 -7.50
CA ARG A 51 13.30 11.01 -6.07
C ARG A 51 11.85 10.95 -5.65
N GLY A 52 10.97 10.95 -6.63
CA GLY A 52 9.59 10.71 -6.37
C GLY A 52 9.45 9.26 -6.07
N MET A 53 8.77 8.93 -4.97
CA MET A 53 8.66 7.58 -4.49
C MET A 53 8.14 6.66 -5.59
N SER A 54 9.05 5.95 -6.20
CA SER A 54 8.77 5.06 -7.28
C SER A 54 8.30 3.74 -6.70
N GLU A 55 7.45 3.04 -7.43
CA GLU A 55 6.76 1.86 -6.97
C GLU A 55 7.67 0.82 -6.27
N GLU A 56 8.86 0.63 -6.79
CA GLU A 56 9.83 -0.28 -6.20
C GLU A 56 10.23 0.19 -4.78
N GLU A 57 10.58 1.47 -4.64
CA GLU A 57 11.00 2.00 -3.37
C GLU A 57 9.79 2.17 -2.45
N VAL A 58 8.60 2.28 -3.06
CA VAL A 58 7.37 2.30 -2.36
C VAL A 58 7.17 0.97 -1.68
N PHE A 59 7.27 -0.10 -2.48
CA PHE A 59 7.09 -1.46 -2.03
C PHE A 59 8.09 -1.79 -0.93
N THR A 60 9.27 -1.21 -1.04
CA THR A 60 10.30 -1.36 -0.10
C THR A 60 9.84 -0.96 1.32
N GLU A 61 9.26 0.24 1.47
CA GLU A 61 8.85 0.68 2.79
C GLU A 61 7.63 -0.07 3.28
N VAL A 62 6.83 -0.55 2.36
CA VAL A 62 5.67 -1.35 2.69
C VAL A 62 6.13 -2.73 3.20
N ALA A 63 7.09 -3.31 2.48
CA ALA A 63 7.68 -4.60 2.85
C ALA A 63 8.43 -4.47 4.15
N ASN A 64 8.95 -3.29 4.38
CA ASN A 64 9.63 -2.92 5.60
C ASN A 64 8.66 -2.69 6.75
N LEU A 65 7.48 -2.26 6.43
CA LEU A 65 6.50 -2.02 7.44
C LEU A 65 6.03 -3.38 7.98
N PHE A 66 5.57 -4.20 7.08
CA PHE A 66 4.99 -5.47 7.43
C PHE A 66 6.02 -6.61 7.27
N ARG A 67 7.25 -6.37 7.69
CA ARG A 67 8.32 -7.38 7.57
C ARG A 67 7.94 -8.61 8.39
N GLY A 68 7.86 -9.74 7.75
CA GLY A 68 7.46 -10.95 8.42
C GLY A 68 6.09 -11.38 8.00
N GLN A 69 5.32 -10.42 7.52
CA GLN A 69 4.04 -10.66 6.97
C GLN A 69 4.15 -10.59 5.46
N GLU A 70 4.99 -11.46 4.92
CA GLU A 70 5.27 -11.49 3.49
C GLU A 70 4.03 -11.86 2.71
N ASP A 71 3.13 -12.53 3.39
CA ASP A 71 1.83 -12.90 2.84
C ASP A 71 1.06 -11.64 2.45
N LEU A 72 1.16 -10.63 3.30
CA LEU A 72 0.50 -9.36 3.06
C LEU A 72 1.20 -8.61 1.95
N LEU A 73 2.51 -8.74 1.90
CA LEU A 73 3.35 -8.03 0.95
C LEU A 73 3.05 -8.50 -0.46
N SER A 74 2.92 -9.81 -0.61
CA SER A 74 2.57 -10.40 -1.87
C SER A 74 1.18 -9.93 -2.35
N GLU A 75 0.21 -9.86 -1.43
CA GLU A 75 -1.15 -9.44 -1.77
C GLU A 75 -1.21 -7.95 -2.09
N PHE A 76 -0.33 -7.18 -1.48
CA PHE A 76 -0.23 -5.74 -1.71
C PHE A 76 0.08 -5.50 -3.18
N GLY A 77 1.05 -6.24 -3.70
CA GLY A 77 1.43 -6.10 -5.09
C GLY A 77 0.35 -6.56 -6.05
N GLN A 78 -0.57 -7.41 -5.55
CA GLN A 78 -1.69 -7.88 -6.37
C GLN A 78 -2.67 -6.75 -6.60
N PHE A 79 -2.93 -6.00 -5.55
CA PHE A 79 -3.87 -4.89 -5.63
C PHE A 79 -3.29 -3.72 -6.41
N LEU A 80 -2.02 -3.47 -6.20
CA LEU A 80 -1.32 -2.37 -6.84
C LEU A 80 -1.03 -2.61 -8.32
N PRO A 81 -0.66 -1.55 -9.07
CA PRO A 81 -0.25 -1.66 -10.47
C PRO A 81 1.06 -2.45 -10.62
N GLU A 82 1.58 -2.50 -11.81
CA GLU A 82 2.78 -3.26 -12.09
C GLU A 82 3.90 -2.38 -12.64
N ALA A 83 4.06 -1.19 -12.10
CA ALA A 83 5.04 -0.24 -12.60
C ALA A 83 6.48 -0.63 -12.22
N LYS A 84 6.62 -1.40 -11.14
CA LYS A 84 7.94 -1.92 -10.73
C LYS A 84 8.30 -3.18 -11.53
N ARG A 85 7.29 -3.76 -12.16
CA ARG A 85 7.46 -4.97 -12.95
C ARG A 85 7.62 -4.58 -14.41
N GLU A 1 -17.71 0.99 -12.41
CA GLU A 1 -17.53 1.04 -11.00
C GLU A 1 -17.78 2.44 -10.49
N SER A 2 -19.01 2.70 -10.16
CA SER A 2 -19.37 3.95 -9.56
C SER A 2 -19.02 3.85 -8.08
N ASP A 3 -19.26 2.68 -7.51
CA ASP A 3 -18.89 2.39 -6.15
C ASP A 3 -17.43 1.98 -6.19
N SER A 4 -16.72 2.18 -5.15
CA SER A 4 -15.34 1.81 -5.13
C SER A 4 -15.18 0.32 -4.80
N VAL A 5 -15.37 -0.49 -5.82
CA VAL A 5 -15.32 -1.92 -5.72
C VAL A 5 -13.92 -2.38 -5.39
N GLU A 6 -12.96 -1.84 -6.11
CA GLU A 6 -11.55 -2.15 -5.92
C GLU A 6 -11.10 -1.75 -4.54
N PHE A 7 -11.66 -0.66 -4.07
CA PHE A 7 -11.43 -0.18 -2.74
C PHE A 7 -11.92 -1.18 -1.74
N ASN A 8 -13.11 -1.72 -1.95
CA ASN A 8 -13.68 -2.70 -1.06
C ASN A 8 -12.83 -4.00 -1.08
N ASN A 9 -12.29 -4.30 -2.25
CA ASN A 9 -11.39 -5.45 -2.42
C ASN A 9 -10.09 -5.18 -1.68
N ALA A 10 -9.66 -3.94 -1.75
CA ALA A 10 -8.50 -3.48 -1.04
C ALA A 10 -8.76 -3.48 0.45
N ILE A 11 -9.99 -3.21 0.85
CA ILE A 11 -10.36 -3.21 2.26
C ILE A 11 -10.20 -4.60 2.85
N SER A 12 -10.41 -5.63 2.05
CA SER A 12 -10.21 -7.00 2.49
C SER A 12 -8.72 -7.21 2.86
N TYR A 13 -7.85 -6.55 2.12
CA TYR A 13 -6.42 -6.57 2.37
C TYR A 13 -6.11 -5.70 3.58
N VAL A 14 -6.65 -4.49 3.56
CA VAL A 14 -6.45 -3.52 4.61
C VAL A 14 -6.94 -4.03 5.96
N ASN A 15 -8.11 -4.65 5.98
CA ASN A 15 -8.72 -5.18 7.19
C ASN A 15 -7.80 -6.21 7.84
N LYS A 16 -7.17 -6.98 7.00
CA LYS A 16 -6.25 -7.99 7.41
C LYS A 16 -5.06 -7.33 8.10
N ILE A 17 -4.61 -6.22 7.52
CA ILE A 17 -3.55 -5.41 8.10
C ILE A 17 -4.01 -4.85 9.44
N LYS A 18 -5.23 -4.26 9.45
CA LYS A 18 -5.82 -3.64 10.63
C LYS A 18 -5.77 -4.59 11.81
N THR A 19 -6.21 -5.81 11.58
CA THR A 19 -6.27 -6.87 12.57
C THR A 19 -4.85 -7.37 12.95
N ARG A 20 -4.02 -7.60 11.96
CA ARG A 20 -2.69 -8.15 12.18
C ARG A 20 -1.78 -7.22 12.92
N PHE A 21 -2.11 -5.98 12.90
CA PHE A 21 -1.37 -4.96 13.55
C PHE A 21 -2.34 -4.12 14.37
N LEU A 22 -3.34 -4.80 14.91
CA LEU A 22 -4.41 -4.17 15.66
C LEU A 22 -3.89 -3.56 16.96
N ASP A 23 -2.82 -4.13 17.45
CA ASP A 23 -2.17 -3.66 18.68
C ASP A 23 -1.18 -2.55 18.36
N HIS A 24 -0.95 -2.31 17.09
CA HIS A 24 0.03 -1.34 16.67
C HIS A 24 -0.51 -0.38 15.62
N PRO A 25 -1.19 0.69 16.05
CA PRO A 25 -1.71 1.71 15.15
C PRO A 25 -0.58 2.39 14.39
N GLU A 26 0.60 2.44 15.03
CA GLU A 26 1.79 3.05 14.46
C GLU A 26 2.14 2.43 13.10
N ILE A 27 1.93 1.13 12.98
CA ILE A 27 2.25 0.39 11.79
C ILE A 27 1.26 0.69 10.71
N TYR A 28 0.01 0.72 11.11
CA TYR A 28 -1.09 1.01 10.23
C TYR A 28 -0.89 2.42 9.65
N ARG A 29 -0.68 3.36 10.55
CA ARG A 29 -0.51 4.77 10.21
C ARG A 29 0.69 5.03 9.31
N SER A 30 1.82 4.43 9.67
CA SER A 30 3.05 4.59 8.90
C SER A 30 2.93 3.98 7.53
N PHE A 31 2.13 2.97 7.40
CA PHE A 31 1.88 2.44 6.12
C PHE A 31 0.94 3.33 5.31
N LEU A 32 -0.10 3.83 5.96
CA LEU A 32 -1.10 4.69 5.34
C LEU A 32 -0.45 5.88 4.67
N GLU A 33 0.60 6.39 5.30
CA GLU A 33 1.27 7.55 4.80
C GLU A 33 1.98 7.24 3.47
N ILE A 34 2.38 5.99 3.27
CA ILE A 34 3.06 5.53 2.09
C ILE A 34 2.10 5.43 0.94
N LEU A 35 0.93 4.87 1.19
CA LEU A 35 -0.06 4.71 0.17
C LEU A 35 -0.60 6.10 -0.21
N HIS A 36 -0.71 6.96 0.79
CA HIS A 36 -1.10 8.34 0.59
C HIS A 36 -0.04 9.06 -0.27
N THR A 37 1.22 8.78 0.02
CA THR A 37 2.36 9.30 -0.68
C THR A 37 2.33 8.87 -2.14
N TYR A 38 2.00 7.61 -2.32
CA TYR A 38 1.95 6.95 -3.59
C TYR A 38 0.97 7.66 -4.52
N GLN A 39 -0.23 7.88 -4.02
CA GLN A 39 -1.28 8.50 -4.81
C GLN A 39 -0.96 9.93 -5.20
N LYS A 40 -0.37 10.68 -4.30
CA LYS A 40 -0.02 12.05 -4.59
C LYS A 40 1.14 12.20 -5.56
N GLU A 41 1.95 11.17 -5.66
CA GLU A 41 3.10 11.19 -6.54
C GLU A 41 2.66 10.70 -7.93
N GLN A 42 1.79 9.70 -7.95
CA GLN A 42 1.29 9.15 -9.19
C GLN A 42 0.30 10.08 -9.86
N LEU A 43 -0.54 10.72 -9.06
CA LEU A 43 -1.48 11.69 -9.59
C LEU A 43 -0.85 13.08 -9.57
N HIS A 44 0.19 13.21 -10.33
CA HIS A 44 0.92 14.44 -10.43
C HIS A 44 1.37 14.59 -11.87
N THR A 45 1.15 15.75 -12.43
CA THR A 45 1.42 16.03 -13.83
C THR A 45 2.91 15.83 -14.20
N LYS A 46 3.12 15.23 -15.37
CA LYS A 46 4.42 15.02 -15.94
C LYS A 46 5.11 16.39 -16.11
N GLY A 47 6.33 16.48 -15.66
CA GLY A 47 7.07 17.73 -15.72
C GLY A 47 7.84 17.93 -14.45
N ARG A 48 8.50 16.89 -14.06
CA ARG A 48 9.21 16.79 -12.82
C ARG A 48 10.44 15.97 -13.14
N PRO A 49 11.60 16.23 -12.52
CA PRO A 49 12.77 15.35 -12.67
C PRO A 49 12.32 13.98 -12.27
N PHE A 50 12.65 12.99 -13.08
CA PHE A 50 12.09 11.67 -12.91
C PHE A 50 12.56 10.97 -11.64
N ARG A 51 11.86 11.26 -10.59
CA ARG A 51 11.99 10.63 -9.30
C ARG A 51 10.66 10.01 -8.97
N GLY A 52 9.97 9.64 -10.03
CA GLY A 52 8.66 9.03 -9.93
C GLY A 52 8.69 7.84 -9.03
N MET A 53 7.76 7.80 -8.11
CA MET A 53 7.68 6.79 -7.09
C MET A 53 7.49 5.46 -7.74
N SER A 54 8.54 4.71 -7.81
CA SER A 54 8.48 3.41 -8.37
C SER A 54 7.99 2.49 -7.28
N GLU A 55 7.29 1.44 -7.64
CA GLU A 55 6.69 0.60 -6.67
C GLU A 55 7.73 -0.08 -5.78
N GLU A 56 8.96 -0.22 -6.29
CA GLU A 56 10.07 -0.76 -5.52
C GLU A 56 10.33 0.07 -4.25
N GLU A 57 10.40 1.41 -4.38
CA GLU A 57 10.67 2.27 -3.21
C GLU A 57 9.49 2.20 -2.26
N VAL A 58 8.33 2.01 -2.87
CA VAL A 58 7.09 1.85 -2.20
C VAL A 58 7.11 0.56 -1.40
N PHE A 59 7.41 -0.52 -2.08
CA PHE A 59 7.47 -1.84 -1.52
C PHE A 59 8.49 -1.91 -0.40
N THR A 60 9.59 -1.16 -0.54
CA THR A 60 10.61 -1.11 0.42
C THR A 60 10.08 -0.73 1.81
N GLU A 61 9.37 0.37 1.88
CA GLU A 61 8.90 0.88 3.16
C GLU A 61 7.74 0.04 3.67
N VAL A 62 6.96 -0.50 2.75
CA VAL A 62 5.82 -1.34 3.09
C VAL A 62 6.28 -2.74 3.58
N ALA A 63 7.27 -3.29 2.91
CA ALA A 63 7.85 -4.59 3.29
C ALA A 63 8.61 -4.45 4.58
N ASN A 64 9.20 -3.29 4.75
CA ASN A 64 9.91 -2.91 5.96
C ASN A 64 8.94 -2.68 7.11
N LEU A 65 7.74 -2.25 6.76
CA LEU A 65 6.68 -2.01 7.69
C LEU A 65 6.12 -3.35 8.19
N PHE A 66 5.66 -4.15 7.25
CA PHE A 66 5.02 -5.43 7.54
C PHE A 66 6.01 -6.56 7.40
N ARG A 67 7.23 -6.33 7.84
CA ARG A 67 8.28 -7.31 7.73
C ARG A 67 7.94 -8.57 8.51
N GLY A 68 7.70 -9.62 7.79
CA GLY A 68 7.31 -10.88 8.37
C GLY A 68 6.02 -11.35 7.75
N GLN A 69 5.15 -10.41 7.45
CA GLN A 69 3.89 -10.70 6.81
C GLN A 69 4.09 -10.78 5.32
N GLU A 70 4.78 -11.81 4.89
CA GLU A 70 5.13 -12.01 3.50
C GLU A 70 3.90 -12.30 2.65
N ASP A 71 2.84 -12.72 3.31
CA ASP A 71 1.57 -12.95 2.68
C ASP A 71 0.99 -11.61 2.27
N LEU A 72 0.95 -10.66 3.21
CA LEU A 72 0.49 -9.29 2.96
C LEU A 72 1.35 -8.63 1.88
N LEU A 73 2.64 -8.91 1.94
CA LEU A 73 3.59 -8.31 1.02
C LEU A 73 3.38 -8.84 -0.40
N SER A 74 2.81 -10.01 -0.53
CA SER A 74 2.52 -10.56 -1.81
C SER A 74 1.21 -9.96 -2.33
N GLU A 75 0.20 -9.87 -1.45
CA GLU A 75 -1.10 -9.30 -1.82
C GLU A 75 -0.96 -7.82 -2.19
N PHE A 76 0.03 -7.15 -1.60
CA PHE A 76 0.33 -5.77 -1.93
C PHE A 76 0.74 -5.66 -3.38
N GLY A 77 1.60 -6.57 -3.81
CA GLY A 77 2.03 -6.60 -5.20
C GLY A 77 0.86 -6.88 -6.12
N GLN A 78 0.01 -7.82 -5.72
CA GLN A 78 -1.18 -8.21 -6.49
C GLN A 78 -2.20 -7.05 -6.60
N PHE A 79 -2.25 -6.24 -5.58
CA PHE A 79 -3.13 -5.07 -5.55
C PHE A 79 -2.58 -3.97 -6.46
N LEU A 80 -1.28 -3.82 -6.44
CA LEU A 80 -0.60 -2.77 -7.17
C LEU A 80 -0.54 -3.02 -8.67
N PRO A 81 -0.36 -1.94 -9.44
CA PRO A 81 -0.11 -2.02 -10.88
C PRO A 81 1.19 -2.75 -11.16
N GLU A 82 1.17 -3.62 -12.18
CA GLU A 82 2.33 -4.45 -12.51
C GLU A 82 2.67 -5.35 -11.33
N ALA A 83 1.70 -6.20 -11.03
CA ALA A 83 1.69 -7.12 -9.88
C ALA A 83 2.96 -7.94 -9.70
N LYS A 84 3.63 -8.24 -10.79
CA LYS A 84 4.83 -9.06 -10.73
C LYS A 84 6.09 -8.20 -10.60
N ARG A 85 5.96 -6.93 -10.90
CA ARG A 85 7.09 -6.00 -10.87
C ARG A 85 7.04 -5.15 -9.62
N GLU A 1 -17.83 6.80 -6.71
CA GLU A 1 -17.74 5.60 -5.91
C GLU A 1 -19.14 5.00 -5.74
N SER A 2 -19.55 4.25 -6.71
CA SER A 2 -20.86 3.65 -6.72
C SER A 2 -20.76 2.18 -6.35
N ASP A 3 -19.84 1.48 -6.99
CA ASP A 3 -19.62 0.08 -6.73
C ASP A 3 -18.25 -0.08 -6.19
N SER A 4 -18.17 -0.38 -4.95
CA SER A 4 -16.91 -0.48 -4.26
C SER A 4 -16.48 -1.92 -4.13
N VAL A 5 -16.60 -2.66 -5.19
CA VAL A 5 -16.33 -4.07 -5.19
C VAL A 5 -14.82 -4.32 -5.16
N GLU A 6 -14.10 -3.55 -5.97
CA GLU A 6 -12.63 -3.65 -5.99
C GLU A 6 -12.08 -3.19 -4.66
N PHE A 7 -12.80 -2.26 -4.06
CA PHE A 7 -12.48 -1.71 -2.79
C PHE A 7 -12.74 -2.74 -1.72
N ASN A 8 -13.88 -3.41 -1.78
CA ASN A 8 -14.23 -4.50 -0.83
C ASN A 8 -13.17 -5.58 -0.83
N ASN A 9 -12.65 -5.90 -2.01
CA ASN A 9 -11.56 -6.87 -2.14
C ASN A 9 -10.32 -6.35 -1.44
N ALA A 10 -10.06 -5.07 -1.61
CA ALA A 10 -8.96 -4.40 -0.98
C ALA A 10 -9.16 -4.34 0.55
N ILE A 11 -10.41 -4.22 0.97
CA ILE A 11 -10.74 -4.13 2.38
C ILE A 11 -10.36 -5.40 3.10
N SER A 12 -10.55 -6.54 2.45
CA SER A 12 -10.19 -7.83 3.03
C SER A 12 -8.71 -7.82 3.43
N TYR A 13 -7.88 -7.34 2.51
CA TYR A 13 -6.45 -7.19 2.72
C TYR A 13 -6.19 -6.22 3.88
N VAL A 14 -6.80 -5.07 3.82
CA VAL A 14 -6.60 -4.04 4.82
C VAL A 14 -7.10 -4.48 6.21
N ASN A 15 -8.25 -5.13 6.25
CA ASN A 15 -8.86 -5.61 7.47
C ASN A 15 -7.93 -6.55 8.21
N LYS A 16 -7.23 -7.36 7.45
CA LYS A 16 -6.31 -8.31 7.98
C LYS A 16 -5.17 -7.56 8.66
N ILE A 17 -4.72 -6.49 8.02
CA ILE A 17 -3.70 -5.63 8.57
C ILE A 17 -4.22 -4.98 9.85
N LYS A 18 -5.46 -4.47 9.79
CA LYS A 18 -6.13 -3.80 10.91
C LYS A 18 -6.04 -4.66 12.16
N THR A 19 -6.39 -5.91 12.01
CA THR A 19 -6.40 -6.89 13.05
C THR A 19 -4.97 -7.32 13.48
N ARG A 20 -4.14 -7.61 12.51
CA ARG A 20 -2.79 -8.09 12.77
C ARG A 20 -1.90 -7.05 13.42
N PHE A 21 -2.28 -5.83 13.27
CA PHE A 21 -1.59 -4.73 13.85
C PHE A 21 -2.58 -3.90 14.62
N LEU A 22 -3.56 -4.57 15.20
CA LEU A 22 -4.62 -3.94 15.96
C LEU A 22 -4.04 -3.32 17.22
N ASP A 23 -3.13 -4.04 17.82
CA ASP A 23 -2.48 -3.61 19.04
C ASP A 23 -1.29 -2.68 18.71
N HIS A 24 -1.07 -2.44 17.43
CA HIS A 24 0.00 -1.58 16.99
C HIS A 24 -0.51 -0.54 15.99
N PRO A 25 -1.14 0.54 16.46
CA PRO A 25 -1.75 1.55 15.60
C PRO A 25 -0.73 2.26 14.72
N GLU A 26 0.44 2.52 15.29
CA GLU A 26 1.53 3.22 14.63
C GLU A 26 1.93 2.56 13.30
N ILE A 27 1.88 1.24 13.25
CA ILE A 27 2.30 0.47 12.10
C ILE A 27 1.33 0.68 10.96
N TYR A 28 0.07 0.61 11.29
CA TYR A 28 -1.02 0.80 10.34
C TYR A 28 -0.90 2.20 9.75
N ARG A 29 -0.76 3.17 10.63
CA ARG A 29 -0.71 4.58 10.28
C ARG A 29 0.51 4.95 9.46
N SER A 30 1.66 4.41 9.83
CA SER A 30 2.90 4.67 9.11
C SER A 30 2.85 4.07 7.71
N PHE A 31 2.11 3.01 7.56
CA PHE A 31 1.89 2.46 6.26
C PHE A 31 0.90 3.30 5.42
N LEU A 32 -0.16 3.76 6.06
CA LEU A 32 -1.22 4.54 5.40
C LEU A 32 -0.64 5.72 4.64
N GLU A 33 0.32 6.35 5.26
CA GLU A 33 0.95 7.52 4.73
C GLU A 33 1.70 7.22 3.42
N ILE A 34 2.18 5.98 3.30
CA ILE A 34 2.91 5.54 2.15
C ILE A 34 1.98 5.45 0.95
N LEU A 35 0.78 4.96 1.18
CA LEU A 35 -0.17 4.81 0.13
C LEU A 35 -0.63 6.21 -0.32
N HIS A 36 -0.76 7.11 0.64
CA HIS A 36 -1.11 8.49 0.33
C HIS A 36 0.03 9.15 -0.45
N THR A 37 1.24 8.94 0.02
CA THR A 37 2.47 9.36 -0.63
C THR A 37 2.56 8.84 -2.08
N TYR A 38 2.18 7.60 -2.25
CA TYR A 38 2.24 6.90 -3.52
C TYR A 38 1.36 7.59 -4.57
N GLN A 39 0.22 8.06 -4.13
CA GLN A 39 -0.77 8.71 -4.97
C GLN A 39 -0.25 10.00 -5.62
N LYS A 40 0.76 10.62 -5.03
CA LYS A 40 1.34 11.81 -5.64
C LYS A 40 2.18 11.47 -6.86
N GLU A 41 3.08 10.50 -6.70
CA GLU A 41 4.04 10.10 -7.73
C GLU A 41 3.30 9.59 -8.96
N GLN A 42 2.38 8.66 -8.72
CA GLN A 42 1.62 8.05 -9.80
C GLN A 42 0.73 9.04 -10.55
N LEU A 43 0.41 10.14 -9.90
CA LEU A 43 -0.49 11.08 -10.47
C LEU A 43 0.29 12.10 -11.29
N HIS A 44 1.19 12.81 -10.64
CA HIS A 44 1.84 13.91 -11.29
C HIS A 44 3.29 14.03 -10.84
N THR A 45 4.18 14.08 -11.80
CA THR A 45 5.57 14.34 -11.57
C THR A 45 6.03 15.48 -12.47
N LYS A 46 6.18 16.65 -11.90
CA LYS A 46 6.56 17.81 -12.64
C LYS A 46 8.08 17.87 -12.72
N GLY A 47 8.60 18.67 -13.65
CA GLY A 47 10.03 18.85 -13.77
C GLY A 47 10.60 19.58 -12.57
N ARG A 48 11.07 18.82 -11.64
CA ARG A 48 11.61 19.32 -10.41
C ARG A 48 12.68 18.34 -9.97
N PRO A 49 13.76 18.80 -9.35
CA PRO A 49 14.74 17.92 -8.75
C PRO A 49 14.17 17.34 -7.48
N PHE A 50 13.52 16.24 -7.65
CA PHE A 50 12.80 15.59 -6.61
C PHE A 50 12.51 14.20 -7.06
N ARG A 51 12.60 13.28 -6.16
CA ARG A 51 12.26 11.93 -6.47
C ARG A 51 10.93 11.62 -5.85
N GLY A 52 9.96 11.26 -6.65
CA GLY A 52 8.71 10.81 -6.10
C GLY A 52 8.90 9.39 -5.64
N MET A 53 8.09 8.91 -4.73
CA MET A 53 8.25 7.59 -4.22
C MET A 53 7.92 6.58 -5.32
N SER A 54 8.95 6.02 -5.89
CA SER A 54 8.84 5.13 -7.02
C SER A 54 8.54 3.72 -6.55
N GLU A 55 7.88 2.95 -7.40
CA GLU A 55 7.30 1.64 -7.11
C GLU A 55 8.23 0.69 -6.29
N GLU A 56 9.48 0.59 -6.65
CA GLU A 56 10.41 -0.29 -5.96
C GLU A 56 10.63 0.19 -4.51
N GLU A 57 10.86 1.49 -4.35
CA GLU A 57 11.12 2.04 -3.03
C GLU A 57 9.81 2.06 -2.22
N VAL A 58 8.69 2.11 -2.96
CA VAL A 58 7.37 2.04 -2.39
C VAL A 58 7.21 0.70 -1.71
N PHE A 59 7.46 -0.36 -2.47
CA PHE A 59 7.35 -1.70 -1.97
C PHE A 59 8.31 -1.91 -0.82
N THR A 60 9.46 -1.25 -0.91
CA THR A 60 10.44 -1.30 0.09
C THR A 60 9.91 -0.76 1.43
N GLU A 61 9.22 0.38 1.42
CA GLU A 61 8.73 0.98 2.66
C GLU A 61 7.67 0.10 3.28
N VAL A 62 6.87 -0.49 2.42
CA VAL A 62 5.78 -1.35 2.85
C VAL A 62 6.33 -2.68 3.38
N ALA A 63 7.35 -3.21 2.71
CA ALA A 63 8.03 -4.42 3.15
C ALA A 63 8.80 -4.13 4.43
N ASN A 64 9.24 -2.92 4.55
CA ASN A 64 9.89 -2.39 5.74
C ASN A 64 8.91 -2.28 6.90
N LEU A 65 7.66 -2.05 6.57
CA LEU A 65 6.63 -1.95 7.54
C LEU A 65 6.20 -3.37 7.99
N PHE A 66 5.88 -4.21 7.03
CA PHE A 66 5.31 -5.52 7.30
C PHE A 66 6.27 -6.67 6.98
N ARG A 67 7.55 -6.52 7.28
CA ARG A 67 8.49 -7.59 7.03
C ARG A 67 8.20 -8.79 7.87
N GLY A 68 7.98 -9.88 7.18
CA GLY A 68 7.61 -11.11 7.81
C GLY A 68 6.27 -11.54 7.28
N GLN A 69 5.43 -10.56 7.03
CA GLN A 69 4.10 -10.79 6.51
C GLN A 69 4.15 -10.84 4.99
N GLU A 70 4.64 -11.95 4.46
CA GLU A 70 4.78 -12.12 3.03
C GLU A 70 3.44 -12.15 2.32
N ASP A 71 2.42 -12.57 3.04
CA ASP A 71 1.06 -12.58 2.53
C ASP A 71 0.61 -11.19 2.20
N LEU A 72 0.72 -10.30 3.17
CA LEU A 72 0.32 -8.92 3.01
C LEU A 72 1.12 -8.26 1.91
N LEU A 73 2.39 -8.57 1.86
CA LEU A 73 3.28 -7.95 0.89
C LEU A 73 2.99 -8.45 -0.53
N SER A 74 2.48 -9.66 -0.65
CA SER A 74 2.11 -10.20 -1.94
C SER A 74 0.79 -9.58 -2.38
N GLU A 75 -0.16 -9.51 -1.45
CA GLU A 75 -1.47 -8.92 -1.73
C GLU A 75 -1.33 -7.45 -2.10
N PHE A 76 -0.43 -6.76 -1.42
CA PHE A 76 -0.14 -5.37 -1.68
C PHE A 76 0.35 -5.20 -3.12
N GLY A 77 1.37 -5.96 -3.47
CA GLY A 77 1.96 -5.85 -4.80
C GLY A 77 1.01 -6.24 -5.90
N GLN A 78 0.10 -7.15 -5.61
CA GLN A 78 -0.88 -7.58 -6.57
C GLN A 78 -1.95 -6.50 -6.79
N PHE A 79 -2.34 -5.83 -5.70
CA PHE A 79 -3.36 -4.79 -5.76
C PHE A 79 -2.84 -3.55 -6.47
N LEU A 80 -1.59 -3.21 -6.23
CA LEU A 80 -0.99 -2.04 -6.83
C LEU A 80 -0.65 -2.20 -8.29
N PRO A 81 -0.44 -1.06 -8.99
CA PRO A 81 0.02 -1.05 -10.37
C PRO A 81 1.46 -1.57 -10.46
N GLU A 82 1.61 -2.73 -11.07
CA GLU A 82 2.92 -3.37 -11.24
C GLU A 82 3.58 -2.89 -12.54
N ALA A 83 3.83 -1.61 -12.64
CA ALA A 83 4.38 -1.01 -13.84
C ALA A 83 5.81 -1.48 -14.07
N LYS A 84 6.64 -1.36 -13.05
CA LYS A 84 8.00 -1.82 -13.14
C LYS A 84 8.02 -3.31 -12.87
N ARG A 85 7.26 -3.70 -11.87
CA ARG A 85 7.05 -5.08 -11.49
C ARG A 85 6.12 -5.78 -12.47
N GLU A 1 -26.05 3.25 -8.27
CA GLU A 1 -24.69 3.12 -7.82
C GLU A 1 -24.43 1.69 -7.36
N SER A 2 -23.42 1.08 -7.91
CA SER A 2 -23.06 -0.26 -7.53
C SER A 2 -22.09 -0.19 -6.34
N ASP A 3 -21.75 -1.33 -5.78
CA ASP A 3 -20.87 -1.32 -4.64
C ASP A 3 -19.45 -1.54 -5.09
N SER A 4 -18.51 -1.14 -4.31
CA SER A 4 -17.14 -1.30 -4.63
C SER A 4 -16.66 -2.72 -4.23
N VAL A 5 -16.91 -3.67 -5.11
CA VAL A 5 -16.61 -5.08 -4.89
C VAL A 5 -15.11 -5.32 -4.75
N GLU A 6 -14.35 -4.80 -5.69
CA GLU A 6 -12.90 -4.96 -5.70
C GLU A 6 -12.28 -4.25 -4.53
N PHE A 7 -12.89 -3.15 -4.14
CA PHE A 7 -12.50 -2.39 -3.01
C PHE A 7 -12.70 -3.22 -1.77
N ASN A 8 -13.83 -3.90 -1.67
CA ASN A 8 -14.09 -4.81 -0.52
C ASN A 8 -13.07 -5.93 -0.47
N ASN A 9 -12.67 -6.42 -1.64
CA ASN A 9 -11.62 -7.42 -1.74
C ASN A 9 -10.31 -6.84 -1.20
N ALA A 10 -10.07 -5.60 -1.53
CA ALA A 10 -8.93 -4.85 -1.04
C ALA A 10 -9.05 -4.64 0.47
N ILE A 11 -10.25 -4.26 0.92
CA ILE A 11 -10.53 -3.98 2.32
C ILE A 11 -10.28 -5.20 3.16
N SER A 12 -10.52 -6.37 2.59
CA SER A 12 -10.28 -7.62 3.28
C SER A 12 -8.80 -7.73 3.70
N TYR A 13 -7.89 -7.33 2.83
CA TYR A 13 -6.48 -7.32 3.18
C TYR A 13 -6.12 -6.13 4.06
N VAL A 14 -6.80 -5.02 3.86
CA VAL A 14 -6.59 -3.85 4.71
C VAL A 14 -7.03 -4.17 6.14
N ASN A 15 -8.18 -4.81 6.26
CA ASN A 15 -8.75 -5.24 7.52
C ASN A 15 -7.81 -6.22 8.19
N LYS A 16 -7.19 -7.04 7.37
CA LYS A 16 -6.23 -8.00 7.82
C LYS A 16 -5.03 -7.28 8.41
N ILE A 17 -4.57 -6.23 7.73
CA ILE A 17 -3.50 -5.38 8.21
C ILE A 17 -3.92 -4.76 9.55
N LYS A 18 -5.14 -4.22 9.58
CA LYS A 18 -5.70 -3.60 10.77
C LYS A 18 -5.66 -4.55 11.95
N THR A 19 -6.05 -5.79 11.69
CA THR A 19 -6.13 -6.86 12.66
C THR A 19 -4.75 -7.33 13.11
N ARG A 20 -3.86 -7.50 12.19
CA ARG A 20 -2.54 -7.99 12.46
C ARG A 20 -1.73 -7.03 13.30
N PHE A 21 -2.06 -5.80 13.20
CA PHE A 21 -1.38 -4.77 13.91
C PHE A 21 -2.41 -3.96 14.66
N LEU A 22 -3.42 -4.69 15.13
CA LEU A 22 -4.59 -4.13 15.79
C LEU A 22 -4.21 -3.40 17.06
N ASP A 23 -3.21 -3.90 17.73
CA ASP A 23 -2.77 -3.29 18.97
C ASP A 23 -1.63 -2.27 18.72
N HIS A 24 -1.32 -2.06 17.47
CA HIS A 24 -0.31 -1.10 17.08
C HIS A 24 -0.78 -0.23 15.91
N PRO A 25 -1.65 0.78 16.18
CA PRO A 25 -2.17 1.69 15.14
C PRO A 25 -1.04 2.40 14.39
N GLU A 26 0.09 2.53 15.06
CA GLU A 26 1.30 3.16 14.56
C GLU A 26 1.76 2.49 13.24
N ILE A 27 1.63 1.18 13.17
CA ILE A 27 2.07 0.38 12.02
C ILE A 27 1.15 0.62 10.86
N TYR A 28 -0.13 0.68 11.18
CA TYR A 28 -1.16 0.94 10.19
C TYR A 28 -0.94 2.35 9.63
N ARG A 29 -0.78 3.29 10.54
CA ARG A 29 -0.61 4.69 10.22
C ARG A 29 0.66 4.99 9.45
N SER A 30 1.76 4.39 9.87
CA SER A 30 3.04 4.58 9.22
C SER A 30 2.99 4.04 7.78
N PHE A 31 2.20 3.02 7.58
CA PHE A 31 1.99 2.50 6.26
C PHE A 31 1.09 3.40 5.41
N LEU A 32 0.08 3.97 6.04
CA LEU A 32 -0.86 4.89 5.37
C LEU A 32 -0.13 6.04 4.71
N GLU A 33 1.01 6.39 5.28
CA GLU A 33 1.90 7.41 4.76
C GLU A 33 2.26 7.09 3.34
N ILE A 34 2.66 5.85 3.12
CA ILE A 34 3.10 5.38 1.87
C ILE A 34 2.01 5.44 0.83
N LEU A 35 0.82 4.98 1.18
CA LEU A 35 -0.28 4.98 0.22
C LEU A 35 -0.78 6.38 -0.12
N HIS A 36 -0.74 7.28 0.86
CA HIS A 36 -1.09 8.67 0.61
C HIS A 36 -0.06 9.27 -0.34
N THR A 37 1.18 9.04 0.01
CA THR A 37 2.32 9.44 -0.75
C THR A 37 2.33 8.86 -2.17
N TYR A 38 2.06 7.59 -2.27
CA TYR A 38 2.14 6.85 -3.52
C TYR A 38 1.29 7.43 -4.63
N GLN A 39 0.04 7.72 -4.32
CA GLN A 39 -0.88 8.23 -5.31
C GLN A 39 -0.46 9.64 -5.72
N LYS A 40 0.03 10.39 -4.77
CA LYS A 40 0.49 11.73 -5.01
C LYS A 40 1.78 11.74 -5.84
N GLU A 41 2.75 10.92 -5.46
CA GLU A 41 4.07 10.83 -6.13
C GLU A 41 3.96 10.51 -7.61
N GLN A 42 3.03 9.64 -7.94
CA GLN A 42 2.85 9.23 -9.32
C GLN A 42 2.23 10.33 -10.16
N LEU A 43 1.41 11.16 -9.53
CA LEU A 43 0.67 12.17 -10.25
C LEU A 43 1.27 13.57 -10.15
N HIS A 44 1.33 14.12 -8.97
CA HIS A 44 1.71 15.51 -8.82
C HIS A 44 2.80 15.71 -7.80
N THR A 45 3.71 16.56 -8.13
CA THR A 45 4.77 16.95 -7.24
C THR A 45 5.14 18.37 -7.61
N LYS A 46 5.39 19.20 -6.60
CA LYS A 46 5.68 20.58 -6.84
C LYS A 46 6.96 20.71 -7.65
N GLY A 47 6.82 21.31 -8.81
CA GLY A 47 7.88 21.41 -9.76
C GLY A 47 7.61 20.39 -10.82
N ARG A 48 8.34 19.33 -10.79
CA ARG A 48 8.16 18.21 -11.68
C ARG A 48 8.32 16.97 -10.83
N PRO A 49 7.47 15.95 -10.99
CA PRO A 49 7.64 14.69 -10.30
C PRO A 49 8.84 13.98 -10.90
N PHE A 50 9.90 13.93 -10.17
CA PHE A 50 11.09 13.36 -10.66
C PHE A 50 11.74 12.56 -9.57
N ARG A 51 11.60 11.26 -9.70
CA ARG A 51 12.15 10.28 -8.78
C ARG A 51 11.74 10.52 -7.35
N GLY A 52 10.47 10.40 -7.12
CA GLY A 52 9.91 10.46 -5.79
C GLY A 52 9.89 9.11 -5.24
N MET A 53 8.82 8.72 -4.68
CA MET A 53 8.72 7.41 -4.23
C MET A 53 8.22 6.57 -5.40
N SER A 54 9.14 5.92 -6.08
CA SER A 54 8.81 5.11 -7.22
C SER A 54 8.41 3.72 -6.76
N GLU A 55 7.68 3.00 -7.60
CA GLU A 55 7.00 1.77 -7.29
C GLU A 55 7.82 0.75 -6.46
N GLU A 56 9.06 0.53 -6.83
CA GLU A 56 9.89 -0.42 -6.16
C GLU A 56 10.29 0.05 -4.77
N GLU A 57 10.61 1.31 -4.63
CA GLU A 57 11.01 1.84 -3.35
C GLU A 57 9.79 2.08 -2.48
N VAL A 58 8.64 2.17 -3.15
CA VAL A 58 7.37 2.20 -2.51
C VAL A 58 7.19 0.89 -1.77
N PHE A 59 7.40 -0.18 -2.53
CA PHE A 59 7.30 -1.54 -2.03
C PHE A 59 8.22 -1.74 -0.84
N THR A 60 9.39 -1.09 -0.89
CA THR A 60 10.36 -1.14 0.11
C THR A 60 9.81 -0.74 1.49
N GLU A 61 9.11 0.40 1.58
CA GLU A 61 8.62 0.91 2.85
C GLU A 61 7.52 0.03 3.40
N VAL A 62 6.72 -0.49 2.51
CA VAL A 62 5.62 -1.35 2.86
C VAL A 62 6.14 -2.71 3.35
N ALA A 63 7.13 -3.25 2.65
CA ALA A 63 7.79 -4.50 3.05
C ALA A 63 8.55 -4.28 4.34
N ASN A 64 9.01 -3.07 4.51
CA ASN A 64 9.68 -2.63 5.71
C ASN A 64 8.73 -2.53 6.88
N LEU A 65 7.52 -2.14 6.60
CA LEU A 65 6.50 -2.03 7.58
C LEU A 65 6.05 -3.44 8.01
N PHE A 66 5.61 -4.21 7.04
CA PHE A 66 5.02 -5.51 7.29
C PHE A 66 6.02 -6.63 7.04
N ARG A 67 7.27 -6.42 7.42
CA ARG A 67 8.26 -7.44 7.28
C ARG A 67 7.93 -8.62 8.16
N GLY A 68 8.10 -9.79 7.61
CA GLY A 68 7.69 -11.00 8.27
C GLY A 68 6.37 -11.47 7.71
N GLN A 69 5.46 -10.54 7.58
CA GLN A 69 4.13 -10.80 7.07
C GLN A 69 4.14 -10.75 5.54
N GLU A 70 4.90 -11.65 4.97
CA GLU A 70 5.10 -11.74 3.52
C GLU A 70 3.82 -12.04 2.77
N ASP A 71 2.84 -12.57 3.47
CA ASP A 71 1.53 -12.85 2.88
C ASP A 71 0.87 -11.56 2.40
N LEU A 72 0.96 -10.53 3.23
CA LEU A 72 0.40 -9.21 2.92
C LEU A 72 1.18 -8.59 1.77
N LEU A 73 2.45 -8.89 1.76
CA LEU A 73 3.40 -8.33 0.80
C LEU A 73 3.24 -8.98 -0.56
N SER A 74 2.90 -10.26 -0.55
CA SER A 74 2.70 -11.03 -1.76
C SER A 74 1.47 -10.48 -2.50
N GLU A 75 0.42 -10.20 -1.78
CA GLU A 75 -0.82 -9.74 -2.37
C GLU A 75 -0.81 -8.23 -2.65
N PHE A 76 0.26 -7.57 -2.22
CA PHE A 76 0.44 -6.14 -2.43
C PHE A 76 0.61 -5.85 -3.93
N GLY A 77 1.18 -6.80 -4.65
CA GLY A 77 1.34 -6.65 -6.09
C GLY A 77 0.01 -6.75 -6.82
N GLN A 78 -0.90 -7.54 -6.26
CA GLN A 78 -2.23 -7.71 -6.77
C GLN A 78 -3.07 -6.48 -6.45
N PHE A 79 -2.95 -6.01 -5.23
CA PHE A 79 -3.70 -4.85 -4.73
C PHE A 79 -3.33 -3.57 -5.48
N LEU A 80 -2.06 -3.36 -5.66
CA LEU A 80 -1.56 -2.16 -6.30
C LEU A 80 -1.94 -2.05 -7.76
N PRO A 81 -2.08 -0.81 -8.24
CA PRO A 81 -2.37 -0.53 -9.63
C PRO A 81 -1.20 -0.90 -10.57
N GLU A 82 -1.40 -1.97 -11.35
CA GLU A 82 -0.48 -2.40 -12.42
C GLU A 82 0.91 -2.84 -11.90
N ALA A 83 1.00 -3.19 -10.63
CA ALA A 83 2.25 -3.56 -9.97
C ALA A 83 2.82 -4.89 -10.49
N LYS A 84 1.99 -5.64 -11.19
CA LYS A 84 2.36 -6.94 -11.73
C LYS A 84 3.49 -6.89 -12.77
N ARG A 85 3.76 -5.73 -13.33
CA ARG A 85 4.84 -5.63 -14.31
C ARG A 85 6.19 -5.47 -13.62
N GLU A 1 -21.42 -2.08 -12.40
CA GLU A 1 -20.98 -3.18 -11.58
C GLU A 1 -21.86 -3.27 -10.34
N SER A 2 -22.03 -4.44 -9.83
CA SER A 2 -22.83 -4.67 -8.67
C SER A 2 -21.91 -5.06 -7.53
N ASP A 3 -22.32 -4.74 -6.30
CA ASP A 3 -21.55 -5.03 -5.08
C ASP A 3 -20.25 -4.20 -5.12
N SER A 4 -19.30 -4.53 -4.32
CA SER A 4 -18.05 -3.85 -4.27
C SER A 4 -16.98 -4.92 -4.21
N VAL A 5 -17.08 -5.86 -5.12
CA VAL A 5 -16.26 -7.06 -5.16
C VAL A 5 -14.77 -6.75 -5.16
N GLU A 6 -14.35 -5.88 -6.04
CA GLU A 6 -12.95 -5.56 -6.19
C GLU A 6 -12.45 -4.78 -4.97
N PHE A 7 -13.34 -4.01 -4.41
CA PHE A 7 -13.11 -3.24 -3.23
C PHE A 7 -13.01 -4.19 -2.06
N ASN A 8 -13.84 -5.22 -2.05
CA ASN A 8 -13.82 -6.25 -1.01
C ASN A 8 -12.50 -6.98 -1.00
N ASN A 9 -11.93 -7.20 -2.17
CA ASN A 9 -10.60 -7.82 -2.30
C ASN A 9 -9.58 -6.90 -1.65
N ALA A 10 -9.75 -5.62 -1.88
CA ALA A 10 -8.93 -4.58 -1.32
C ALA A 10 -9.12 -4.54 0.21
N ILE A 11 -10.37 -4.62 0.65
CA ILE A 11 -10.72 -4.57 2.06
C ILE A 11 -10.13 -5.75 2.79
N SER A 12 -10.20 -6.91 2.17
CA SER A 12 -9.67 -8.14 2.76
C SER A 12 -8.19 -7.99 3.09
N TYR A 13 -7.46 -7.29 2.22
CA TYR A 13 -6.06 -7.00 2.44
C TYR A 13 -5.92 -6.05 3.64
N VAL A 14 -6.69 -4.98 3.62
CA VAL A 14 -6.63 -3.96 4.64
C VAL A 14 -7.07 -4.49 6.01
N ASN A 15 -8.15 -5.26 6.04
CA ASN A 15 -8.70 -5.82 7.23
C ASN A 15 -7.68 -6.73 7.91
N LYS A 16 -6.93 -7.44 7.08
CA LYS A 16 -5.90 -8.32 7.55
C LYS A 16 -4.84 -7.50 8.26
N ILE A 17 -4.48 -6.35 7.67
CA ILE A 17 -3.55 -5.43 8.27
C ILE A 17 -4.10 -4.93 9.60
N LYS A 18 -5.35 -4.43 9.56
CA LYS A 18 -6.04 -3.88 10.73
C LYS A 18 -5.94 -4.80 11.92
N THR A 19 -6.26 -6.05 11.70
CA THR A 19 -6.25 -7.07 12.71
C THR A 19 -4.82 -7.51 13.11
N ARG A 20 -3.93 -7.65 12.16
CA ARG A 20 -2.57 -8.12 12.42
C ARG A 20 -1.75 -7.12 13.18
N PHE A 21 -2.09 -5.89 13.03
CA PHE A 21 -1.41 -4.83 13.69
C PHE A 21 -2.42 -4.03 14.47
N LEU A 22 -3.39 -4.75 14.99
CA LEU A 22 -4.50 -4.18 15.74
C LEU A 22 -3.98 -3.56 17.04
N ASP A 23 -2.90 -4.11 17.49
CA ASP A 23 -2.22 -3.67 18.69
C ASP A 23 -1.34 -2.44 18.41
N HIS A 24 -1.08 -2.20 17.16
CA HIS A 24 -0.16 -1.13 16.78
C HIS A 24 -0.69 -0.29 15.62
N PRO A 25 -1.56 0.68 15.93
CA PRO A 25 -2.16 1.59 14.94
C PRO A 25 -1.12 2.40 14.18
N GLU A 26 0.06 2.59 14.78
CA GLU A 26 1.12 3.35 14.15
C GLU A 26 1.62 2.67 12.89
N ILE A 27 1.59 1.35 12.87
CA ILE A 27 2.05 0.56 11.73
C ILE A 27 1.11 0.76 10.57
N TYR A 28 -0.15 0.82 10.89
CA TYR A 28 -1.20 1.04 9.93
C TYR A 28 -1.01 2.44 9.32
N ARG A 29 -0.82 3.41 10.20
CA ARG A 29 -0.68 4.81 9.82
C ARG A 29 0.62 5.08 9.07
N SER A 30 1.69 4.47 9.53
CA SER A 30 2.99 4.60 8.91
C SER A 30 2.95 3.98 7.51
N PHE A 31 2.10 3.00 7.33
CA PHE A 31 1.90 2.48 6.03
C PHE A 31 1.05 3.43 5.17
N LEU A 32 0.02 4.01 5.76
CA LEU A 32 -0.84 4.97 5.09
C LEU A 32 -0.05 6.15 4.57
N GLU A 33 0.97 6.55 5.32
CA GLU A 33 1.82 7.65 4.92
C GLU A 33 2.53 7.34 3.59
N ILE A 34 2.80 6.05 3.36
CA ILE A 34 3.43 5.59 2.16
C ILE A 34 2.42 5.60 1.05
N LEU A 35 1.23 5.10 1.34
CA LEU A 35 0.18 4.98 0.37
C LEU A 35 -0.24 6.38 -0.13
N HIS A 36 -0.34 7.33 0.79
CA HIS A 36 -0.66 8.73 0.43
C HIS A 36 0.46 9.31 -0.41
N THR A 37 1.69 9.04 0.00
CA THR A 37 2.89 9.41 -0.72
C THR A 37 2.87 8.83 -2.15
N TYR A 38 2.41 7.62 -2.23
CA TYR A 38 2.33 6.90 -3.45
C TYR A 38 1.26 7.48 -4.37
N GLN A 39 0.09 7.73 -3.82
CA GLN A 39 -1.00 8.26 -4.60
C GLN A 39 -0.75 9.67 -5.06
N LYS A 40 0.03 10.40 -4.30
CA LYS A 40 0.41 11.71 -4.69
C LYS A 40 1.37 11.65 -5.88
N GLU A 41 2.21 10.63 -5.89
CA GLU A 41 3.21 10.44 -6.92
C GLU A 41 2.54 10.18 -8.26
N GLN A 42 1.43 9.46 -8.24
CA GLN A 42 0.71 9.18 -9.46
C GLN A 42 -0.10 10.36 -9.99
N LEU A 43 -0.02 11.48 -9.29
CA LEU A 43 -0.57 12.74 -9.78
C LEU A 43 0.54 13.60 -10.36
N HIS A 44 1.77 13.13 -10.19
CA HIS A 44 2.92 13.75 -10.80
C HIS A 44 3.15 13.02 -12.10
N THR A 45 3.13 11.71 -12.01
CA THR A 45 3.23 10.85 -13.15
C THR A 45 1.86 10.75 -13.78
N LYS A 46 1.69 11.48 -14.85
CA LYS A 46 0.43 11.58 -15.49
C LYS A 46 0.59 11.71 -17.00
N GLY A 47 1.57 12.47 -17.42
CA GLY A 47 1.83 12.59 -18.83
C GLY A 47 2.54 11.37 -19.36
N ARG A 48 3.63 11.03 -18.71
CA ARG A 48 4.44 9.89 -19.05
C ARG A 48 5.10 9.44 -17.74
N PRO A 49 5.50 8.13 -17.60
CA PRO A 49 6.30 7.66 -16.45
C PRO A 49 7.38 8.69 -16.08
N PHE A 50 7.28 9.19 -14.88
CA PHE A 50 8.12 10.25 -14.42
C PHE A 50 8.90 9.79 -13.19
N ARG A 51 9.99 10.45 -12.89
CA ARG A 51 10.86 10.05 -11.81
C ARG A 51 10.25 10.46 -10.51
N GLY A 52 10.12 9.52 -9.65
CA GLY A 52 9.55 9.74 -8.37
C GLY A 52 9.66 8.53 -7.57
N MET A 53 8.74 8.36 -6.70
CA MET A 53 8.63 7.21 -5.87
C MET A 53 8.42 6.01 -6.76
N SER A 54 9.45 5.25 -6.97
CA SER A 54 9.36 4.12 -7.83
C SER A 54 8.72 2.99 -7.04
N GLU A 55 7.98 2.12 -7.68
CA GLU A 55 7.21 1.09 -7.01
C GLU A 55 8.12 0.19 -6.14
N GLU A 56 9.32 -0.02 -6.61
CA GLU A 56 10.33 -0.78 -5.89
C GLU A 56 10.65 -0.14 -4.52
N GLU A 57 10.79 1.18 -4.50
CA GLU A 57 11.13 1.88 -3.27
C GLU A 57 9.87 2.00 -2.43
N VAL A 58 8.72 1.96 -3.10
CA VAL A 58 7.46 1.99 -2.47
C VAL A 58 7.33 0.73 -1.65
N PHE A 59 7.53 -0.38 -2.30
CA PHE A 59 7.44 -1.68 -1.70
C PHE A 59 8.47 -1.85 -0.57
N THR A 60 9.59 -1.12 -0.66
CA THR A 60 10.60 -1.17 0.31
C THR A 60 10.07 -0.80 1.71
N GLU A 61 9.41 0.37 1.82
CA GLU A 61 8.92 0.82 3.10
C GLU A 61 7.76 -0.04 3.54
N VAL A 62 7.02 -0.56 2.59
CA VAL A 62 5.86 -1.42 2.87
C VAL A 62 6.33 -2.80 3.39
N ALA A 63 7.33 -3.36 2.73
CA ALA A 63 7.93 -4.65 3.13
C ALA A 63 8.57 -4.51 4.49
N ASN A 64 9.16 -3.36 4.70
CA ASN A 64 9.77 -2.99 5.95
C ASN A 64 8.75 -2.71 7.04
N LEU A 65 7.58 -2.26 6.64
CA LEU A 65 6.52 -2.00 7.56
C LEU A 65 6.00 -3.34 8.09
N PHE A 66 5.61 -4.18 7.15
CA PHE A 66 5.01 -5.47 7.46
C PHE A 66 6.05 -6.56 7.34
N ARG A 67 7.22 -6.36 7.94
CA ARG A 67 8.30 -7.35 7.86
C ARG A 67 7.83 -8.68 8.45
N GLY A 68 7.92 -9.72 7.66
CA GLY A 68 7.52 -11.03 8.11
C GLY A 68 6.19 -11.42 7.52
N GLN A 69 5.31 -10.45 7.37
CA GLN A 69 4.00 -10.71 6.86
C GLN A 69 4.02 -10.70 5.34
N GLU A 70 4.59 -11.76 4.78
CA GLU A 70 4.75 -11.91 3.34
C GLU A 70 3.41 -11.96 2.63
N ASP A 71 2.39 -12.29 3.40
CA ASP A 71 1.00 -12.33 2.94
C ASP A 71 0.63 -10.98 2.41
N LEU A 72 0.80 -10.00 3.27
CA LEU A 72 0.48 -8.63 2.98
C LEU A 72 1.37 -8.08 1.91
N LEU A 73 2.59 -8.54 1.89
CA LEU A 73 3.57 -8.01 0.95
C LEU A 73 3.24 -8.47 -0.46
N SER A 74 2.78 -9.70 -0.57
CA SER A 74 2.39 -10.26 -1.82
C SER A 74 1.03 -9.71 -2.26
N GLU A 75 0.09 -9.64 -1.33
CA GLU A 75 -1.24 -9.12 -1.65
C GLU A 75 -1.22 -7.61 -1.87
N PHE A 76 -0.16 -6.94 -1.40
CA PHE A 76 0.05 -5.52 -1.63
C PHE A 76 0.27 -5.26 -3.10
N GLY A 77 0.99 -6.15 -3.75
CA GLY A 77 1.23 -6.02 -5.17
C GLY A 77 -0.06 -6.09 -5.95
N GLN A 78 -0.90 -7.04 -5.56
CA GLN A 78 -2.20 -7.27 -6.19
C GLN A 78 -3.15 -6.10 -5.91
N PHE A 79 -2.92 -5.44 -4.79
CA PHE A 79 -3.68 -4.29 -4.34
C PHE A 79 -3.33 -3.07 -5.19
N LEU A 80 -2.20 -3.15 -5.84
CA LEU A 80 -1.70 -2.06 -6.63
C LEU A 80 -2.01 -2.18 -8.12
N PRO A 81 -1.99 -1.03 -8.82
CA PRO A 81 -2.24 -0.98 -10.25
C PRO A 81 -1.09 -1.56 -11.08
N GLU A 82 -1.44 -2.20 -12.20
CA GLU A 82 -0.49 -2.66 -13.22
C GLU A 82 0.52 -3.68 -12.63
N ALA A 83 0.04 -4.47 -11.69
CA ALA A 83 0.87 -5.39 -10.93
C ALA A 83 1.47 -6.52 -11.76
N LYS A 84 0.83 -6.91 -12.85
CA LYS A 84 1.34 -7.98 -13.65
C LYS A 84 2.41 -7.47 -14.63
N ARG A 85 2.43 -6.16 -14.83
CA ARG A 85 3.35 -5.54 -15.76
C ARG A 85 4.44 -4.78 -14.99
#